data_3JZE
#
_entry.id   3JZE
#
_cell.length_a   50.437
_cell.length_b   79.486
_cell.length_c   180.610
_cell.angle_alpha   90.00
_cell.angle_beta   90.35
_cell.angle_gamma   90.00
#
_symmetry.space_group_name_H-M   'P 1 21 1'
#
loop_
_entity.id
_entity.type
_entity.pdbx_description
1 polymer Dihydroorotase
2 non-polymer 'ZINC ION'
3 non-polymer 'CHLORIDE ION'
4 non-polymer BETA-MERCAPTOETHANOL
5 non-polymer 'TRIETHYLENE GLYCOL'
6 non-polymer 'ACETIC ACID'
7 non-polymer 'TETRAETHYLENE GLYCOL'
8 water water
#
_entity_poly.entity_id   1
_entity_poly.type   'polypeptide(L)'
_entity_poly.pdbx_seq_one_letter_code
;MHHHHHHSSGVDLGTENLYFQSNAMTAPSQVLKIRRPDDWHVHLRDGDMLKTVVPYTSEIYGRAIVMPNLASPITTVDAA
IAYRQRILDAVPAGHDFTPLMTCYLTDSLDADELERGFHEGVFTAA(KCX)LYPANATTNSSHGVTSVDAIMPVLERMEK
LGIPLLVHGEVTHADVDIFDREARFIDTVMEPLRQRLTALKVVFEHITTKDAAQYVRDGNDYLAATITPQHLMFNRNDML
VGGIRPHLYCLPILKRNIHQQALRELVASGFTRAFLGTDSAPHSRHRKETSCGCAGCFNAPSALGSYAAVFEEMNALAHF
EAFCSLNGPQFYGLPMNTGWVELVRDEQQIPGNIALADDSLVPFLAGETVRWSVKK
;
_entity_poly.pdbx_strand_id   A,B,C,D
#
loop_
_chem_comp.id
_chem_comp.type
_chem_comp.name
_chem_comp.formula
ACY non-polymer 'ACETIC ACID' 'C2 H4 O2'
BME non-polymer BETA-MERCAPTOETHANOL 'C2 H6 O S'
CL non-polymer 'CHLORIDE ION' 'Cl -1'
PG4 non-polymer 'TETRAETHYLENE GLYCOL' 'C8 H18 O5'
PGE non-polymer 'TRIETHYLENE GLYCOL' 'C6 H14 O4'
ZN non-polymer 'ZINC ION' 'Zn 2'
#
# COMPACT_ATOMS: atom_id res chain seq x y z
N SER A 29 53.29 0.20 -30.29
CA SER A 29 54.70 -0.27 -30.15
C SER A 29 55.22 -0.14 -28.71
N GLN A 30 54.84 0.94 -28.03
CA GLN A 30 55.25 1.15 -26.65
C GLN A 30 54.77 0.00 -25.76
N VAL A 31 55.67 -0.57 -24.96
CA VAL A 31 55.31 -1.68 -24.07
C VAL A 31 55.41 -1.28 -22.60
N LEU A 32 54.43 -1.72 -21.83
CA LEU A 32 54.37 -1.41 -20.41
C LEU A 32 54.29 -2.73 -19.68
N LYS A 33 55.39 -3.13 -19.04
CA LYS A 33 55.44 -4.39 -18.31
C LYS A 33 55.30 -4.11 -16.82
N ILE A 34 54.30 -4.71 -16.19
CA ILE A 34 54.06 -4.52 -14.74
C ILE A 34 53.93 -5.87 -14.04
N ARG A 35 54.17 -5.90 -12.73
N ARG A 35 54.08 -5.84 -12.72
CA ARG A 35 54.05 -7.17 -12.04
CA ARG A 35 53.91 -7.01 -11.89
C ARG A 35 52.53 -7.46 -12.06
C ARG A 35 52.45 -7.43 -12.08
N ARG A 36 52.20 -8.74 -12.15
CA ARG A 36 50.85 -9.24 -12.30
C ARG A 36 49.91 -8.54 -11.31
N PRO A 37 48.84 -7.91 -11.81
CA PRO A 37 47.96 -7.16 -10.90
C PRO A 37 46.96 -8.01 -10.10
N ASP A 38 46.21 -7.35 -9.24
CA ASP A 38 45.12 -7.98 -8.47
C ASP A 38 43.90 -7.09 -8.65
N ASP A 39 42.69 -7.66 -8.54
CA ASP A 39 41.47 -6.88 -8.65
C ASP A 39 40.83 -6.93 -7.28
N TRP A 40 40.91 -5.82 -6.56
CA TRP A 40 40.40 -5.81 -5.19
C TRP A 40 38.90 -5.62 -5.00
N HIS A 41 38.16 -5.77 -6.08
CA HIS A 41 36.71 -5.62 -6.02
C HIS A 41 36.09 -6.16 -7.30
N VAL A 42 35.62 -7.42 -7.28
CA VAL A 42 35.00 -7.96 -8.48
C VAL A 42 33.71 -8.77 -8.16
N HIS A 43 32.77 -8.80 -9.11
CA HIS A 43 31.56 -9.60 -9.03
C HIS A 43 31.67 -10.67 -10.12
N LEU A 44 31.65 -11.94 -9.74
CA LEU A 44 31.74 -13.06 -10.70
C LEU A 44 30.40 -13.75 -10.97
N ARG A 45 29.37 -13.37 -10.21
CA ARG A 45 28.04 -13.92 -10.37
C ARG A 45 28.02 -15.43 -10.16
N ASP A 46 27.14 -16.15 -10.87
CA ASP A 46 27.06 -17.60 -10.68
C ASP A 46 26.55 -18.25 -11.95
N GLY A 47 26.48 -19.58 -11.97
CA GLY A 47 25.98 -20.32 -13.11
C GLY A 47 26.67 -20.06 -14.44
N ASP A 48 25.88 -19.85 -15.48
CA ASP A 48 26.42 -19.63 -16.82
C ASP A 48 27.15 -18.30 -16.93
N MET A 49 26.67 -17.29 -16.19
CA MET A 49 27.31 -15.97 -16.21
C MET A 49 28.74 -16.12 -15.67
N LEU A 50 28.85 -16.77 -14.52
CA LEU A 50 30.15 -17.02 -13.89
C LEU A 50 31.12 -17.72 -14.83
N LYS A 51 30.67 -18.76 -15.52
CA LYS A 51 31.55 -19.51 -16.44
C LYS A 51 32.07 -18.61 -17.55
N THR A 52 31.22 -17.69 -18.01
CA THR A 52 31.58 -16.75 -19.05
C THR A 52 32.50 -15.61 -18.59
N VAL A 53 32.26 -15.07 -17.40
CA VAL A 53 33.04 -13.91 -16.93
C VAL A 53 34.32 -14.23 -16.15
N VAL A 54 34.38 -15.36 -15.46
CA VAL A 54 35.58 -15.70 -14.65
C VAL A 54 36.90 -15.59 -15.46
N PRO A 55 36.96 -16.16 -16.68
CA PRO A 55 38.21 -16.12 -17.49
C PRO A 55 38.78 -14.70 -17.76
N TYR A 56 37.91 -13.70 -17.91
CA TYR A 56 38.36 -12.31 -18.10
C TYR A 56 39.13 -11.80 -16.89
N THR A 57 38.80 -12.31 -15.71
CA THR A 57 39.50 -11.91 -14.52
C THR A 57 40.72 -12.82 -14.24
N SER A 58 40.53 -14.13 -14.35
CA SER A 58 41.59 -15.06 -14.03
C SER A 58 42.79 -15.01 -14.98
N GLU A 59 42.56 -14.62 -16.23
CA GLU A 59 43.66 -14.55 -17.20
C GLU A 59 44.68 -13.47 -16.83
N ILE A 60 44.20 -12.39 -16.23
CA ILE A 60 45.03 -11.21 -15.94
C ILE A 60 45.43 -10.94 -14.51
N TYR A 61 44.54 -11.27 -13.56
CA TYR A 61 44.78 -10.96 -12.16
C TYR A 61 45.21 -12.17 -11.35
N GLY A 62 46.18 -11.97 -10.46
CA GLY A 62 46.66 -13.06 -9.62
C GLY A 62 45.65 -13.45 -8.54
N ARG A 63 44.97 -12.42 -8.03
CA ARG A 63 43.95 -12.57 -7.00
C ARG A 63 42.84 -11.57 -7.25
N ALA A 64 41.66 -11.88 -6.76
CA ALA A 64 40.53 -10.98 -6.86
C ALA A 64 39.66 -11.16 -5.63
N ILE A 65 39.22 -10.03 -5.09
CA ILE A 65 38.28 -10.02 -3.96
C ILE A 65 36.91 -10.30 -4.58
N VAL A 66 36.36 -11.48 -4.30
CA VAL A 66 35.09 -11.87 -4.88
C VAL A 66 33.97 -11.42 -3.96
N MET A 67 33.12 -10.51 -4.47
CA MET A 67 32.01 -9.97 -3.67
C MET A 67 30.98 -11.07 -3.40
N PRO A 68 30.28 -10.98 -2.24
CA PRO A 68 29.36 -12.00 -1.75
C PRO A 68 27.87 -11.79 -2.03
N ASN A 69 27.52 -10.80 -2.83
CA ASN A 69 26.12 -10.49 -3.12
C ASN A 69 25.42 -11.35 -4.19
N LEU A 70 25.39 -12.66 -3.97
CA LEU A 70 24.70 -13.60 -4.85
C LEU A 70 23.20 -13.56 -4.48
N ALA A 71 22.36 -14.18 -5.32
CA ALA A 71 20.89 -14.24 -5.09
C ALA A 71 20.62 -14.60 -3.64
N SER A 72 21.41 -15.56 -3.15
CA SER A 72 21.38 -15.96 -1.76
C SER A 72 22.77 -15.54 -1.29
N PRO A 73 22.85 -14.44 -0.53
CA PRO A 73 24.16 -13.91 -0.13
C PRO A 73 25.08 -14.90 0.57
N ILE A 74 26.37 -14.75 0.34
CA ILE A 74 27.38 -15.61 0.97
C ILE A 74 27.58 -15.16 2.42
N THR A 75 26.87 -15.81 3.34
CA THR A 75 26.91 -15.46 4.77
C THR A 75 27.36 -16.61 5.68
N THR A 76 27.79 -17.71 5.07
CA THR A 76 28.25 -18.89 5.80
C THR A 76 29.49 -19.44 5.13
N VAL A 77 30.30 -20.15 5.91
CA VAL A 77 31.53 -20.73 5.39
C VAL A 77 31.26 -21.80 4.34
N ASP A 78 30.27 -22.65 4.58
CA ASP A 78 29.96 -23.72 3.61
C ASP A 78 29.48 -23.14 2.28
N ALA A 79 28.72 -22.05 2.34
CA ALA A 79 28.26 -21.39 1.12
C ALA A 79 29.45 -20.83 0.35
N ALA A 80 30.39 -20.24 1.10
CA ALA A 80 31.58 -19.64 0.51
C ALA A 80 32.49 -20.71 -0.11
N ILE A 81 32.61 -21.88 0.53
CA ILE A 81 33.44 -22.95 -0.01
C ILE A 81 32.82 -23.48 -1.32
N ALA A 82 31.50 -23.68 -1.32
CA ALA A 82 30.81 -24.18 -2.51
C ALA A 82 30.96 -23.19 -3.67
N TYR A 83 30.78 -21.91 -3.37
CA TYR A 83 30.89 -20.86 -4.39
C TYR A 83 32.29 -20.77 -4.97
N ARG A 84 33.29 -20.80 -4.09
CA ARG A 84 34.65 -20.77 -4.52
C ARG A 84 34.94 -21.95 -5.46
N GLN A 85 34.36 -23.11 -5.19
CA GLN A 85 34.57 -24.27 -6.04
C GLN A 85 33.94 -24.05 -7.40
N ARG A 86 32.77 -23.42 -7.44
CA ARG A 86 32.13 -23.12 -8.73
C ARG A 86 33.05 -22.18 -9.53
N ILE A 87 33.68 -21.24 -8.83
CA ILE A 87 34.60 -20.29 -9.46
C ILE A 87 35.82 -21.03 -10.01
N LEU A 88 36.46 -21.86 -9.17
CA LEU A 88 37.62 -22.65 -9.59
C LEU A 88 37.30 -23.56 -10.79
N ASP A 89 36.10 -24.16 -10.77
CA ASP A 89 35.66 -25.03 -11.87
C ASP A 89 35.67 -24.30 -13.20
N ALA A 90 35.47 -22.98 -13.17
CA ALA A 90 35.42 -22.18 -14.39
C ALA A 90 36.74 -21.51 -14.77
N VAL A 91 37.77 -21.65 -13.94
CA VAL A 91 39.07 -21.04 -14.24
C VAL A 91 39.83 -21.91 -15.23
N PRO A 92 40.23 -21.36 -16.40
CA PRO A 92 40.99 -22.17 -17.34
C PRO A 92 42.34 -22.62 -16.78
N ALA A 93 42.77 -23.81 -17.18
CA ALA A 93 44.04 -24.34 -16.73
C ALA A 93 45.12 -23.42 -17.27
N GLY A 94 46.10 -23.09 -16.44
CA GLY A 94 47.20 -22.21 -16.85
C GLY A 94 47.10 -20.81 -16.28
N HIS A 95 45.90 -20.45 -15.80
CA HIS A 95 45.66 -19.13 -15.21
C HIS A 95 46.09 -19.12 -13.75
N ASP A 96 47.08 -18.29 -13.42
CA ASP A 96 47.55 -18.19 -12.04
C ASP A 96 46.61 -17.24 -11.30
N PHE A 97 45.49 -17.79 -10.87
CA PHE A 97 44.45 -17.00 -10.21
C PHE A 97 43.90 -17.64 -8.94
N THR A 98 43.78 -16.85 -7.88
CA THR A 98 43.23 -17.30 -6.60
C THR A 98 42.09 -16.37 -6.20
N PRO A 99 40.87 -16.91 -6.10
CA PRO A 99 39.76 -16.06 -5.69
C PRO A 99 39.78 -15.89 -4.17
N LEU A 100 39.74 -14.65 -3.72
CA LEU A 100 39.71 -14.34 -2.29
C LEU A 100 38.24 -14.06 -1.95
N MET A 101 37.68 -14.91 -1.11
CA MET A 101 36.26 -14.80 -0.79
C MET A 101 35.96 -13.79 0.33
N THR A 102 34.73 -13.31 0.33
CA THR A 102 34.26 -12.37 1.32
C THR A 102 32.95 -12.82 1.95
N CYS A 103 32.69 -12.29 3.14
CA CYS A 103 31.48 -12.58 3.87
C CYS A 103 30.54 -11.38 3.74
N TYR A 104 29.28 -11.65 3.39
CA TYR A 104 28.26 -10.62 3.28
C TYR A 104 27.73 -10.32 4.70
N LEU A 105 28.03 -9.13 5.23
CA LEU A 105 27.54 -8.78 6.57
C LEU A 105 26.03 -8.56 6.60
N THR A 106 25.38 -9.10 7.63
CA THR A 106 23.96 -8.91 7.82
C THR A 106 23.78 -8.52 9.27
N ASP A 107 22.65 -7.95 9.61
CA ASP A 107 22.40 -7.55 11.01
C ASP A 107 22.53 -8.73 11.99
N SER A 108 22.09 -9.91 11.57
CA SER A 108 22.08 -11.08 12.44
C SER A 108 23.24 -12.06 12.28
N LEU A 109 24.24 -11.68 11.49
CA LEU A 109 25.42 -12.53 11.28
C LEU A 109 26.10 -12.82 12.61
N ASP A 110 26.41 -14.09 12.86
CA ASP A 110 27.12 -14.48 14.06
C ASP A 110 28.61 -14.22 13.81
N ALA A 111 29.23 -13.51 14.74
CA ALA A 111 30.65 -13.20 14.64
C ALA A 111 31.49 -14.47 14.49
N ASP A 112 31.01 -15.58 15.06
CA ASP A 112 31.73 -16.85 15.00
C ASP A 112 31.79 -17.46 13.59
N GLU A 113 30.78 -17.20 12.78
CA GLU A 113 30.73 -17.74 11.42
C GLU A 113 31.83 -17.07 10.59
N LEU A 114 31.93 -15.75 10.72
CA LEU A 114 32.96 -15.00 9.99
C LEU A 114 34.35 -15.40 10.52
N GLU A 115 34.49 -15.47 11.84
CA GLU A 115 35.77 -15.83 12.45
C GLU A 115 36.30 -17.20 12.01
N ARG A 116 35.45 -18.22 11.97
CA ARG A 116 35.95 -19.53 11.54
C ARG A 116 36.23 -19.56 10.04
N GLY A 117 35.48 -18.81 9.24
CA GLY A 117 35.74 -18.74 7.80
C GLY A 117 37.10 -18.08 7.56
N PHE A 118 37.39 -17.09 8.40
CA PHE A 118 38.65 -16.37 8.35
C PHE A 118 39.80 -17.31 8.75
N HIS A 119 39.61 -18.06 9.83
CA HIS A 119 40.66 -18.98 10.25
C HIS A 119 40.87 -20.14 9.30
N GLU A 120 39.81 -20.54 8.58
CA GLU A 120 39.90 -21.64 7.64
C GLU A 120 40.43 -21.22 6.26
N GLY A 121 40.80 -19.96 6.11
CA GLY A 121 41.32 -19.46 4.84
C GLY A 121 40.23 -19.31 3.79
N VAL A 122 38.98 -19.19 4.22
CA VAL A 122 37.86 -19.01 3.28
C VAL A 122 37.60 -17.52 3.09
N PHE A 123 37.32 -16.80 4.19
CA PHE A 123 37.06 -15.36 4.13
C PHE A 123 38.33 -14.51 4.32
N THR A 124 38.57 -13.64 3.34
CA THR A 124 39.68 -12.68 3.37
C THR A 124 39.21 -11.35 3.96
N ALA A 125 37.93 -11.03 3.76
CA ALA A 125 37.35 -9.80 4.27
C ALA A 125 35.83 -9.91 4.40
N ALA A 126 35.22 -8.90 5.00
CA ALA A 126 33.77 -8.84 5.15
C ALA A 126 33.27 -7.57 4.45
N KCX A 127 32.15 -7.69 3.75
CA KCX A 127 31.60 -6.58 2.98
CB KCX A 127 31.31 -7.07 1.56
CG KCX A 127 30.73 -6.04 0.61
CD KCX A 127 31.74 -4.94 0.29
CE KCX A 127 31.22 -3.95 -0.75
NZ KCX A 127 30.94 -4.60 -2.08
C KCX A 127 30.32 -6.04 3.61
O KCX A 127 29.38 -6.78 3.93
CX KCX A 127 30.44 -3.91 -3.08
OQ1 KCX A 127 30.29 -2.68 -2.89
OQ2 KCX A 127 30.21 -4.47 -4.20
N LEU A 128 30.28 -4.71 3.73
CA LEU A 128 29.16 -4.00 4.32
C LEU A 128 28.36 -3.30 3.23
N TYR A 129 27.17 -3.83 2.99
CA TYR A 129 26.21 -3.24 2.04
C TYR A 129 25.07 -2.63 2.82
N PRO A 130 24.90 -1.31 2.71
CA PRO A 130 23.73 -0.74 3.36
C PRO A 130 22.53 -1.36 2.63
N ALA A 131 21.52 -1.77 3.39
CA ALA A 131 20.36 -2.43 2.79
C ALA A 131 19.80 -1.57 1.64
N ASN A 132 19.57 -2.24 0.50
CA ASN A 132 19.01 -1.61 -0.71
C ASN A 132 19.91 -0.58 -1.40
N ALA A 133 21.21 -0.58 -1.08
CA ALA A 133 22.14 0.35 -1.70
C ALA A 133 22.51 -0.05 -3.13
N THR A 134 22.46 -1.34 -3.45
CA THR A 134 22.82 -1.83 -4.78
C THR A 134 22.26 -3.23 -5.06
N THR A 135 22.80 -3.89 -6.08
CA THR A 135 22.38 -5.23 -6.49
C THR A 135 22.44 -6.26 -5.37
N ASN A 136 21.35 -7.02 -5.23
CA ASN A 136 21.24 -8.07 -4.21
C ASN A 136 21.63 -7.60 -2.82
N SER A 137 21.08 -6.46 -2.41
CA SER A 137 21.40 -5.89 -1.10
C SER A 137 20.18 -5.74 -0.20
N SER A 138 19.08 -6.40 -0.53
CA SER A 138 17.88 -6.32 0.31
C SER A 138 18.16 -6.91 1.71
N HIS A 139 19.15 -7.78 1.80
CA HIS A 139 19.56 -8.40 3.07
C HIS A 139 20.69 -7.65 3.78
N GLY A 140 21.11 -6.53 3.23
CA GLY A 140 22.20 -5.74 3.78
C GLY A 140 21.98 -5.24 5.20
N VAL A 141 22.99 -4.54 5.70
CA VAL A 141 22.99 -4.03 7.07
C VAL A 141 22.10 -2.81 7.20
N THR A 142 21.33 -2.74 8.27
CA THR A 142 20.42 -1.60 8.49
C THR A 142 20.99 -0.58 9.47
N SER A 143 21.95 -0.98 10.30
CA SER A 143 22.60 -0.05 11.21
C SER A 143 23.94 -0.63 11.63
N VAL A 144 24.88 0.27 11.93
CA VAL A 144 26.20 -0.12 12.40
C VAL A 144 26.10 -0.73 13.80
N ASP A 145 25.18 -0.20 14.62
CA ASP A 145 24.98 -0.74 15.98
C ASP A 145 24.63 -2.22 15.93
N ALA A 146 23.78 -2.60 14.98
CA ALA A 146 23.36 -4.00 14.86
C ALA A 146 24.51 -4.98 14.60
N ILE A 147 25.56 -4.53 13.91
CA ILE A 147 26.71 -5.39 13.61
C ILE A 147 27.96 -5.02 14.41
N MET A 148 27.81 -4.22 15.45
CA MET A 148 28.96 -3.76 16.20
C MET A 148 29.78 -4.93 16.78
N PRO A 149 29.11 -5.99 17.27
CA PRO A 149 29.89 -7.11 17.80
C PRO A 149 30.76 -7.78 16.73
N VAL A 150 30.23 -7.88 15.51
CA VAL A 150 31.01 -8.48 14.43
C VAL A 150 32.17 -7.55 14.09
N LEU A 151 31.88 -6.26 13.95
CA LEU A 151 32.93 -5.28 13.63
C LEU A 151 34.04 -5.30 14.68
N GLU A 152 33.68 -5.38 15.96
CA GLU A 152 34.67 -5.44 17.05
C GLU A 152 35.57 -6.66 16.95
N ARG A 153 35.00 -7.80 16.58
CA ARG A 153 35.78 -9.04 16.40
C ARG A 153 36.70 -8.87 15.18
N MET A 154 36.19 -8.22 14.14
CA MET A 154 37.00 -7.97 12.93
C MET A 154 38.23 -7.13 13.26
N GLU A 155 38.03 -6.17 14.17
CA GLU A 155 39.08 -5.27 14.59
C GLU A 155 40.12 -6.07 15.38
N LYS A 156 39.66 -6.97 16.24
CA LYS A 156 40.57 -7.84 16.99
C LYS A 156 41.38 -8.78 16.11
N LEU A 157 40.71 -9.39 15.13
CA LEU A 157 41.33 -10.36 14.24
C LEU A 157 42.14 -9.79 13.11
N GLY A 158 41.95 -8.52 12.81
CA GLY A 158 42.65 -7.89 11.70
C GLY A 158 41.95 -8.18 10.38
N ILE A 159 40.62 -8.39 10.43
CA ILE A 159 39.85 -8.65 9.22
C ILE A 159 39.42 -7.30 8.65
N PRO A 160 39.76 -7.03 7.38
CA PRO A 160 39.40 -5.76 6.78
C PRO A 160 37.92 -5.65 6.50
N LEU A 161 37.40 -4.44 6.63
CA LEU A 161 36.00 -4.14 6.37
C LEU A 161 35.92 -3.43 5.04
N LEU A 162 35.21 -4.03 4.09
CA LEU A 162 35.03 -3.41 2.77
C LEU A 162 33.65 -2.75 2.84
N VAL A 163 33.58 -1.49 2.42
CA VAL A 163 32.33 -0.76 2.53
C VAL A 163 31.82 -0.13 1.27
N HIS A 164 30.52 -0.32 1.01
CA HIS A 164 29.82 0.33 -0.10
C HIS A 164 29.25 1.52 0.64
N GLY A 165 29.95 2.64 0.56
CA GLY A 165 29.61 3.83 1.34
C GLY A 165 28.62 4.79 0.74
N GLU A 166 27.35 4.43 0.85
CA GLU A 166 26.24 5.26 0.39
C GLU A 166 25.07 5.10 1.34
N VAL A 167 24.44 6.22 1.68
CA VAL A 167 23.24 6.16 2.50
C VAL A 167 22.14 5.81 1.48
N THR A 168 21.02 5.29 1.96
CA THR A 168 19.95 4.86 1.06
C THR A 168 18.59 5.51 1.29
N HIS A 169 18.52 6.47 2.21
CA HIS A 169 17.25 7.11 2.52
C HIS A 169 16.67 7.82 1.28
N ALA A 170 15.39 7.57 1.02
CA ALA A 170 14.69 8.14 -0.13
C ALA A 170 14.80 9.66 -0.30
N ASP A 171 14.94 10.41 0.79
CA ASP A 171 15.03 11.87 0.71
C ASP A 171 16.43 12.40 0.36
N VAL A 172 17.41 11.52 0.29
CA VAL A 172 18.75 11.94 -0.04
C VAL A 172 18.93 11.76 -1.53
N ASP A 173 19.25 12.85 -2.21
CA ASP A 173 19.49 12.81 -3.64
C ASP A 173 20.61 11.81 -3.94
N ILE A 174 20.46 11.06 -5.04
CA ILE A 174 21.44 10.01 -5.38
C ILE A 174 22.88 10.49 -5.48
N PHE A 175 23.10 11.70 -5.98
CA PHE A 175 24.45 12.23 -6.13
C PHE A 175 25.09 12.66 -4.82
N ASP A 176 24.29 12.77 -3.78
CA ASP A 176 24.73 13.16 -2.45
C ASP A 176 24.96 11.99 -1.51
N ARG A 177 24.65 10.77 -1.94
CA ARG A 177 24.67 9.61 -1.05
C ARG A 177 26.00 9.19 -0.50
N GLU A 178 27.07 9.33 -1.28
CA GLU A 178 28.41 8.98 -0.81
C GLU A 178 28.92 10.01 0.19
N ALA A 179 28.77 11.28 -0.13
CA ALA A 179 29.22 12.35 0.76
C ALA A 179 28.49 12.24 2.11
N ARG A 180 27.19 12.01 2.08
CA ARG A 180 26.40 11.89 3.30
C ARG A 180 26.86 10.73 4.17
N PHE A 181 27.26 9.62 3.53
CA PHE A 181 27.71 8.43 4.23
C PHE A 181 29.00 8.73 5.01
N ILE A 182 29.85 9.58 4.44
CA ILE A 182 31.11 9.92 5.08
C ILE A 182 30.88 10.56 6.44
N ASP A 183 29.96 11.52 6.46
CA ASP A 183 29.65 12.28 7.66
C ASP A 183 28.79 11.54 8.67
N THR A 184 27.78 10.82 8.18
CA THR A 184 26.82 10.17 9.04
C THR A 184 27.17 8.74 9.45
N VAL A 185 27.94 8.02 8.63
CA VAL A 185 28.26 6.64 8.97
C VAL A 185 29.77 6.31 9.08
N MET A 186 30.55 6.64 8.05
CA MET A 186 31.99 6.29 8.03
C MET A 186 32.83 6.86 9.16
N GLU A 187 32.74 8.17 9.36
CA GLU A 187 33.52 8.86 10.39
C GLU A 187 33.18 8.34 11.81
N PRO A 188 31.88 8.30 12.17
CA PRO A 188 31.54 7.77 13.51
C PRO A 188 32.00 6.31 13.72
N LEU A 189 31.87 5.49 12.67
CA LEU A 189 32.30 4.10 12.72
C LEU A 189 33.80 4.01 12.95
N ARG A 190 34.57 4.86 12.27
CA ARG A 190 36.02 4.87 12.39
C ARG A 190 36.51 5.46 13.72
N GLN A 191 35.74 6.38 14.28
CA GLN A 191 36.07 6.95 15.59
C GLN A 191 35.88 5.90 16.70
N ARG A 192 34.95 4.97 16.49
CA ARG A 192 34.66 3.90 17.45
C ARG A 192 35.70 2.78 17.41
N LEU A 193 35.97 2.31 16.21
CA LEU A 193 36.88 1.22 15.93
C LEU A 193 38.16 1.76 15.29
N THR A 194 39.00 2.37 16.10
CA THR A 194 40.24 3.01 15.64
C THR A 194 41.32 2.10 15.02
N ALA A 195 41.25 0.79 15.22
CA ALA A 195 42.24 -0.13 14.65
C ALA A 195 41.68 -1.07 13.56
N LEU A 196 40.48 -0.76 13.08
CA LEU A 196 39.83 -1.55 12.05
C LEU A 196 40.32 -1.10 10.68
N LYS A 197 40.71 -2.06 9.84
CA LYS A 197 41.14 -1.72 8.49
C LYS A 197 39.85 -1.55 7.68
N VAL A 198 39.72 -0.41 7.02
CA VAL A 198 38.54 -0.12 6.23
C VAL A 198 38.93 0.22 4.80
N VAL A 199 38.27 -0.40 3.84
CA VAL A 199 38.48 -0.03 2.45
C VAL A 199 37.18 0.64 1.99
N PHE A 200 37.28 1.92 1.62
CA PHE A 200 36.16 2.71 1.10
C PHE A 200 36.12 2.27 -0.37
N GLU A 201 35.25 1.32 -0.68
CA GLU A 201 35.17 0.79 -2.03
C GLU A 201 34.67 1.80 -3.07
N HIS A 202 35.14 1.62 -4.30
CA HIS A 202 34.77 2.45 -5.46
C HIS A 202 34.37 3.88 -5.12
N ILE A 203 35.36 4.66 -4.72
CA ILE A 203 35.11 6.05 -4.39
C ILE A 203 34.78 6.78 -5.66
N THR A 204 33.86 7.73 -5.53
CA THR A 204 33.39 8.45 -6.72
C THR A 204 33.38 9.96 -6.59
N THR A 205 33.77 10.47 -5.41
CA THR A 205 33.70 11.88 -5.13
C THR A 205 34.99 12.52 -4.63
N LYS A 206 35.05 13.84 -4.76
CA LYS A 206 36.17 14.62 -4.26
C LYS A 206 36.08 14.53 -2.72
N ASP A 207 34.86 14.41 -2.21
CA ASP A 207 34.62 14.27 -0.79
C ASP A 207 35.35 13.04 -0.24
N ALA A 208 35.14 11.90 -0.91
CA ALA A 208 35.77 10.65 -0.47
C ALA A 208 37.26 10.65 -0.76
N ALA A 209 37.65 11.20 -1.91
CA ALA A 209 39.08 11.29 -2.28
C ALA A 209 39.88 12.03 -1.21
N GLN A 210 39.38 13.20 -0.79
CA GLN A 210 40.04 13.99 0.26
C GLN A 210 40.01 13.28 1.61
N TYR A 211 38.87 12.67 1.92
CA TYR A 211 38.71 11.95 3.20
C TYR A 211 39.74 10.83 3.32
N VAL A 212 39.87 10.05 2.24
CA VAL A 212 40.84 8.96 2.23
C VAL A 212 42.28 9.48 2.22
N ARG A 213 42.54 10.49 1.38
N ARG A 213 42.52 10.49 1.39
CA ARG A 213 43.88 11.08 1.29
CA ARG A 213 43.85 11.10 1.27
C ARG A 213 44.35 11.61 2.63
C ARG A 213 44.34 11.61 2.61
N ASP A 214 43.46 12.28 3.34
CA ASP A 214 43.80 12.84 4.65
C ASP A 214 43.57 11.87 5.82
N GLY A 215 43.19 10.62 5.52
CA GLY A 215 42.93 9.64 6.58
C GLY A 215 44.22 8.96 7.04
N ASN A 216 44.11 8.13 8.08
CA ASN A 216 45.24 7.40 8.61
C ASN A 216 45.53 6.12 7.78
N ASP A 217 46.51 5.34 8.23
CA ASP A 217 46.93 4.13 7.54
C ASP A 217 45.93 2.97 7.58
N TYR A 218 44.87 3.11 8.37
CA TYR A 218 43.84 2.08 8.47
C TYR A 218 42.74 2.30 7.44
N LEU A 219 42.88 3.35 6.63
CA LEU A 219 41.88 3.68 5.64
C LEU A 219 42.44 3.61 4.24
N ALA A 220 41.77 2.85 3.39
CA ALA A 220 42.16 2.75 1.98
C ALA A 220 40.92 2.91 1.10
N ALA A 221 41.11 2.82 -0.21
CA ALA A 221 40.03 2.95 -1.16
C ALA A 221 40.35 2.22 -2.45
N THR A 222 39.31 1.83 -3.18
CA THR A 222 39.47 1.25 -4.49
C THR A 222 38.78 2.23 -5.43
N ILE A 223 39.23 2.26 -6.67
CA ILE A 223 38.71 3.15 -7.68
C ILE A 223 38.54 2.35 -8.95
N THR A 224 37.38 2.49 -9.60
CA THR A 224 37.05 1.77 -10.80
C THR A 224 37.57 2.50 -12.04
N PRO A 225 37.63 1.80 -13.18
CA PRO A 225 38.05 2.51 -14.35
C PRO A 225 37.01 3.52 -14.81
N GLN A 226 35.73 3.21 -14.68
CA GLN A 226 34.68 4.14 -15.16
C GLN A 226 34.64 5.47 -14.39
N HIS A 227 34.93 5.44 -13.08
CA HIS A 227 34.92 6.70 -12.31
C HIS A 227 36.13 7.60 -12.60
N LEU A 228 37.14 7.03 -13.26
CA LEU A 228 38.30 7.79 -13.68
C LEU A 228 38.11 8.33 -15.08
N MET A 229 37.52 7.50 -15.92
CA MET A 229 37.37 7.75 -17.33
C MET A 229 36.17 8.62 -17.74
N PHE A 230 35.10 8.55 -16.96
CA PHE A 230 33.85 9.26 -17.31
C PHE A 230 33.29 10.05 -16.14
N ASN A 231 32.30 10.87 -16.48
CA ASN A 231 31.54 11.57 -15.48
C ASN A 231 30.06 11.41 -15.96
N ARG A 232 29.14 11.94 -15.17
CA ARG A 232 27.71 11.76 -15.44
C ARG A 232 27.23 12.24 -16.81
N ASN A 233 27.89 13.26 -17.37
CA ASN A 233 27.52 13.73 -18.70
C ASN A 233 27.73 12.63 -19.72
N ASP A 234 28.74 11.79 -19.53
CA ASP A 234 29.01 10.71 -20.50
C ASP A 234 27.89 9.66 -20.49
N MET A 235 27.15 9.60 -19.39
CA MET A 235 26.04 8.67 -19.29
C MET A 235 24.70 9.27 -19.73
N LEU A 236 24.58 10.59 -19.73
CA LEU A 236 23.31 11.27 -19.98
C LEU A 236 23.22 12.30 -21.10
N VAL A 237 24.35 12.79 -21.60
CA VAL A 237 24.28 13.76 -22.67
C VAL A 237 24.21 13.05 -24.03
N GLY A 238 23.24 13.45 -24.84
CA GLY A 238 23.06 12.92 -26.17
C GLY A 238 22.44 11.54 -26.22
N GLY A 239 21.81 11.14 -25.12
CA GLY A 239 21.20 9.81 -24.98
C GLY A 239 21.53 9.26 -23.59
N ILE A 240 20.73 8.30 -23.14
CA ILE A 240 20.94 7.65 -21.87
C ILE A 240 21.64 6.32 -22.11
N ARG A 241 22.70 6.06 -21.34
CA ARG A 241 23.54 4.89 -21.55
C ARG A 241 23.59 3.95 -20.36
N PRO A 242 22.67 2.97 -20.35
CA PRO A 242 22.60 2.02 -19.21
C PRO A 242 23.91 1.28 -18.93
N HIS A 243 24.74 1.06 -19.94
CA HIS A 243 26.00 0.34 -19.71
C HIS A 243 27.04 1.14 -18.90
N LEU A 244 26.79 2.45 -18.75
CA LEU A 244 27.60 3.31 -17.92
C LEU A 244 26.94 3.53 -16.56
N TYR A 245 25.74 2.99 -16.38
CA TYR A 245 25.02 3.10 -15.11
C TYR A 245 25.53 2.06 -14.11
N CYS A 246 26.04 2.56 -13.00
CA CYS A 246 26.57 1.73 -11.92
C CYS A 246 26.34 2.48 -10.61
N LEU A 247 26.58 1.82 -9.48
CA LEU A 247 26.43 2.47 -8.19
C LEU A 247 27.76 2.27 -7.46
N PRO A 248 28.31 3.32 -6.84
CA PRO A 248 27.80 4.69 -6.77
C PRO A 248 27.77 5.32 -8.15
N ILE A 249 26.75 6.13 -8.40
CA ILE A 249 26.56 6.72 -9.70
C ILE A 249 27.72 7.67 -10.08
N LEU A 250 28.00 7.73 -11.38
CA LEU A 250 28.98 8.66 -11.93
C LEU A 250 28.58 10.05 -11.49
N LYS A 251 29.58 10.84 -11.11
CA LYS A 251 29.34 12.17 -10.60
C LYS A 251 29.76 13.28 -11.58
N ARG A 252 29.70 14.49 -11.07
CA ARG A 252 30.06 15.69 -11.82
C ARG A 252 31.56 15.65 -12.18
N ASN A 253 31.92 16.29 -13.30
CA ASN A 253 33.34 16.31 -13.75
C ASN A 253 34.36 16.68 -12.68
N ILE A 254 34.00 17.57 -11.76
CA ILE A 254 34.91 17.99 -10.69
C ILE A 254 35.33 16.83 -9.79
N HIS A 255 34.41 15.89 -9.60
CA HIS A 255 34.69 14.71 -8.80
C HIS A 255 35.65 13.80 -9.59
N GLN A 256 35.30 13.57 -10.85
CA GLN A 256 36.13 12.77 -11.74
C GLN A 256 37.58 13.30 -11.73
N GLN A 257 37.75 14.62 -11.83
N GLN A 257 37.70 14.63 -11.80
CA GLN A 257 39.08 15.17 -11.83
CA GLN A 257 38.98 15.34 -11.80
C GLN A 257 39.81 14.94 -10.51
C GLN A 257 39.78 14.99 -10.53
N ALA A 258 39.11 15.06 -9.38
CA ALA A 258 39.72 14.79 -8.10
C ALA A 258 40.25 13.36 -7.99
N LEU A 259 39.48 12.41 -8.51
CA LEU A 259 39.86 11.01 -8.51
C LEU A 259 41.11 10.81 -9.38
N ARG A 260 41.12 11.39 -10.57
CA ARG A 260 42.27 11.30 -11.49
C ARG A 260 43.54 11.91 -10.86
N GLU A 261 43.39 13.05 -10.17
CA GLU A 261 44.52 13.71 -9.49
C GLU A 261 45.03 12.84 -8.34
N LEU A 262 44.11 12.20 -7.62
CA LEU A 262 44.49 11.34 -6.51
C LEU A 262 45.39 10.20 -6.99
N VAL A 263 44.98 9.51 -8.05
CA VAL A 263 45.78 8.38 -8.54
C VAL A 263 47.06 8.87 -9.21
N ALA A 264 46.98 10.02 -9.90
CA ALA A 264 48.16 10.58 -10.56
C ALA A 264 49.25 10.97 -9.58
N SER A 265 48.88 11.30 -8.33
CA SER A 265 49.84 11.72 -7.32
C SER A 265 50.64 10.54 -6.74
N GLY A 266 50.27 9.31 -7.11
CA GLY A 266 50.94 8.13 -6.59
C GLY A 266 50.56 7.81 -5.16
N PHE A 267 49.39 8.30 -4.75
CA PHE A 267 48.83 8.08 -3.41
C PHE A 267 48.82 6.58 -3.14
N THR A 268 49.46 6.16 -2.05
CA THR A 268 49.64 4.74 -1.74
C THR A 268 48.48 3.97 -1.15
N ARG A 269 47.43 4.65 -0.66
CA ARG A 269 46.25 3.95 -0.10
C ARG A 269 45.01 3.92 -1.01
N ALA A 270 45.25 4.00 -2.33
CA ALA A 270 44.19 3.86 -3.32
C ALA A 270 44.72 2.80 -4.28
N PHE A 271 43.88 1.82 -4.61
CA PHE A 271 44.26 0.73 -5.50
C PHE A 271 43.15 0.20 -6.42
N LEU A 272 43.59 -0.62 -7.37
CA LEU A 272 42.73 -1.17 -8.38
C LEU A 272 41.60 -2.06 -7.83
N GLY A 273 40.37 -1.72 -8.20
CA GLY A 273 39.17 -2.45 -7.83
C GLY A 273 38.20 -2.10 -8.93
N THR A 274 37.98 -3.03 -9.85
CA THR A 274 37.16 -2.74 -11.01
C THR A 274 35.69 -2.57 -10.74
N ASP A 275 35.21 -3.28 -9.72
CA ASP A 275 33.80 -3.39 -9.44
C ASP A 275 33.10 -3.91 -10.71
N SER A 276 33.79 -4.80 -11.45
CA SER A 276 33.18 -5.43 -12.63
C SER A 276 31.90 -6.11 -12.13
N ALA A 277 30.77 -5.70 -12.67
CA ALA A 277 29.47 -6.14 -12.20
C ALA A 277 28.57 -6.42 -13.40
N PRO A 278 28.75 -7.59 -14.02
CA PRO A 278 28.01 -7.92 -15.22
C PRO A 278 26.55 -8.31 -15.06
N HIS A 279 25.75 -7.80 -15.98
CA HIS A 279 24.34 -8.13 -16.07
C HIS A 279 24.08 -8.41 -17.53
N SER A 280 23.20 -9.36 -17.82
CA SER A 280 22.92 -9.67 -19.21
C SER A 280 22.31 -8.45 -19.88
N ARG A 281 22.42 -8.40 -21.21
CA ARG A 281 21.88 -7.29 -21.98
C ARG A 281 20.40 -7.06 -21.65
N HIS A 282 19.61 -8.14 -21.49
CA HIS A 282 18.17 -8.00 -21.20
C HIS A 282 17.88 -7.34 -19.86
N ARG A 283 18.82 -7.41 -18.94
CA ARG A 283 18.67 -6.81 -17.61
C ARG A 283 19.22 -5.38 -17.61
N LYS A 284 19.89 -5.00 -18.69
CA LYS A 284 20.46 -3.63 -18.84
C LYS A 284 19.64 -2.71 -19.76
N GLU A 285 19.27 -3.21 -20.95
CA GLU A 285 18.50 -2.48 -21.99
C GLU A 285 17.05 -2.86 -21.82
N THR A 286 16.41 -2.23 -20.84
CA THR A 286 15.06 -2.56 -20.47
C THR A 286 14.49 -1.36 -19.69
N SER A 287 13.22 -1.43 -19.28
CA SER A 287 12.58 -0.30 -18.56
C SER A 287 13.23 0.05 -17.24
N CYS A 288 13.76 -0.94 -16.55
CA CYS A 288 14.45 -0.66 -15.30
C CYS A 288 15.75 -1.44 -15.33
N GLY A 289 16.80 -0.79 -15.84
CA GLY A 289 18.10 -1.40 -16.01
C GLY A 289 18.91 -1.57 -14.74
N CYS A 290 19.55 -2.71 -14.59
CA CYS A 290 20.39 -2.97 -13.43
C CYS A 290 21.68 -2.14 -13.44
N ALA A 291 22.20 -1.89 -12.24
CA ALA A 291 23.42 -1.14 -12.06
C ALA A 291 24.63 -2.05 -12.14
N GLY A 292 25.63 -1.63 -12.90
CA GLY A 292 26.85 -2.39 -13.01
C GLY A 292 27.47 -2.39 -14.37
N CYS A 293 28.78 -2.17 -14.41
CA CYS A 293 29.53 -2.17 -15.66
C CYS A 293 30.37 -3.43 -15.74
N PHE A 294 30.29 -4.12 -16.88
CA PHE A 294 31.08 -5.31 -17.07
C PHE A 294 32.40 -4.87 -17.67
N ASN A 295 33.30 -4.48 -16.78
CA ASN A 295 34.57 -3.91 -17.20
C ASN A 295 35.80 -4.80 -17.15
N ALA A 296 35.66 -6.02 -16.62
CA ALA A 296 36.79 -6.95 -16.53
C ALA A 296 37.54 -7.13 -17.86
N PRO A 297 36.82 -7.17 -19.00
CA PRO A 297 37.54 -7.36 -20.25
C PRO A 297 38.40 -6.17 -20.71
N SER A 298 38.13 -4.97 -20.20
CA SER A 298 38.82 -3.77 -20.65
C SER A 298 39.37 -2.87 -19.57
N ALA A 299 39.26 -3.27 -18.31
CA ALA A 299 39.70 -2.43 -17.21
C ALA A 299 41.18 -2.06 -17.17
N LEU A 300 42.06 -3.06 -17.24
CA LEU A 300 43.51 -2.79 -17.11
C LEU A 300 44.02 -1.77 -18.14
N GLY A 301 43.62 -1.97 -19.41
CA GLY A 301 43.97 -1.05 -20.49
C GLY A 301 43.37 0.32 -20.28
N SER A 302 42.17 0.38 -19.70
CA SER A 302 41.51 1.65 -19.41
C SER A 302 42.28 2.41 -18.32
N TYR A 303 42.71 1.69 -17.30
CA TYR A 303 43.49 2.34 -16.24
C TYR A 303 44.79 2.88 -16.85
N ALA A 304 45.41 2.08 -17.71
CA ALA A 304 46.67 2.47 -18.37
C ALA A 304 46.48 3.78 -19.10
N ALA A 305 45.36 3.90 -19.81
CA ALA A 305 45.04 5.11 -20.55
C ALA A 305 44.95 6.32 -19.65
N VAL A 306 44.27 6.16 -18.52
CA VAL A 306 44.11 7.27 -17.56
C VAL A 306 45.44 7.70 -17.01
N PHE A 307 46.23 6.74 -16.52
CA PHE A 307 47.55 7.08 -16.01
C PHE A 307 48.42 7.79 -17.05
N GLU A 308 48.36 7.33 -18.30
CA GLU A 308 49.13 7.96 -19.36
C GLU A 308 48.70 9.41 -19.55
N GLU A 309 47.38 9.64 -19.58
CA GLU A 309 46.82 10.99 -19.78
C GLU A 309 47.22 11.92 -18.63
N MET A 310 47.42 11.37 -17.44
CA MET A 310 47.81 12.16 -16.29
C MET A 310 49.34 12.24 -16.13
N ASN A 311 50.09 11.75 -17.12
CA ASN A 311 51.56 11.72 -17.07
C ASN A 311 52.04 11.04 -15.79
N ALA A 312 51.34 9.97 -15.43
CA ALA A 312 51.60 9.24 -14.20
C ALA A 312 51.84 7.75 -14.39
N LEU A 313 52.35 7.33 -15.56
CA LEU A 313 52.64 5.90 -15.77
C LEU A 313 53.65 5.37 -14.76
N ALA A 314 54.43 6.26 -14.16
CA ALA A 314 55.40 5.87 -13.15
C ALA A 314 54.70 5.27 -11.90
N HIS A 315 53.43 5.63 -11.69
CA HIS A 315 52.67 5.15 -10.52
C HIS A 315 51.69 4.03 -10.80
N PHE A 316 51.57 3.67 -12.08
CA PHE A 316 50.63 2.64 -12.55
C PHE A 316 50.84 1.28 -11.90
N GLU A 317 52.06 0.75 -11.94
CA GLU A 317 52.30 -0.55 -11.34
C GLU A 317 51.84 -0.58 -9.88
N ALA A 318 52.18 0.47 -9.13
CA ALA A 318 51.85 0.50 -7.69
C ALA A 318 50.35 0.41 -7.48
N PHE A 319 49.60 1.19 -8.25
CA PHE A 319 48.15 1.18 -8.14
C PHE A 319 47.57 -0.22 -8.43
N CYS A 320 48.07 -0.86 -9.50
CA CYS A 320 47.58 -2.15 -9.92
C CYS A 320 48.09 -3.36 -9.18
N SER A 321 49.31 -3.28 -8.65
CA SER A 321 49.98 -4.46 -8.12
C SER A 321 50.71 -4.38 -6.79
N LEU A 322 50.78 -3.22 -6.15
CA LEU A 322 51.53 -3.10 -4.87
C LEU A 322 50.73 -2.52 -3.71
N ASN A 323 49.94 -1.47 -3.98
CA ASN A 323 49.17 -0.78 -2.92
C ASN A 323 48.15 -1.70 -2.22
N GLY A 324 47.42 -2.47 -3.01
CA GLY A 324 46.43 -3.40 -2.47
C GLY A 324 47.09 -4.45 -1.58
N PRO A 325 48.06 -5.20 -2.13
CA PRO A 325 48.75 -6.21 -1.32
C PRO A 325 49.32 -5.63 -0.02
N GLN A 326 49.90 -4.42 -0.09
CA GLN A 326 50.48 -3.80 1.12
C GLN A 326 49.41 -3.52 2.19
N PHE A 327 48.27 -2.98 1.78
CA PHE A 327 47.20 -2.67 2.72
C PHE A 327 46.62 -3.94 3.33
N TYR A 328 46.45 -4.97 2.52
CA TYR A 328 45.90 -6.25 2.96
C TYR A 328 46.91 -7.16 3.66
N GLY A 329 48.19 -6.79 3.66
CA GLY A 329 49.23 -7.61 4.32
C GLY A 329 49.54 -8.87 3.53
N LEU A 330 49.37 -8.80 2.21
CA LEU A 330 49.62 -9.95 1.36
C LEU A 330 50.84 -9.70 0.46
N PRO A 331 51.54 -10.77 0.08
CA PRO A 331 52.72 -10.61 -0.79
C PRO A 331 52.36 -10.08 -2.18
N MET A 332 53.30 -9.41 -2.82
CA MET A 332 53.05 -8.95 -4.17
C MET A 332 53.18 -10.20 -5.06
N ASN A 333 52.46 -10.21 -6.18
CA ASN A 333 52.50 -11.33 -7.13
C ASN A 333 53.90 -11.43 -7.73
N THR A 334 54.25 -12.61 -8.22
CA THR A 334 55.58 -12.83 -8.79
C THR A 334 55.61 -12.87 -10.30
N GLY A 335 54.46 -13.04 -10.94
CA GLY A 335 54.38 -13.09 -12.40
C GLY A 335 54.30 -11.71 -13.04
N TRP A 336 54.18 -11.68 -14.37
CA TRP A 336 54.15 -10.41 -15.11
C TRP A 336 53.02 -10.33 -16.14
N VAL A 337 52.67 -9.11 -16.48
CA VAL A 337 51.65 -8.82 -17.49
C VAL A 337 52.19 -7.65 -18.29
N GLU A 338 52.07 -7.73 -19.60
CA GLU A 338 52.54 -6.68 -20.48
C GLU A 338 51.38 -6.00 -21.20
N LEU A 339 51.40 -4.67 -21.23
CA LEU A 339 50.40 -3.93 -21.98
C LEU A 339 51.13 -3.28 -23.14
N VAL A 340 50.48 -3.20 -24.28
N VAL A 340 50.46 -3.19 -24.28
CA VAL A 340 51.08 -2.57 -25.44
CA VAL A 340 51.05 -2.60 -25.45
C VAL A 340 50.14 -1.50 -25.96
C VAL A 340 50.13 -1.50 -25.95
N ARG A 341 50.71 -0.40 -26.42
CA ARG A 341 49.93 0.70 -26.93
C ARG A 341 49.61 0.43 -28.40
N ASP A 342 48.86 -0.66 -28.62
CA ASP A 342 48.43 -1.10 -29.95
C ASP A 342 46.93 -1.18 -29.93
N GLU A 343 46.30 -0.50 -30.89
CA GLU A 343 44.85 -0.43 -30.98
C GLU A 343 44.17 -1.78 -31.05
N GLN A 344 43.12 -1.94 -30.25
N GLN A 344 43.12 -1.94 -30.24
CA GLN A 344 42.31 -3.16 -30.22
CA GLN A 344 42.33 -3.17 -30.20
C GLN A 344 40.87 -2.76 -29.92
C GLN A 344 40.88 -2.77 -29.92
N GLN A 345 39.93 -3.48 -30.54
CA GLN A 345 38.52 -3.18 -30.35
C GLN A 345 37.89 -4.12 -29.33
N ILE A 346 37.10 -3.54 -28.45
CA ILE A 346 36.38 -4.32 -27.45
C ILE A 346 35.18 -4.91 -28.20
N PRO A 347 34.90 -6.20 -28.00
CA PRO A 347 33.75 -6.83 -28.71
C PRO A 347 32.42 -6.13 -28.45
N GLY A 348 31.55 -6.14 -29.44
CA GLY A 348 30.24 -5.50 -29.29
C GLY A 348 29.31 -6.33 -28.40
N ASN A 349 29.53 -7.64 -28.42
CA ASN A 349 28.70 -8.56 -27.68
C ASN A 349 29.48 -9.81 -27.24
N ILE A 350 29.19 -10.31 -26.04
CA ILE A 350 29.79 -11.54 -25.53
C ILE A 350 28.63 -12.53 -25.33
N ALA A 351 28.69 -13.68 -25.99
CA ALA A 351 27.60 -14.65 -25.90
C ALA A 351 27.47 -15.37 -24.56
N LEU A 352 26.21 -15.60 -24.17
CA LEU A 352 25.83 -16.33 -22.96
C LEU A 352 24.87 -17.43 -23.45
N ALA A 353 24.39 -18.27 -22.54
CA ALA A 353 23.50 -19.39 -22.93
C ALA A 353 22.09 -19.02 -23.43
N ASP A 354 21.54 -17.91 -22.93
N ASP A 354 21.49 -17.98 -22.85
CA ASP A 354 20.20 -17.44 -23.35
CA ASP A 354 20.13 -17.59 -23.22
C ASP A 354 20.06 -15.92 -23.38
C ASP A 354 19.93 -16.09 -23.16
N ASP A 355 21.16 -15.20 -23.55
N ASP A 355 21.00 -15.38 -23.57
CA ASP A 355 21.10 -13.76 -23.57
CA ASP A 355 21.07 -13.90 -23.58
C ASP A 355 22.47 -13.41 -24.07
C ASP A 355 22.47 -13.45 -24.04
N SER A 356 22.81 -12.15 -23.94
CA SER A 356 24.12 -11.69 -24.35
C SER A 356 24.65 -10.79 -23.26
N LEU A 357 25.95 -10.52 -23.32
CA LEU A 357 26.58 -9.69 -22.36
C LEU A 357 27.24 -8.56 -23.14
N VAL A 358 27.09 -7.34 -22.66
CA VAL A 358 27.68 -6.16 -23.33
C VAL A 358 28.85 -5.68 -22.48
N PRO A 359 30.06 -5.78 -23.01
CA PRO A 359 31.18 -5.34 -22.21
C PRO A 359 31.26 -3.82 -22.15
N PHE A 360 31.96 -3.34 -21.15
CA PHE A 360 32.22 -1.91 -20.97
C PHE A 360 33.10 -1.48 -22.15
N LEU A 361 32.69 -0.40 -22.81
CA LEU A 361 33.39 0.14 -23.99
C LEU A 361 33.16 -0.76 -25.20
N ALA A 362 32.03 -1.45 -25.21
CA ALA A 362 31.68 -2.37 -26.30
C ALA A 362 31.79 -1.72 -27.67
N GLY A 363 32.50 -2.39 -28.56
CA GLY A 363 32.69 -1.92 -29.93
C GLY A 363 33.63 -0.75 -30.12
N GLU A 364 34.23 -0.26 -29.04
CA GLU A 364 35.12 0.88 -29.12
C GLU A 364 36.58 0.46 -29.22
N THR A 365 37.36 1.27 -29.93
CA THR A 365 38.79 1.02 -30.09
C THR A 365 39.45 1.57 -28.82
N VAL A 366 40.34 0.78 -28.22
CA VAL A 366 41.05 1.19 -27.01
C VAL A 366 42.55 1.31 -27.29
N ARG A 367 43.18 2.25 -26.60
CA ARG A 367 44.58 2.58 -26.82
C ARG A 367 45.57 1.53 -26.32
N TRP A 368 45.27 0.98 -25.14
CA TRP A 368 46.12 -0.01 -24.53
C TRP A 368 45.42 -1.33 -24.37
N SER A 369 46.17 -2.40 -24.59
N SER A 369 46.15 -2.42 -24.63
CA SER A 369 45.67 -3.75 -24.49
CA SER A 369 45.61 -3.76 -24.48
C SER A 369 46.68 -4.64 -23.79
C SER A 369 46.67 -4.66 -23.84
N VAL A 370 46.20 -5.65 -23.09
CA VAL A 370 47.08 -6.61 -22.41
C VAL A 370 47.58 -7.63 -23.44
N LYS A 371 48.90 -7.76 -23.55
CA LYS A 371 49.52 -8.68 -24.50
C LYS A 371 49.38 -10.11 -24.00
N LYS A 372 49.06 -11.03 -24.91
CA LYS A 372 48.92 -12.43 -24.55
C LYS A 372 50.25 -13.15 -24.71
N GLN B 30 -15.42 11.20 -6.78
CA GLN B 30 -15.43 12.66 -7.11
C GLN B 30 -15.14 12.93 -8.59
N VAL B 31 -15.77 14.00 -9.10
CA VAL B 31 -15.63 14.39 -10.49
C VAL B 31 -14.98 15.76 -10.61
N LEU B 32 -14.09 15.88 -11.58
CA LEU B 32 -13.38 17.10 -11.85
C LEU B 32 -13.70 17.52 -13.29
N LYS B 33 -14.58 18.50 -13.44
CA LYS B 33 -15.01 18.99 -14.75
C LYS B 33 -14.27 20.27 -15.08
N ILE B 34 -13.69 20.31 -16.28
CA ILE B 34 -12.95 21.49 -16.72
C ILE B 34 -13.28 21.81 -18.15
N ARG B 35 -13.06 23.07 -18.55
CA ARG B 35 -13.20 23.45 -19.94
C ARG B 35 -12.23 22.59 -20.74
N ARG B 36 -12.58 22.22 -21.96
CA ARG B 36 -11.71 21.38 -22.78
C ARG B 36 -10.30 21.98 -22.78
N PRO B 37 -9.31 21.19 -22.37
CA PRO B 37 -7.96 21.73 -22.30
C PRO B 37 -7.23 21.81 -23.65
N ASP B 38 -6.00 22.33 -23.63
CA ASP B 38 -5.13 22.40 -24.78
C ASP B 38 -3.75 21.93 -24.30
N ASP B 39 -2.94 21.48 -25.23
CA ASP B 39 -1.57 21.04 -24.93
C ASP B 39 -0.65 22.01 -25.66
N TRP B 40 -0.04 22.92 -24.92
CA TRP B 40 0.81 23.94 -25.49
C TRP B 40 2.24 23.49 -25.87
N HIS B 41 2.52 22.19 -25.88
CA HIS B 41 3.82 21.68 -26.32
C HIS B 41 3.73 20.17 -26.62
N VAL B 42 3.62 19.77 -27.88
CA VAL B 42 3.53 18.34 -28.17
C VAL B 42 4.32 18.00 -29.45
N HIS B 43 4.77 16.75 -29.53
CA HIS B 43 5.48 16.18 -30.71
C HIS B 43 4.58 15.08 -31.23
N LEU B 44 4.10 15.24 -32.46
CA LEU B 44 3.21 14.28 -33.10
C LEU B 44 3.94 13.44 -34.13
N ARG B 45 5.24 13.68 -34.32
CA ARG B 45 6.05 12.90 -35.26
C ARG B 45 5.46 12.92 -36.67
N ASP B 46 5.61 11.83 -37.43
CA ASP B 46 5.12 11.81 -38.80
C ASP B 46 4.87 10.36 -39.20
N GLY B 47 4.33 10.15 -40.41
CA GLY B 47 4.09 8.80 -40.93
C GLY B 47 3.22 7.94 -40.03
N ASP B 48 3.59 6.66 -39.89
CA ASP B 48 2.84 5.71 -39.04
C ASP B 48 2.80 6.12 -37.56
N MET B 49 3.91 6.66 -37.06
CA MET B 49 3.97 7.19 -35.68
C MET B 49 2.86 8.18 -35.44
N LEU B 50 2.77 9.14 -36.34
CA LEU B 50 1.77 10.19 -36.27
C LEU B 50 0.36 9.59 -36.18
N LYS B 51 0.07 8.67 -37.08
CA LYS B 51 -1.26 8.03 -37.13
C LYS B 51 -1.64 7.36 -35.82
N THR B 52 -0.63 6.83 -35.12
CA THR B 52 -0.83 6.17 -33.84
C THR B 52 -0.94 7.12 -32.66
N VAL B 53 -0.13 8.18 -32.64
CA VAL B 53 -0.12 9.09 -31.49
C VAL B 53 -1.10 10.22 -31.54
N VAL B 54 -1.47 10.68 -32.73
CA VAL B 54 -2.41 11.77 -32.84
C VAL B 54 -3.68 11.58 -32.01
N PRO B 55 -4.33 10.38 -32.07
CA PRO B 55 -5.58 10.19 -31.30
C PRO B 55 -5.49 10.47 -29.80
N TYR B 56 -4.35 10.19 -29.17
CA TYR B 56 -4.19 10.44 -27.75
C TYR B 56 -4.23 11.93 -27.39
N THR B 57 -3.84 12.78 -28.32
CA THR B 57 -3.90 14.22 -28.11
C THR B 57 -5.28 14.75 -28.56
N SER B 58 -5.70 14.33 -29.73
CA SER B 58 -6.97 14.86 -30.33
C SER B 58 -8.24 14.53 -29.57
N GLU B 59 -8.26 13.41 -28.84
CA GLU B 59 -9.45 13.05 -28.12
C GLU B 59 -9.75 13.98 -26.96
N ILE B 60 -8.69 14.45 -26.32
CA ILE B 60 -8.79 15.26 -25.12
C ILE B 60 -8.60 16.75 -25.25
N TYR B 61 -7.62 17.14 -26.07
CA TYR B 61 -7.22 18.54 -26.24
C TYR B 61 -7.86 19.25 -27.44
N GLY B 62 -8.30 20.49 -27.23
CA GLY B 62 -8.94 21.29 -28.31
C GLY B 62 -7.93 21.73 -29.36
N ARG B 63 -6.75 22.13 -28.87
CA ARG B 63 -5.68 22.59 -29.69
C ARG B 63 -4.38 22.08 -29.07
N ALA B 64 -3.35 21.98 -29.88
CA ALA B 64 -2.01 21.62 -29.39
C ALA B 64 -1.00 22.36 -30.26
N ILE B 65 0.09 22.81 -29.63
CA ILE B 65 1.21 23.46 -30.30
C ILE B 65 2.07 22.29 -30.74
N VAL B 66 2.13 22.09 -32.04
CA VAL B 66 2.82 20.99 -32.68
C VAL B 66 4.24 21.41 -33.00
N MET B 67 5.21 20.76 -32.36
CA MET B 67 6.59 21.16 -32.53
C MET B 67 7.08 20.79 -33.93
N PRO B 68 8.07 21.54 -34.43
CA PRO B 68 8.51 21.41 -35.81
C PRO B 68 9.73 20.56 -36.11
N ASN B 69 10.20 19.79 -35.12
CA ASN B 69 11.43 19.03 -35.29
C ASN B 69 11.32 17.68 -36.01
N LEU B 70 10.83 17.71 -37.24
CA LEU B 70 10.77 16.51 -38.07
C LEU B 70 12.14 16.32 -38.71
N ALA B 71 12.37 15.15 -39.33
CA ALA B 71 13.64 14.84 -40.03
C ALA B 71 14.07 16.05 -40.87
N SER B 72 13.14 16.59 -41.64
CA SER B 72 13.35 17.83 -42.39
C SER B 72 12.51 18.80 -41.56
N PRO B 73 13.14 19.65 -40.76
CA PRO B 73 12.33 20.53 -39.88
C PRO B 73 11.33 21.42 -40.65
N ILE B 74 10.24 21.80 -39.99
CA ILE B 74 9.21 22.65 -40.58
C ILE B 74 9.76 24.07 -40.56
N THR B 75 10.28 24.51 -41.70
CA THR B 75 10.90 25.83 -41.83
C THR B 75 10.27 26.62 -42.99
N THR B 76 9.18 26.13 -43.54
CA THR B 76 8.48 26.81 -44.64
C THR B 76 6.99 26.68 -44.50
N VAL B 77 6.27 27.68 -44.99
CA VAL B 77 4.81 27.67 -44.97
C VAL B 77 4.24 26.44 -45.66
N ASP B 78 4.81 26.08 -46.81
CA ASP B 78 4.33 24.94 -47.56
C ASP B 78 4.47 23.65 -46.76
N ALA B 79 5.63 23.43 -46.17
CA ALA B 79 5.84 22.24 -45.35
C ALA B 79 4.87 22.19 -44.14
N ALA B 80 4.66 23.33 -43.51
CA ALA B 80 3.74 23.46 -42.36
C ALA B 80 2.30 23.10 -42.79
N ILE B 81 1.88 23.62 -43.93
CA ILE B 81 0.56 23.31 -44.43
C ILE B 81 0.44 21.80 -44.67
N ALA B 82 1.42 21.23 -45.34
CA ALA B 82 1.37 19.80 -45.66
C ALA B 82 1.38 18.94 -44.37
N TYR B 83 2.16 19.33 -43.37
CA TYR B 83 2.23 18.60 -42.12
C TYR B 83 0.90 18.71 -41.38
N ARG B 84 0.33 19.92 -41.38
CA ARG B 84 -0.96 20.16 -40.73
C ARG B 84 -2.02 19.20 -41.29
N GLN B 85 -2.04 19.05 -42.62
CA GLN B 85 -3.03 18.18 -43.25
C GLN B 85 -2.79 16.70 -42.89
N ARG B 86 -1.52 16.28 -42.77
CA ARG B 86 -1.23 14.89 -42.36
C ARG B 86 -1.77 14.62 -40.95
N ILE B 87 -1.64 15.61 -40.10
CA ILE B 87 -2.14 15.54 -38.74
C ILE B 87 -3.66 15.42 -38.75
N LEU B 88 -4.31 16.31 -39.52
CA LEU B 88 -5.80 16.29 -39.65
C LEU B 88 -6.32 14.98 -40.19
N ASP B 89 -5.60 14.41 -41.16
CA ASP B 89 -5.96 13.13 -41.74
C ASP B 89 -6.03 12.00 -40.73
N ALA B 90 -5.19 12.09 -39.69
CA ALA B 90 -5.08 11.10 -38.65
C ALA B 90 -5.97 11.34 -37.42
N VAL B 91 -6.74 12.43 -37.40
CA VAL B 91 -7.63 12.70 -36.26
C VAL B 91 -8.91 11.83 -36.37
N PRO B 92 -9.21 11.00 -35.36
CA PRO B 92 -10.44 10.19 -35.50
C PRO B 92 -11.71 11.02 -35.64
N ALA B 93 -12.72 10.43 -36.25
CA ALA B 93 -13.98 11.11 -36.48
C ALA B 93 -14.61 11.66 -35.20
N GLY B 94 -14.86 12.97 -35.15
CA GLY B 94 -15.56 13.55 -34.01
C GLY B 94 -14.73 14.25 -32.98
N HIS B 95 -13.42 14.13 -33.11
CA HIS B 95 -12.52 14.80 -32.23
C HIS B 95 -12.48 16.25 -32.75
N ASP B 96 -12.77 17.18 -31.86
N ASP B 96 -12.81 17.22 -31.93
CA ASP B 96 -12.73 18.60 -32.16
CA ASP B 96 -12.78 18.59 -32.42
C ASP B 96 -11.31 19.03 -31.88
C ASP B 96 -11.41 19.20 -32.04
N PHE B 97 -10.40 18.79 -32.81
CA PHE B 97 -9.00 19.17 -32.60
C PHE B 97 -8.39 20.01 -33.71
N THR B 98 -7.70 21.08 -33.29
CA THR B 98 -6.99 21.96 -34.21
C THR B 98 -5.48 21.99 -33.90
N PRO B 99 -4.64 21.52 -34.83
CA PRO B 99 -3.20 21.59 -34.61
C PRO B 99 -2.73 23.02 -34.90
N LEU B 100 -1.94 23.57 -34.00
CA LEU B 100 -1.38 24.92 -34.13
C LEU B 100 0.08 24.68 -34.50
N MET B 101 0.46 25.11 -35.69
CA MET B 101 1.78 24.84 -36.20
C MET B 101 2.85 25.84 -35.78
N THR B 102 4.08 25.34 -35.72
CA THR B 102 5.25 26.15 -35.39
C THR B 102 6.30 26.07 -36.48
N CYS B 103 7.11 27.13 -36.54
CA CYS B 103 8.25 27.21 -37.43
C CYS B 103 9.53 26.90 -36.61
N TYR B 104 10.40 26.10 -37.16
CA TYR B 104 11.67 25.76 -36.48
C TYR B 104 12.62 26.89 -36.88
N LEU B 105 13.09 27.67 -35.93
CA LEU B 105 14.04 28.74 -36.22
C LEU B 105 15.42 28.15 -36.59
N THR B 106 15.97 28.61 -37.71
CA THR B 106 17.28 28.22 -38.16
C THR B 106 18.01 29.48 -38.61
N ASP B 107 19.35 29.38 -38.78
CA ASP B 107 20.12 30.54 -39.27
C ASP B 107 19.67 30.98 -40.66
N SER B 108 19.33 30.01 -41.53
CA SER B 108 18.98 30.33 -42.91
C SER B 108 17.51 30.69 -43.16
N LEU B 109 16.67 30.61 -42.13
CA LEU B 109 15.26 30.95 -42.28
C LEU B 109 15.08 32.42 -42.71
N ASP B 110 14.24 32.66 -43.72
CA ASP B 110 13.98 34.04 -44.17
C ASP B 110 12.87 34.60 -43.27
N ALA B 111 13.09 35.76 -42.64
CA ALA B 111 12.07 36.38 -41.77
C ALA B 111 10.72 36.53 -42.53
N ASP B 112 10.80 36.77 -43.83
CA ASP B 112 9.58 36.92 -44.68
C ASP B 112 8.76 35.62 -44.77
N GLU B 113 9.42 34.46 -44.62
CA GLU B 113 8.73 33.17 -44.69
C GLU B 113 7.90 32.99 -43.41
N LEU B 114 8.52 33.26 -42.27
CA LEU B 114 7.80 33.20 -41.02
C LEU B 114 6.66 34.20 -41.00
N GLU B 115 6.91 35.41 -41.47
CA GLU B 115 5.89 36.45 -41.50
C GLU B 115 4.69 36.05 -42.33
N ARG B 116 4.96 35.48 -43.51
N ARG B 116 4.92 35.49 -43.52
CA ARG B 116 3.94 35.03 -44.44
CA ARG B 116 3.81 35.09 -44.38
C ARG B 116 3.05 33.96 -43.78
C ARG B 116 3.01 33.96 -43.73
N GLY B 117 3.71 33.00 -43.13
CA GLY B 117 3.03 31.89 -42.47
C GLY B 117 2.18 32.35 -41.28
N PHE B 118 2.68 33.35 -40.55
CA PHE B 118 1.94 33.89 -39.40
C PHE B 118 0.71 34.65 -39.91
N HIS B 119 0.92 35.49 -40.90
N HIS B 119 0.89 35.53 -40.87
CA HIS B 119 -0.13 36.32 -41.50
CA HIS B 119 -0.24 36.29 -41.40
C HIS B 119 -1.24 35.49 -42.17
C HIS B 119 -1.31 35.36 -41.98
N GLU B 120 -0.88 34.28 -42.62
CA GLU B 120 -1.82 33.34 -43.25
C GLU B 120 -2.47 32.35 -42.25
N GLY B 121 -2.16 32.48 -40.97
CA GLY B 121 -2.70 31.60 -39.94
C GLY B 121 -2.09 30.21 -39.93
N VAL B 122 -0.96 30.04 -40.61
CA VAL B 122 -0.31 28.73 -40.69
C VAL B 122 0.58 28.55 -39.48
N PHE B 123 1.41 29.55 -39.18
CA PHE B 123 2.29 29.49 -38.00
C PHE B 123 1.66 30.24 -36.82
N THR B 124 1.53 29.56 -35.70
CA THR B 124 1.04 30.18 -34.49
C THR B 124 2.24 30.73 -33.67
N ALA B 125 3.39 30.10 -33.83
CA ALA B 125 4.59 30.48 -33.09
C ALA B 125 5.84 29.91 -33.74
N ALA B 126 7.01 30.27 -33.23
CA ALA B 126 8.25 29.74 -33.77
C ALA B 126 9.04 29.25 -32.57
N KCX B 127 9.77 28.19 -32.80
CA KCX B 127 10.52 27.49 -31.76
CB KCX B 127 10.13 26.00 -31.80
CG KCX B 127 10.83 25.07 -30.82
CD KCX B 127 10.48 25.37 -29.35
CE KCX B 127 11.06 24.33 -28.39
NZ KCX B 127 10.53 22.94 -28.69
C KCX B 127 12.02 27.62 -31.89
O KCX B 127 12.58 27.32 -32.94
CX KCX B 127 10.85 21.87 -27.96
OQ1 KCX B 127 11.56 21.96 -26.93
OQ2 KCX B 127 10.37 20.77 -28.32
N LEU B 128 12.67 27.97 -30.78
CA LEU B 128 14.11 28.12 -30.75
C LEU B 128 14.73 26.99 -29.95
N TYR B 129 15.49 26.14 -30.64
CA TYR B 129 16.22 25.06 -30.01
C TYR B 129 17.60 25.55 -29.67
N PRO B 130 18.30 24.82 -28.78
CA PRO B 130 19.61 25.27 -28.40
C PRO B 130 20.55 25.55 -29.56
N ALA B 131 21.31 26.62 -29.43
CA ALA B 131 22.28 27.02 -30.42
C ALA B 131 23.56 26.19 -30.34
N ASN B 132 24.22 26.01 -31.48
CA ASN B 132 25.47 25.31 -31.55
C ASN B 132 26.19 25.83 -32.78
N ALA B 133 27.42 26.33 -32.59
CA ALA B 133 28.20 26.93 -33.70
C ALA B 133 28.44 26.00 -34.90
N THR B 134 28.27 24.69 -34.71
CA THR B 134 28.50 23.70 -35.75
C THR B 134 27.24 23.13 -36.40
N THR B 135 26.06 23.56 -35.95
N THR B 135 26.07 23.59 -35.96
CA THR B 135 24.81 23.08 -36.51
CA THR B 135 24.82 23.10 -36.53
C THR B 135 24.68 23.57 -37.95
C THR B 135 24.71 23.56 -37.97
N ASN B 136 24.13 22.72 -38.81
CA ASN B 136 23.91 23.05 -40.21
C ASN B 136 22.89 24.20 -40.21
N SER B 137 23.09 25.21 -41.06
CA SER B 137 22.23 26.39 -41.10
C SER B 137 20.76 26.13 -41.42
N SER B 138 20.48 25.01 -42.09
CA SER B 138 19.09 24.67 -42.44
C SER B 138 18.46 23.82 -41.33
N HIS B 139 19.26 23.45 -40.33
CA HIS B 139 18.77 22.62 -39.23
C HIS B 139 18.79 23.22 -37.83
N GLY B 140 19.31 24.42 -37.66
CA GLY B 140 19.30 25.03 -36.32
C GLY B 140 19.95 26.38 -36.35
N VAL B 141 20.10 26.96 -35.17
CA VAL B 141 20.72 28.28 -35.03
C VAL B 141 22.12 28.14 -34.41
N THR B 142 23.03 29.02 -34.82
CA THR B 142 24.39 29.02 -34.29
C THR B 142 24.51 29.95 -33.09
N SER B 143 23.68 30.99 -33.07
CA SER B 143 23.65 31.94 -31.97
C SER B 143 22.39 32.78 -32.09
N VAL B 144 21.95 33.36 -30.99
CA VAL B 144 20.80 34.26 -31.03
C VAL B 144 21.16 35.47 -31.93
N ASP B 145 22.42 35.91 -31.89
CA ASP B 145 22.84 37.04 -32.75
C ASP B 145 22.53 36.75 -34.22
N ALA B 146 22.79 35.53 -34.66
CA ALA B 146 22.58 35.16 -36.07
C ALA B 146 21.11 35.25 -36.52
N ILE B 147 20.17 35.15 -35.58
CA ILE B 147 18.76 35.22 -35.97
C ILE B 147 18.02 36.42 -35.40
N MET B 148 18.78 37.46 -35.05
CA MET B 148 18.16 38.64 -34.45
C MET B 148 17.14 39.26 -35.43
N PRO B 149 17.43 39.24 -36.74
CA PRO B 149 16.41 39.82 -37.65
C PRO B 149 15.05 39.11 -37.59
N VAL B 150 15.05 37.78 -37.48
CA VAL B 150 13.79 37.04 -37.39
C VAL B 150 13.14 37.32 -36.04
N LEU B 151 13.93 37.30 -34.98
CA LEU B 151 13.40 37.60 -33.62
C LEU B 151 12.78 39.00 -33.55
N GLU B 152 13.43 39.98 -34.18
CA GLU B 152 12.91 41.34 -34.23
C GLU B 152 11.61 41.40 -35.01
N ARG B 153 11.52 40.60 -36.08
CA ARG B 153 10.28 40.55 -36.88
C ARG B 153 9.15 39.92 -36.03
N MET B 154 9.47 38.90 -35.23
CA MET B 154 8.50 38.25 -34.36
C MET B 154 8.02 39.24 -33.30
N GLU B 155 8.94 40.08 -32.82
CA GLU B 155 8.58 41.08 -31.82
C GLU B 155 7.62 42.09 -32.49
N LYS B 156 7.92 42.49 -33.71
CA LYS B 156 7.10 43.45 -34.45
C LYS B 156 5.67 42.95 -34.66
N LEU B 157 5.57 41.71 -35.10
CA LEU B 157 4.28 41.11 -35.47
C LEU B 157 3.47 40.50 -34.34
N GLY B 158 4.11 40.23 -33.22
CA GLY B 158 3.44 39.61 -32.06
C GLY B 158 3.49 38.08 -32.12
N ILE B 159 4.52 37.52 -32.76
CA ILE B 159 4.65 36.09 -32.86
C ILE B 159 5.37 35.60 -31.63
N PRO B 160 4.75 34.66 -30.89
CA PRO B 160 5.43 34.12 -29.70
C PRO B 160 6.67 33.32 -30.01
N LEU B 161 7.68 33.45 -29.15
CA LEU B 161 8.92 32.73 -29.24
C LEU B 161 8.88 31.63 -28.19
N LEU B 162 8.92 30.39 -28.66
CA LEU B 162 8.93 29.23 -27.77
C LEU B 162 10.41 28.85 -27.61
N VAL B 163 10.85 28.72 -26.38
CA VAL B 163 12.25 28.45 -26.16
C VAL B 163 12.60 27.17 -25.38
N HIS B 164 13.44 26.34 -25.99
CA HIS B 164 14.01 25.16 -25.28
C HIS B 164 15.26 25.79 -24.66
N GLY B 165 15.13 26.21 -23.41
CA GLY B 165 16.18 26.92 -22.76
C GLY B 165 17.32 26.18 -22.09
N GLU B 166 18.22 25.67 -22.92
CA GLU B 166 19.44 25.02 -22.43
C GLU B 166 20.64 25.37 -23.30
N VAL B 167 21.81 25.49 -22.67
CA VAL B 167 23.05 25.68 -23.43
C VAL B 167 23.51 24.25 -23.61
N THR B 168 24.09 23.91 -24.74
CA THR B 168 24.50 22.52 -24.92
C THR B 168 26.01 22.31 -25.11
N HIS B 169 26.80 23.27 -24.62
CA HIS B 169 28.24 23.19 -24.74
C HIS B 169 28.75 22.00 -23.94
N ALA B 170 29.70 21.28 -24.51
CA ALA B 170 30.25 20.07 -23.90
C ALA B 170 30.77 20.23 -22.46
N ASP B 171 31.26 21.42 -22.11
CA ASP B 171 31.82 21.65 -20.76
C ASP B 171 30.79 22.04 -19.70
N VAL B 172 29.50 22.05 -20.06
CA VAL B 172 28.47 22.40 -19.12
C VAL B 172 27.78 21.11 -18.65
N ASP B 173 27.81 20.86 -17.35
CA ASP B 173 27.17 19.68 -16.77
C ASP B 173 25.67 19.68 -17.15
N ILE B 174 25.14 18.52 -17.52
CA ILE B 174 23.78 18.37 -17.97
C ILE B 174 22.74 19.01 -17.05
N PHE B 175 22.96 18.88 -15.76
CA PHE B 175 22.03 19.41 -14.79
C PHE B 175 22.09 20.93 -14.63
N ASP B 176 23.14 21.55 -15.17
CA ASP B 176 23.32 22.99 -15.04
C ASP B 176 22.91 23.73 -16.30
N ARG B 177 22.56 23.00 -17.35
CA ARG B 177 22.28 23.61 -18.67
C ARG B 177 21.14 24.60 -18.74
N GLU B 178 20.08 24.38 -17.98
CA GLU B 178 18.95 25.30 -17.97
C GLU B 178 19.31 26.59 -17.22
N ALA B 179 19.93 26.47 -16.07
CA ALA B 179 20.35 27.65 -15.27
C ALA B 179 21.35 28.50 -16.07
N ARG B 180 22.26 27.84 -16.79
CA ARG B 180 23.24 28.55 -17.58
C ARG B 180 22.56 29.33 -18.69
N PHE B 181 21.56 28.74 -19.30
CA PHE B 181 20.82 29.40 -20.40
C PHE B 181 20.15 30.68 -19.94
N ILE B 182 19.56 30.65 -18.74
CA ILE B 182 18.90 31.81 -18.19
C ILE B 182 19.85 33.00 -18.18
N ASP B 183 21.05 32.81 -17.61
CA ASP B 183 22.03 33.85 -17.51
C ASP B 183 22.75 34.24 -18.78
N THR B 184 23.07 33.28 -19.64
CA THR B 184 23.86 33.60 -20.82
C THR B 184 23.04 33.91 -22.05
N VAL B 185 21.81 33.42 -22.10
CA VAL B 185 20.99 33.65 -23.28
C VAL B 185 19.64 34.31 -23.03
N MET B 186 18.82 33.75 -22.15
CA MET B 186 17.47 34.26 -21.94
C MET B 186 17.40 35.70 -21.44
N GLU B 187 18.11 36.00 -20.37
CA GLU B 187 18.05 37.36 -19.82
C GLU B 187 18.54 38.44 -20.83
N PRO B 188 19.71 38.23 -21.49
CA PRO B 188 20.13 39.24 -22.46
C PRO B 188 19.16 39.36 -23.64
N LEU B 189 18.58 38.25 -24.07
CA LEU B 189 17.62 38.30 -25.17
C LEU B 189 16.39 39.09 -24.78
N ARG B 190 15.84 38.80 -23.60
CA ARG B 190 14.63 39.51 -23.14
C ARG B 190 14.87 41.02 -22.85
N GLN B 191 16.07 41.34 -22.38
N GLN B 191 16.04 41.37 -22.36
CA GLN B 191 16.48 42.73 -22.10
CA GLN B 191 16.35 42.78 -22.07
C GLN B 191 16.54 43.56 -23.38
C GLN B 191 16.59 43.59 -23.36
N ARG B 192 16.79 42.90 -24.50
N ARG B 192 16.74 42.86 -24.47
CA ARG B 192 16.84 43.58 -25.77
CA ARG B 192 16.92 43.42 -25.79
C ARG B 192 15.47 43.62 -26.44
C ARG B 192 15.57 43.57 -26.50
N LEU B 193 14.83 42.46 -26.59
CA LEU B 193 13.50 42.39 -27.24
C LEU B 193 12.46 42.39 -26.14
N THR B 194 12.25 43.57 -25.59
CA THR B 194 11.36 43.75 -24.46
C THR B 194 9.85 43.65 -24.76
N ALA B 195 9.46 43.54 -26.02
CA ALA B 195 8.04 43.43 -26.34
C ALA B 195 7.73 42.07 -26.96
N LEU B 196 8.71 41.17 -26.88
CA LEU B 196 8.61 39.83 -27.45
C LEU B 196 7.98 38.87 -26.43
N LYS B 197 6.92 38.20 -26.86
CA LYS B 197 6.30 37.17 -26.03
C LYS B 197 7.17 35.93 -26.07
N VAL B 198 7.52 35.47 -24.89
CA VAL B 198 8.38 34.32 -24.75
C VAL B 198 7.79 33.25 -23.85
N VAL B 199 7.75 32.04 -24.34
CA VAL B 199 7.36 30.90 -23.51
C VAL B 199 8.64 30.09 -23.21
N PHE B 200 8.98 30.01 -21.95
CA PHE B 200 10.13 29.22 -21.50
C PHE B 200 9.52 27.82 -21.45
N GLU B 201 9.80 26.97 -22.44
CA GLU B 201 9.16 25.66 -22.48
C GLU B 201 9.68 24.69 -21.43
N HIS B 202 8.83 23.75 -21.05
CA HIS B 202 9.21 22.67 -20.13
C HIS B 202 10.27 23.03 -19.11
N ILE B 203 9.90 23.93 -18.18
CA ILE B 203 10.84 24.33 -17.18
C ILE B 203 11.05 23.23 -16.20
N THR B 204 12.28 23.13 -15.70
CA THR B 204 12.61 22.00 -14.82
C THR B 204 13.35 22.35 -13.55
N THR B 205 13.64 23.63 -13.34
CA THR B 205 14.42 24.06 -12.19
C THR B 205 13.73 25.16 -11.37
N LYS B 206 14.21 25.33 -10.16
CA LYS B 206 13.74 26.39 -9.28
C LYS B 206 14.25 27.73 -9.87
N ASP B 207 15.40 27.68 -10.55
CA ASP B 207 15.97 28.86 -11.19
C ASP B 207 14.94 29.41 -12.24
N ALA B 208 14.43 28.52 -13.09
CA ALA B 208 13.46 28.92 -14.12
C ALA B 208 12.12 29.29 -13.49
N ALA B 209 11.67 28.52 -12.50
CA ALA B 209 10.40 28.80 -11.83
C ALA B 209 10.39 30.21 -11.23
N GLN B 210 11.49 30.57 -10.55
CA GLN B 210 11.64 31.89 -9.94
C GLN B 210 11.78 33.01 -10.99
N TYR B 211 12.50 32.72 -12.08
CA TYR B 211 12.70 33.68 -13.17
C TYR B 211 11.37 33.99 -13.84
N VAL B 212 10.59 32.95 -14.09
CA VAL B 212 9.30 33.12 -14.69
C VAL B 212 8.34 33.80 -13.71
N ARG B 213 8.36 33.35 -12.47
CA ARG B 213 7.47 33.93 -11.45
C ARG B 213 7.67 35.42 -11.31
N ASP B 214 8.94 35.82 -11.23
CA ASP B 214 9.32 37.24 -11.05
C ASP B 214 9.38 38.07 -12.35
N GLY B 215 9.10 37.44 -13.48
CA GLY B 215 9.15 38.10 -14.76
C GLY B 215 7.91 38.92 -15.04
N ASN B 216 7.90 39.55 -16.21
CA ASN B 216 6.80 40.39 -16.63
C ASN B 216 5.70 39.65 -17.40
N ASP B 217 4.73 40.38 -17.92
CA ASP B 217 3.62 39.74 -18.61
C ASP B 217 3.96 39.17 -19.97
N TYR B 218 5.16 39.44 -20.47
CA TYR B 218 5.62 38.88 -21.76
C TYR B 218 6.33 37.52 -21.62
N LEU B 219 6.41 37.01 -20.39
CA LEU B 219 7.09 35.77 -20.12
C LEU B 219 6.16 34.71 -19.51
N ALA B 220 6.12 33.56 -20.15
CA ALA B 220 5.31 32.44 -19.66
C ALA B 220 6.14 31.16 -19.66
N ALA B 221 5.50 30.07 -19.25
CA ALA B 221 6.18 28.81 -19.20
C ALA B 221 5.20 27.66 -19.26
N THR B 222 5.67 26.55 -19.82
CA THR B 222 4.94 25.29 -19.81
C THR B 222 5.68 24.34 -18.87
N ILE B 223 4.93 23.38 -18.33
CA ILE B 223 5.49 22.41 -17.43
C ILE B 223 4.85 21.07 -17.78
N THR B 224 5.69 20.03 -17.83
CA THR B 224 5.29 18.67 -18.17
C THR B 224 4.79 17.91 -16.96
N PRO B 225 4.08 16.80 -17.19
CA PRO B 225 3.65 16.06 -16.04
C PRO B 225 4.85 15.39 -15.34
N GLN B 226 5.84 14.93 -16.10
CA GLN B 226 6.99 14.23 -15.47
C GLN B 226 7.84 15.11 -14.57
N HIS B 227 7.99 16.39 -14.92
CA HIS B 227 8.77 17.29 -14.10
C HIS B 227 8.05 17.67 -12.81
N LEU B 228 6.74 17.45 -12.75
CA LEU B 228 5.99 17.72 -11.51
C LEU B 228 5.94 16.47 -10.65
N MET B 229 5.77 15.32 -11.30
CA MET B 229 5.61 14.06 -10.60
C MET B 229 6.88 13.43 -10.10
N PHE B 230 7.98 13.65 -10.81
CA PHE B 230 9.25 13.01 -10.47
C PHE B 230 10.44 13.96 -10.38
N ASN B 231 11.52 13.38 -9.87
CA ASN B 231 12.82 14.03 -9.80
C ASN B 231 13.86 13.01 -10.32
N ARG B 232 15.11 13.42 -10.42
CA ARG B 232 16.16 12.54 -10.96
C ARG B 232 16.32 11.22 -10.18
N ASN B 233 15.97 11.20 -8.90
CA ASN B 233 16.07 9.94 -8.12
C ASN B 233 15.13 8.87 -8.67
N ASP B 234 14.00 9.31 -9.19
CA ASP B 234 13.00 8.39 -9.72
C ASP B 234 13.52 7.72 -11.01
N MET B 235 14.45 8.38 -11.67
CA MET B 235 15.05 7.86 -12.89
C MET B 235 16.30 7.04 -12.65
N LEU B 236 16.93 7.24 -11.50
CA LEU B 236 18.23 6.63 -11.24
C LEU B 236 18.45 5.79 -10.00
N VAL B 237 17.57 5.89 -9.01
CA VAL B 237 17.72 5.10 -7.79
C VAL B 237 17.06 3.74 -7.97
N GLY B 238 17.78 2.68 -7.56
CA GLY B 238 17.27 1.31 -7.66
C GLY B 238 17.12 0.77 -9.09
N GLY B 239 17.81 1.40 -10.03
CA GLY B 239 17.76 1.01 -11.45
C GLY B 239 17.70 2.25 -12.33
N ILE B 240 17.98 2.11 -13.63
CA ILE B 240 17.96 3.25 -14.51
C ILE B 240 16.72 3.09 -15.38
N ARG B 241 15.97 4.18 -15.52
CA ARG B 241 14.67 4.17 -16.21
C ARG B 241 14.61 5.07 -17.44
N PRO B 242 14.86 4.49 -18.63
CA PRO B 242 14.94 5.30 -19.83
C PRO B 242 13.63 5.96 -20.22
N HIS B 243 12.50 5.39 -19.80
CA HIS B 243 11.21 6.01 -20.12
C HIS B 243 11.00 7.31 -19.33
N LEU B 244 11.82 7.52 -18.31
CA LEU B 244 11.78 8.81 -17.57
C LEU B 244 12.88 9.76 -18.06
N TYR B 245 13.66 9.32 -19.04
CA TYR B 245 14.73 10.13 -19.61
C TYR B 245 14.17 11.04 -20.69
N CYS B 246 14.27 12.34 -20.44
CA CYS B 246 13.80 13.36 -21.34
C CYS B 246 14.67 14.59 -21.10
N LEU B 247 14.58 15.54 -22.00
CA LEU B 247 15.29 16.82 -21.89
C LEU B 247 14.25 17.93 -21.75
N PRO B 248 14.50 18.92 -20.87
CA PRO B 248 15.66 19.01 -19.99
C PRO B 248 15.59 17.87 -18.99
N ILE B 249 16.74 17.41 -18.53
CA ILE B 249 16.79 16.27 -17.66
C ILE B 249 16.10 16.51 -16.30
N LEU B 250 15.49 15.47 -15.74
CA LEU B 250 14.90 15.59 -14.41
C LEU B 250 15.97 16.08 -13.46
N LYS B 251 15.60 16.98 -12.56
CA LYS B 251 16.51 17.59 -11.62
C LYS B 251 16.31 17.10 -10.19
N ARG B 252 17.10 17.68 -9.30
CA ARG B 252 17.04 17.38 -7.88
C ARG B 252 15.62 17.62 -7.32
N ASN B 253 15.29 16.90 -6.25
CA ASN B 253 13.98 17.05 -5.60
C ASN B 253 13.59 18.49 -5.28
N ILE B 254 14.57 19.31 -4.96
CA ILE B 254 14.30 20.70 -4.60
C ILE B 254 13.71 21.48 -5.75
N HIS B 255 14.10 21.10 -6.98
CA HIS B 255 13.61 21.74 -8.18
C HIS B 255 12.18 21.29 -8.44
N GLN B 256 11.95 19.99 -8.33
CA GLN B 256 10.61 19.43 -8.48
C GLN B 256 9.66 20.16 -7.50
N GLN B 257 10.13 20.33 -6.28
CA GLN B 257 9.31 20.99 -5.26
C GLN B 257 8.93 22.41 -5.69
N ALA B 258 9.89 23.12 -6.29
CA ALA B 258 9.65 24.49 -6.73
C ALA B 258 8.62 24.54 -7.85
N LEU B 259 8.65 23.56 -8.77
CA LEU B 259 7.68 23.52 -9.85
C LEU B 259 6.29 23.21 -9.31
N ARG B 260 6.20 22.26 -8.41
CA ARG B 260 4.91 21.94 -7.79
C ARG B 260 4.32 23.14 -7.02
N GLU B 261 5.18 23.85 -6.30
CA GLU B 261 4.74 25.04 -5.55
C GLU B 261 4.28 26.16 -6.47
N LEU B 262 4.90 26.29 -7.65
CA LEU B 262 4.55 27.32 -8.63
C LEU B 262 3.15 27.05 -9.18
N VAL B 263 2.87 25.82 -9.62
CA VAL B 263 1.53 25.51 -10.13
C VAL B 263 0.48 25.56 -8.99
N ALA B 264 0.86 25.10 -7.80
CA ALA B 264 -0.06 25.12 -6.64
C ALA B 264 -0.47 26.52 -6.24
N SER B 265 0.37 27.50 -6.56
CA SER B 265 0.10 28.87 -6.20
C SER B 265 -0.95 29.51 -7.12
N GLY B 266 -1.27 28.88 -8.24
CA GLY B 266 -2.25 29.46 -9.18
C GLY B 266 -1.62 30.52 -10.07
N PHE B 267 -0.29 30.52 -10.13
CA PHE B 267 0.48 31.44 -10.96
C PHE B 267 -0.13 31.38 -12.35
N THR B 268 -0.48 32.55 -12.89
CA THR B 268 -1.23 32.61 -14.15
C THR B 268 -0.42 32.51 -15.44
N ARG B 269 0.91 32.52 -15.33
CA ARG B 269 1.76 32.46 -16.53
C ARG B 269 2.51 31.11 -16.72
N ALA B 270 1.96 30.03 -16.14
CA ALA B 270 2.45 28.67 -16.35
C ALA B 270 1.24 27.88 -16.79
N PHE B 271 1.41 27.08 -17.83
CA PHE B 271 0.33 26.30 -18.37
C PHE B 271 0.79 24.95 -18.92
N LEU B 272 -0.20 24.11 -19.18
CA LEU B 272 0.00 22.75 -19.62
C LEU B 272 0.73 22.66 -20.96
N GLY B 273 1.83 21.94 -20.92
CA GLY B 273 2.64 21.61 -22.13
C GLY B 273 3.18 20.25 -21.81
N THR B 274 2.67 19.21 -22.46
CA THR B 274 3.11 17.89 -22.10
C THR B 274 4.54 17.54 -22.51
N ASP B 275 4.96 18.09 -23.63
CA ASP B 275 6.19 17.73 -24.32
C ASP B 275 6.15 16.20 -24.59
N SER B 276 4.96 15.70 -24.94
CA SER B 276 4.83 14.29 -25.26
C SER B 276 5.78 14.10 -26.47
N ALA B 277 6.77 13.25 -26.30
CA ALA B 277 7.83 13.05 -27.30
C ALA B 277 8.06 11.57 -27.50
N PRO B 278 7.20 10.95 -28.32
CA PRO B 278 7.31 9.51 -28.48
C PRO B 278 8.46 8.93 -29.30
N HIS B 279 9.03 7.86 -28.75
CA HIS B 279 10.05 7.06 -29.41
C HIS B 279 9.68 5.58 -29.29
N SER B 280 9.99 4.77 -30.29
CA SER B 280 9.66 3.36 -30.21
C SER B 280 10.44 2.70 -29.09
N ARG B 281 9.92 1.58 -28.60
CA ARG B 281 10.58 0.86 -27.52
C ARG B 281 12.02 0.52 -27.88
N HIS B 282 12.27 0.14 -29.13
CA HIS B 282 13.61 -0.21 -29.55
C HIS B 282 14.59 0.96 -29.48
N ARG B 283 14.08 2.19 -29.53
CA ARG B 283 14.91 3.38 -29.45
C ARG B 283 15.04 3.94 -28.02
N LYS B 284 14.28 3.37 -27.10
CA LYS B 284 14.34 3.77 -25.69
C LYS B 284 15.14 2.79 -24.85
N GLU B 285 14.84 1.50 -25.02
CA GLU B 285 15.45 0.37 -24.28
C GLU B 285 16.56 -0.20 -25.13
N THR B 286 17.69 0.47 -25.06
CA THR B 286 18.84 0.12 -25.88
C THR B 286 20.09 0.74 -25.27
N SER B 287 21.24 0.52 -25.92
CA SER B 287 22.54 1.04 -25.41
C SER B 287 22.64 2.56 -25.31
N CYS B 288 21.95 3.27 -26.22
CA CYS B 288 21.90 4.72 -26.19
C CYS B 288 20.45 5.13 -26.45
N GLY B 289 19.70 5.32 -25.38
CA GLY B 289 18.29 5.63 -25.51
C GLY B 289 17.97 7.07 -25.83
N CYS B 290 16.93 7.26 -26.64
CA CYS B 290 16.48 8.59 -26.97
C CYS B 290 15.78 9.26 -25.77
N ALA B 291 15.92 10.57 -25.73
CA ALA B 291 15.26 11.38 -24.72
C ALA B 291 13.82 11.63 -25.17
N GLY B 292 12.86 11.51 -24.24
CA GLY B 292 11.44 11.80 -24.55
C GLY B 292 10.48 10.83 -23.90
N CYS B 293 9.45 11.38 -23.23
CA CYS B 293 8.44 10.63 -22.51
C CYS B 293 7.17 10.68 -23.36
N PHE B 294 6.59 9.52 -23.69
CA PHE B 294 5.32 9.47 -24.44
C PHE B 294 4.18 9.56 -23.41
N ASN B 295 3.88 10.79 -23.02
CA ASN B 295 2.91 11.02 -21.96
C ASN B 295 1.50 11.48 -22.34
N ALA B 296 1.23 11.69 -23.62
CA ALA B 296 -0.11 12.14 -24.03
C ALA B 296 -1.22 11.20 -23.51
N PRO B 297 -0.97 9.87 -23.48
CA PRO B 297 -2.06 9.04 -22.99
C PRO B 297 -2.42 9.18 -21.52
N SER B 298 -1.49 9.65 -20.68
CA SER B 298 -1.69 9.72 -19.24
C SER B 298 -1.43 11.08 -18.60
N ALA B 299 -1.09 12.08 -19.41
CA ALA B 299 -0.74 13.38 -18.88
C ALA B 299 -1.81 14.10 -18.06
N LEU B 300 -3.03 14.23 -18.59
CA LEU B 300 -4.07 15.00 -17.90
C LEU B 300 -4.40 14.49 -16.49
N GLY B 301 -4.62 13.18 -16.38
CA GLY B 301 -4.87 12.56 -15.08
C GLY B 301 -3.66 12.70 -14.15
N SER B 302 -2.47 12.70 -14.74
CA SER B 302 -1.22 12.89 -13.97
C SER B 302 -1.17 14.30 -13.41
N TYR B 303 -1.53 15.31 -14.20
CA TYR B 303 -1.56 16.68 -13.66
C TYR B 303 -2.62 16.78 -12.56
N ALA B 304 -3.80 16.17 -12.77
CA ALA B 304 -4.86 16.18 -11.74
C ALA B 304 -4.31 15.64 -10.40
N ALA B 305 -3.55 14.56 -10.48
CA ALA B 305 -2.96 13.94 -9.28
C ALA B 305 -2.05 14.88 -8.54
N VAL B 306 -1.21 15.60 -9.28
CA VAL B 306 -0.28 16.57 -8.70
C VAL B 306 -1.04 17.72 -8.04
N PHE B 307 -2.00 18.31 -8.74
CA PHE B 307 -2.79 19.38 -8.16
C PHE B 307 -3.52 18.94 -6.91
N GLU B 308 -4.03 17.70 -6.90
CA GLU B 308 -4.72 17.15 -5.74
C GLU B 308 -3.78 17.01 -4.54
N GLU B 309 -2.58 16.49 -4.80
CA GLU B 309 -1.57 16.31 -3.75
C GLU B 309 -1.10 17.65 -3.16
N MET B 310 -1.15 18.70 -3.98
CA MET B 310 -0.77 20.04 -3.53
C MET B 310 -1.96 20.82 -2.94
N ASN B 311 -3.13 20.17 -2.80
CA ASN B 311 -4.34 20.83 -2.31
C ASN B 311 -4.63 22.05 -3.17
N ALA B 312 -4.45 21.87 -4.48
CA ALA B 312 -4.59 22.97 -5.43
C ALA B 312 -5.54 22.70 -6.60
N LEU B 313 -6.51 21.81 -6.42
CA LEU B 313 -7.47 21.50 -7.50
C LEU B 313 -8.20 22.71 -8.05
N ALA B 314 -8.45 23.69 -7.21
CA ALA B 314 -9.09 24.92 -7.64
C ALA B 314 -8.31 25.62 -8.76
N HIS B 315 -7.01 25.37 -8.88
CA HIS B 315 -6.18 26.01 -9.89
C HIS B 315 -5.94 25.14 -11.11
N PHE B 316 -6.40 23.90 -11.05
CA PHE B 316 -6.20 22.93 -12.13
C PHE B 316 -6.79 23.38 -13.48
N GLU B 317 -8.04 23.81 -13.50
CA GLU B 317 -8.64 24.26 -14.76
C GLU B 317 -7.83 25.36 -15.45
N ALA B 318 -7.47 26.40 -14.69
CA ALA B 318 -6.69 27.51 -15.30
C ALA B 318 -5.41 27.02 -15.96
N PHE B 319 -4.70 26.13 -15.29
CA PHE B 319 -3.47 25.59 -15.80
C PHE B 319 -3.70 24.85 -17.11
N CYS B 320 -4.73 24.00 -17.14
CA CYS B 320 -5.01 23.18 -18.31
C CYS B 320 -5.78 23.88 -19.43
N SER B 321 -6.60 24.85 -19.07
CA SER B 321 -7.53 25.39 -20.08
C SER B 321 -7.69 26.90 -20.25
N LEU B 322 -7.08 27.70 -19.38
CA LEU B 322 -7.27 29.16 -19.44
C LEU B 322 -6.01 29.99 -19.61
N ASN B 323 -4.95 29.65 -18.88
CA ASN B 323 -3.71 30.40 -18.89
C ASN B 323 -3.01 30.46 -20.26
N GLY B 324 -2.97 29.33 -20.95
CA GLY B 324 -2.32 29.26 -22.25
C GLY B 324 -3.08 30.11 -23.26
N PRO B 325 -4.40 29.92 -23.33
CA PRO B 325 -5.16 30.77 -24.26
C PRO B 325 -4.97 32.27 -24.01
N GLN B 326 -4.98 32.66 -22.75
CA GLN B 326 -4.83 34.05 -22.38
C GLN B 326 -3.48 34.58 -22.83
N PHE B 327 -2.41 33.84 -22.58
CA PHE B 327 -1.09 34.28 -22.97
C PHE B 327 -0.96 34.38 -24.49
N TYR B 328 -1.51 33.40 -25.19
CA TYR B 328 -1.44 33.36 -26.65
C TYR B 328 -2.47 34.28 -27.30
N GLY B 329 -3.41 34.83 -26.54
CA GLY B 329 -4.43 35.71 -27.13
C GLY B 329 -5.47 34.94 -27.92
N LEU B 330 -5.76 33.71 -27.49
CA LEU B 330 -6.73 32.84 -28.11
C LEU B 330 -7.91 32.63 -27.16
N PRO B 331 -9.10 32.33 -27.73
CA PRO B 331 -10.28 32.11 -26.92
C PRO B 331 -10.20 30.77 -26.20
N MET B 332 -10.86 30.64 -25.06
CA MET B 332 -10.88 29.37 -24.36
C MET B 332 -11.79 28.44 -25.15
N ASN B 333 -11.58 27.14 -25.01
CA ASN B 333 -12.43 26.17 -25.69
C ASN B 333 -13.86 26.23 -25.15
N THR B 334 -14.82 25.84 -25.98
N THR B 334 -14.82 25.84 -25.98
CA THR B 334 -16.24 25.89 -25.61
CA THR B 334 -16.23 25.88 -25.62
C THR B 334 -16.78 24.66 -24.86
C THR B 334 -16.73 24.66 -24.82
N GLY B 335 -16.28 23.47 -25.20
CA GLY B 335 -16.72 22.22 -24.55
C GLY B 335 -16.04 21.90 -23.22
N TRP B 336 -16.32 20.69 -22.72
CA TRP B 336 -15.84 20.23 -21.42
C TRP B 336 -15.22 18.85 -21.42
N VAL B 337 -14.39 18.61 -20.41
CA VAL B 337 -13.76 17.32 -20.16
C VAL B 337 -13.95 17.01 -18.68
N GLU B 338 -14.38 15.78 -18.39
CA GLU B 338 -14.57 15.38 -17.01
C GLU B 338 -13.61 14.27 -16.62
N LEU B 339 -12.95 14.45 -15.48
N LEU B 339 -12.99 14.45 -15.46
CA LEU B 339 -12.06 13.45 -14.94
CA LEU B 339 -12.05 13.49 -14.90
C LEU B 339 -12.75 12.87 -13.71
C LEU B 339 -12.72 12.88 -13.67
N VAL B 340 -12.66 11.56 -13.56
CA VAL B 340 -13.27 10.86 -12.45
C VAL B 340 -12.18 10.16 -11.68
N ARG B 341 -12.30 10.16 -10.35
CA ARG B 341 -11.31 9.52 -9.50
C ARG B 341 -11.60 8.01 -9.49
N ASP B 342 -11.50 7.42 -10.67
N ASP B 342 -11.52 7.40 -10.66
CA ASP B 342 -11.70 5.99 -10.89
CA ASP B 342 -11.74 5.96 -10.84
C ASP B 342 -10.38 5.41 -11.34
C ASP B 342 -10.42 5.40 -11.33
N GLU B 343 -9.88 4.44 -10.58
CA GLU B 343 -8.59 3.83 -10.89
C GLU B 343 -8.57 2.93 -12.14
N GLN B 344 -7.78 3.35 -13.12
N GLN B 344 -7.77 3.33 -13.11
CA GLN B 344 -7.60 2.62 -14.36
CA GLN B 344 -7.61 2.57 -14.34
C GLN B 344 -6.12 2.31 -14.48
C GLN B 344 -6.12 2.36 -14.54
N GLN B 345 -5.76 1.40 -15.38
CA GLN B 345 -4.37 1.07 -15.62
C GLN B 345 -3.90 1.55 -16.96
N ILE B 346 -2.75 2.20 -16.98
CA ILE B 346 -2.16 2.67 -18.20
C ILE B 346 -1.62 1.43 -18.95
N PRO B 347 -1.91 1.32 -20.26
CA PRO B 347 -1.41 0.16 -21.02
C PRO B 347 0.11 0.04 -20.97
N GLY B 348 0.61 -1.18 -21.01
CA GLY B 348 2.05 -1.39 -20.99
C GLY B 348 2.68 -1.07 -22.33
N ASN B 349 1.85 -1.09 -23.38
CA ASN B 349 2.29 -0.93 -24.74
C ASN B 349 1.20 -0.35 -25.65
N ILE B 350 1.60 0.50 -26.59
CA ILE B 350 0.72 1.07 -27.61
C ILE B 350 1.33 0.62 -28.94
N ALA B 351 0.59 -0.21 -29.66
CA ALA B 351 1.09 -0.80 -30.88
C ALA B 351 1.31 0.13 -32.07
N LEU B 352 2.45 -0.04 -32.72
CA LEU B 352 2.80 0.67 -33.94
C LEU B 352 2.86 -0.44 -34.98
N ALA B 353 3.11 -0.08 -36.23
CA ALA B 353 3.21 -1.05 -37.30
C ALA B 353 4.31 -2.11 -37.07
N ASP B 354 5.55 -1.62 -36.96
N ASP B 354 5.56 -1.68 -36.98
CA ASP B 354 6.73 -2.48 -36.82
CA ASP B 354 6.68 -2.63 -36.77
C ASP B 354 7.37 -2.56 -35.43
C ASP B 354 7.34 -2.62 -35.40
N ASP B 355 6.88 -1.78 -34.47
CA ASP B 355 7.44 -1.78 -33.11
C ASP B 355 6.32 -1.32 -32.19
N SER B 356 6.66 -0.73 -31.05
CA SER B 356 5.66 -0.24 -30.11
C SER B 356 6.15 0.96 -29.33
N LEU B 357 5.21 1.62 -28.68
CA LEU B 357 5.45 2.77 -27.85
C LEU B 357 5.07 2.40 -26.43
N VAL B 358 5.93 2.77 -25.48
CA VAL B 358 5.69 2.56 -24.07
C VAL B 358 5.22 3.88 -23.50
N PRO B 359 3.98 3.92 -22.98
CA PRO B 359 3.52 5.19 -22.46
C PRO B 359 4.03 5.52 -21.09
N PHE B 360 3.99 6.83 -20.77
CA PHE B 360 4.34 7.38 -19.46
C PHE B 360 3.44 6.66 -18.45
N LEU B 361 4.07 6.08 -17.41
CA LEU B 361 3.37 5.34 -16.34
C LEU B 361 2.77 4.02 -16.82
N ALA B 362 3.36 3.44 -17.87
CA ALA B 362 2.89 2.18 -18.42
C ALA B 362 2.74 1.11 -17.35
N GLY B 363 1.58 0.45 -17.36
CA GLY B 363 1.27 -0.60 -16.42
C GLY B 363 0.84 -0.12 -15.05
N GLU B 364 0.96 1.18 -14.78
CA GLU B 364 0.59 1.69 -13.46
C GLU B 364 -0.89 2.01 -13.35
N THR B 365 -1.39 1.94 -12.11
CA THR B 365 -2.78 2.25 -11.81
C THR B 365 -2.81 3.72 -11.47
N VAL B 366 -3.57 4.49 -12.24
CA VAL B 366 -3.67 5.94 -12.03
C VAL B 366 -4.96 6.28 -11.30
N ARG B 367 -4.92 7.37 -10.54
CA ARG B 367 -6.03 7.78 -9.71
C ARG B 367 -7.17 8.50 -10.45
N TRP B 368 -6.81 9.34 -11.42
CA TRP B 368 -7.78 10.09 -12.21
C TRP B 368 -7.77 9.66 -13.65
N SER B 369 -8.96 9.51 -14.23
CA SER B 369 -9.14 9.10 -15.61
C SER B 369 -10.18 9.98 -16.24
N VAL B 370 -10.12 10.13 -17.56
CA VAL B 370 -11.09 10.93 -18.29
C VAL B 370 -12.38 10.14 -18.49
N LYS B 371 -13.51 10.81 -18.27
CA LYS B 371 -14.83 10.21 -18.44
C LYS B 371 -15.12 10.02 -19.92
N SER C 29 -56.44 -6.47 31.78
CA SER C 29 -55.35 -6.64 30.77
C SER C 29 -55.92 -6.84 29.37
N GLN C 30 -55.37 -6.08 28.42
CA GLN C 30 -55.80 -6.13 27.03
C GLN C 30 -55.63 -7.54 26.45
N VAL C 31 -56.68 -8.06 25.81
CA VAL C 31 -56.64 -9.40 25.19
C VAL C 31 -56.75 -9.27 23.67
N LEU C 32 -55.84 -9.93 22.98
CA LEU C 32 -55.80 -9.86 21.53
C LEU C 32 -56.06 -11.28 20.99
N LYS C 33 -57.21 -11.47 20.35
CA LYS C 33 -57.56 -12.79 19.82
C LYS C 33 -57.34 -12.79 18.31
N ILE C 34 -56.56 -13.74 17.84
CA ILE C 34 -56.29 -13.85 16.41
C ILE C 34 -56.50 -15.24 15.90
N ARG C 35 -56.77 -15.30 14.60
CA ARG C 35 -56.84 -16.56 13.95
C ARG C 35 -55.52 -17.28 14.21
N ARG C 36 -55.58 -18.58 14.45
CA ARG C 36 -54.41 -19.40 14.75
C ARG C 36 -53.34 -19.12 13.69
N PRO C 37 -52.13 -18.72 14.13
CA PRO C 37 -51.16 -18.37 13.09
C PRO C 37 -50.43 -19.53 12.44
N ASP C 38 -49.51 -19.21 11.53
CA ASP C 38 -48.63 -20.18 10.90
C ASP C 38 -47.23 -19.58 10.93
N ASP C 39 -46.21 -20.43 10.95
CA ASP C 39 -44.83 -19.97 10.93
C ASP C 39 -44.27 -20.37 9.55
N TRP C 40 -44.07 -19.39 8.66
CA TRP C 40 -43.61 -19.70 7.30
C TRP C 40 -42.12 -19.93 7.14
N HIS C 41 -41.40 -20.14 8.23
CA HIS C 41 -39.97 -20.38 8.17
C HIS C 41 -39.45 -20.86 9.52
N VAL C 42 -39.31 -22.16 9.72
CA VAL C 42 -38.82 -22.67 10.99
C VAL C 42 -37.78 -23.79 10.80
N HIS C 43 -36.89 -23.94 11.78
CA HIS C 43 -35.91 -25.01 11.82
C HIS C 43 -36.25 -25.87 13.02
N LEU C 44 -36.62 -27.13 12.80
CA LEU C 44 -36.96 -28.00 13.94
C LEU C 44 -35.82 -28.92 14.38
N ARG C 45 -34.74 -28.95 13.59
CA ARG C 45 -33.59 -29.78 13.86
C ARG C 45 -33.97 -31.27 13.88
N ASP C 46 -33.30 -32.06 14.71
CA ASP C 46 -33.56 -33.49 14.74
C ASP C 46 -33.17 -34.06 16.10
N GLY C 47 -33.45 -35.35 16.32
CA GLY C 47 -33.11 -36.02 17.58
C GLY C 47 -33.69 -35.37 18.83
N ASP C 48 -32.89 -35.29 19.87
CA ASP C 48 -33.30 -34.69 21.16
C ASP C 48 -33.70 -33.21 21.07
N MET C 49 -33.01 -32.46 20.21
CA MET C 49 -33.30 -31.05 20.03
C MET C 49 -34.73 -30.91 19.46
N LEU C 50 -35.03 -31.70 18.43
CA LEU C 50 -36.36 -31.69 17.80
C LEU C 50 -37.48 -32.00 18.82
N LYS C 51 -37.25 -32.95 19.71
CA LYS C 51 -38.25 -33.31 20.70
C LYS C 51 -38.51 -32.16 21.67
N THR C 52 -37.46 -31.43 21.98
CA THR C 52 -37.57 -30.29 22.88
C THR C 52 -38.18 -29.05 22.19
N VAL C 53 -37.84 -28.79 20.95
CA VAL C 53 -38.31 -27.55 20.30
C VAL C 53 -39.64 -27.64 19.55
N VAL C 54 -39.98 -28.81 19.03
CA VAL C 54 -41.24 -28.93 18.27
C VAL C 54 -42.47 -28.39 19.04
N PRO C 55 -42.62 -28.75 20.33
CA PRO C 55 -43.78 -28.29 21.12
C PRO C 55 -43.99 -26.77 21.12
N TYR C 56 -42.90 -26.00 21.11
CA TYR C 56 -43.00 -24.53 21.08
C TYR C 56 -43.64 -24.03 19.81
N THR C 57 -43.44 -24.76 18.72
CA THR C 57 -44.07 -24.41 17.47
C THR C 57 -45.48 -25.02 17.33
N SER C 58 -45.61 -26.31 17.66
CA SER C 58 -46.90 -26.98 17.49
C SER C 58 -48.02 -26.46 18.39
N GLU C 59 -47.69 -25.99 19.58
CA GLU C 59 -48.73 -25.48 20.47
C GLU C 59 -49.46 -24.27 19.87
N ILE C 60 -48.68 -23.42 19.22
CA ILE C 60 -49.16 -22.13 18.72
C ILE C 60 -49.55 -22.02 17.26
N TYR C 61 -48.79 -22.66 16.39
CA TYR C 61 -48.98 -22.56 14.93
C TYR C 61 -49.71 -23.73 14.30
N GLY C 62 -50.61 -23.43 13.36
CA GLY C 62 -51.38 -24.48 12.70
C GLY C 62 -50.49 -25.24 11.74
N ARG C 63 -49.63 -24.51 11.05
CA ARG C 63 -48.70 -25.06 10.07
C ARG C 63 -47.38 -24.35 10.16
N ALA C 64 -46.32 -25.02 9.74
CA ALA C 64 -45.01 -24.43 9.70
C ALA C 64 -44.24 -24.99 8.50
N ILE C 65 -43.47 -24.10 7.88
CA ILE C 65 -42.63 -24.48 6.76
C ILE C 65 -41.33 -24.97 7.44
N VAL C 66 -41.11 -26.29 7.44
CA VAL C 66 -39.97 -26.91 8.08
C VAL C 66 -38.82 -26.90 7.11
N MET C 67 -37.76 -26.16 7.46
CA MET C 67 -36.59 -26.02 6.59
C MET C 67 -35.85 -27.35 6.49
N PRO C 68 -35.17 -27.58 5.33
CA PRO C 68 -34.55 -28.86 5.03
C PRO C 68 -33.04 -29.00 5.33
N ASN C 69 -32.43 -28.01 5.98
CA ASN C 69 -30.99 -28.04 6.26
C ASN C 69 -30.51 -28.90 7.44
N LEU C 70 -30.86 -30.19 7.42
CA LEU C 70 -30.35 -31.11 8.45
C LEU C 70 -28.92 -31.51 8.07
N ALA C 71 -28.21 -32.20 8.97
CA ALA C 71 -26.83 -32.65 8.75
C ALA C 71 -26.74 -33.25 7.35
N SER C 72 -27.70 -34.10 7.03
N SER C 72 -27.72 -34.10 7.04
CA SER C 72 -27.81 -34.70 5.71
CA SER C 72 -27.86 -34.70 5.74
C SER C 72 -29.06 -34.04 5.14
C SER C 72 -29.09 -34.01 5.17
N PRO C 73 -28.89 -33.04 4.27
CA PRO C 73 -30.03 -32.27 3.73
C PRO C 73 -31.20 -33.09 3.20
N ILE C 74 -32.41 -32.56 3.37
CA ILE C 74 -33.62 -33.21 2.90
C ILE C 74 -33.75 -32.97 1.40
N THR C 75 -33.23 -33.90 0.62
CA THR C 75 -33.22 -33.82 -0.85
C THR C 75 -33.99 -34.94 -1.56
N THR C 76 -34.62 -35.82 -0.79
CA THR C 76 -35.38 -36.94 -1.35
C THR C 76 -36.73 -37.04 -0.65
N VAL C 77 -37.69 -37.65 -1.34
CA VAL C 77 -39.03 -37.80 -0.79
C VAL C 77 -39.00 -38.73 0.43
N ASP C 78 -38.27 -39.83 0.34
CA ASP C 78 -38.21 -40.77 1.47
C ASP C 78 -37.59 -40.13 2.71
N ALA C 79 -36.58 -39.28 2.52
CA ALA C 79 -35.92 -38.61 3.63
C ALA C 79 -36.90 -37.64 4.31
N ALA C 80 -37.70 -36.97 3.49
CA ALA C 80 -38.69 -36.04 3.97
C ALA C 80 -39.79 -36.74 4.75
N ILE C 81 -40.25 -37.87 4.24
CA ILE C 81 -41.31 -38.64 4.90
C ILE C 81 -40.79 -39.12 6.26
N ALA C 82 -39.56 -39.63 6.30
CA ALA C 82 -38.99 -40.12 7.56
C ALA C 82 -38.87 -38.98 8.57
N TYR C 83 -38.40 -37.83 8.11
CA TYR C 83 -38.24 -36.64 8.97
C TYR C 83 -39.57 -36.11 9.46
N ARG C 84 -40.53 -36.02 8.56
CA ARG C 84 -41.85 -35.60 8.95
C ARG C 84 -42.41 -36.51 10.06
N GLN C 85 -42.19 -37.82 9.94
CA GLN C 85 -42.67 -38.75 10.96
C GLN C 85 -41.98 -38.49 12.30
N ARG C 86 -40.68 -38.15 12.28
CA ARG C 86 -39.95 -37.87 13.52
C ARG C 86 -40.53 -36.61 14.17
N ILE C 87 -40.95 -35.66 13.33
CA ILE C 87 -41.57 -34.43 13.81
C ILE C 87 -42.92 -34.76 14.44
N LEU C 88 -43.73 -35.50 13.73
CA LEU C 88 -45.06 -35.94 14.24
C LEU C 88 -44.94 -36.71 15.56
N ASP C 89 -43.95 -37.58 15.67
CA ASP C 89 -43.69 -38.35 16.91
C ASP C 89 -43.51 -37.40 18.10
N ALA C 90 -42.95 -36.22 17.84
CA ALA C 90 -42.69 -35.24 18.88
C ALA C 90 -43.82 -34.26 19.18
N VAL C 91 -44.86 -34.22 18.34
CA VAL C 91 -45.98 -33.30 18.56
C VAL C 91 -46.92 -33.81 19.65
N PRO C 92 -47.10 -33.01 20.72
CA PRO C 92 -48.01 -33.41 21.79
C PRO C 92 -49.44 -33.63 21.31
N ALA C 93 -50.11 -34.61 21.88
CA ALA C 93 -51.48 -34.91 21.51
C ALA C 93 -52.35 -33.70 21.83
N GLY C 94 -53.17 -33.29 20.87
CA GLY C 94 -54.07 -32.15 21.06
C GLY C 94 -53.62 -30.90 20.33
N HIS C 95 -52.37 -30.88 19.87
CA HIS C 95 -51.82 -29.76 19.12
C HIS C 95 -52.27 -29.85 17.67
N ASP C 96 -53.03 -28.87 17.22
CA ASP C 96 -53.49 -28.85 15.84
C ASP C 96 -52.35 -28.26 15.01
N PHE C 97 -51.43 -29.14 14.62
CA PHE C 97 -50.23 -28.73 13.87
C PHE C 97 -49.87 -29.69 12.73
N THR C 98 -49.58 -29.11 11.57
CA THR C 98 -49.19 -29.85 10.36
C THR C 98 -47.87 -29.30 9.85
N PRO C 99 -46.79 -30.12 9.92
CA PRO C 99 -45.54 -29.61 9.39
C PRO C 99 -45.56 -29.69 7.85
N LEU C 100 -45.17 -28.60 7.21
CA LEU C 100 -45.08 -28.51 5.76
C LEU C 100 -43.60 -28.66 5.41
N MET C 101 -43.26 -29.74 4.72
CA MET C 101 -41.86 -30.03 4.41
C MET C 101 -41.34 -29.31 3.16
N THR C 102 -40.04 -29.14 3.11
CA THR C 102 -39.41 -28.50 1.98
C THR C 102 -38.27 -29.33 1.46
N CYS C 103 -37.95 -29.12 0.20
CA CYS C 103 -36.84 -29.79 -0.45
C CYS C 103 -35.64 -28.85 -0.54
N TYR C 104 -34.48 -29.32 -0.04
CA TYR C 104 -33.22 -28.59 -0.10
C TYR C 104 -32.68 -28.61 -1.53
N LEU C 105 -32.63 -27.46 -2.19
CA LEU C 105 -32.13 -27.43 -3.56
C LEU C 105 -30.62 -27.65 -3.62
N THR C 106 -30.19 -28.45 -4.59
CA THR C 106 -28.78 -28.71 -4.80
C THR C 106 -28.55 -28.65 -6.29
N ASP C 107 -27.30 -28.42 -6.69
CA ASP C 107 -26.97 -28.32 -8.12
C ASP C 107 -27.38 -29.54 -8.92
N SER C 108 -27.27 -30.72 -8.33
CA SER C 108 -27.55 -31.97 -9.06
C SER C 108 -28.92 -32.60 -8.80
N LEU C 109 -29.74 -31.94 -7.99
CA LEU C 109 -31.08 -32.44 -7.70
C LEU C 109 -31.84 -32.67 -8.99
N ASP C 110 -32.49 -33.83 -9.11
N ASP C 110 -32.52 -33.82 -9.06
CA ASP C 110 -33.30 -34.12 -10.29
CA ASP C 110 -33.34 -34.16 -10.22
C ASP C 110 -34.68 -33.53 -10.06
C ASP C 110 -34.70 -33.52 -10.03
N ALA C 111 -35.19 -32.84 -11.06
CA ALA C 111 -36.50 -32.19 -10.99
C ALA C 111 -37.59 -33.20 -10.63
N ASP C 112 -37.42 -34.44 -11.07
CA ASP C 112 -38.38 -35.51 -10.82
C ASP C 112 -38.57 -35.86 -9.34
N GLU C 113 -37.51 -35.74 -8.54
CA GLU C 113 -37.59 -36.06 -7.11
C GLU C 113 -38.45 -35.02 -6.40
N LEU C 114 -38.25 -33.75 -6.76
CA LEU C 114 -39.03 -32.66 -6.19
C LEU C 114 -40.47 -32.71 -6.72
N GLU C 115 -40.65 -33.02 -7.99
CA GLU C 115 -42.00 -33.07 -8.56
C GLU C 115 -42.83 -34.18 -7.89
N ARG C 116 -42.25 -35.37 -7.73
CA ARG C 116 -42.95 -36.49 -7.11
C ARG C 116 -43.33 -36.14 -5.65
N GLY C 117 -42.39 -35.58 -4.91
CA GLY C 117 -42.65 -35.17 -3.52
C GLY C 117 -43.78 -34.14 -3.42
N PHE C 118 -43.84 -33.26 -4.42
CA PHE C 118 -44.89 -32.25 -4.50
C PHE C 118 -46.24 -32.92 -4.72
N HIS C 119 -46.29 -33.81 -5.71
CA HIS C 119 -47.52 -34.53 -6.01
C HIS C 119 -47.96 -35.48 -4.90
N GLU C 120 -47.01 -36.03 -4.15
CA GLU C 120 -47.34 -36.94 -3.06
C GLU C 120 -47.75 -36.21 -1.77
N GLY C 121 -47.70 -34.88 -1.79
CA GLY C 121 -48.08 -34.05 -0.62
C GLY C 121 -47.01 -33.95 0.43
N VAL C 122 -45.79 -34.31 0.04
CA VAL C 122 -44.65 -34.28 0.96
C VAL C 122 -44.01 -32.87 0.90
N PHE C 123 -43.63 -32.40 -0.29
CA PHE C 123 -43.03 -31.07 -0.45
C PHE C 123 -44.03 -29.97 -0.79
N THR C 124 -44.04 -28.93 0.04
CA THR C 124 -44.86 -27.75 -0.14
C THR C 124 -44.06 -26.70 -0.92
N ALA C 125 -42.73 -26.74 -0.78
CA ALA C 125 -41.85 -25.77 -1.44
C ALA C 125 -40.39 -26.26 -1.49
N ALA C 126 -39.53 -25.49 -2.15
CA ALA C 126 -38.11 -25.80 -2.29
C ALA C 126 -37.31 -24.61 -1.84
N KCX C 127 -36.25 -24.87 -1.06
CA KCX C 127 -35.42 -23.84 -0.47
CB KCX C 127 -35.20 -24.17 1.01
CG KCX C 127 -34.38 -23.16 1.80
CD KCX C 127 -35.09 -21.85 1.91
CE KCX C 127 -34.38 -20.88 2.83
NZ KCX C 127 -34.27 -21.42 4.24
C KCX C 127 -34.07 -23.75 -1.14
O KCX C 127 -33.36 -24.76 -1.27
CX KCX C 127 -33.54 -20.78 5.14
OQ1 KCX C 127 -33.00 -19.73 4.76
OQ2 KCX C 127 -33.40 -21.21 6.32
N LEU C 128 -33.70 -22.53 -1.50
CA LEU C 128 -32.44 -22.22 -2.15
C LEU C 128 -31.48 -21.61 -1.14
N TYR C 129 -30.43 -22.35 -0.81
CA TYR C 129 -29.37 -21.89 0.09
C TYR C 129 -28.13 -21.71 -0.75
N PRO C 130 -27.63 -20.48 -0.84
CA PRO C 130 -26.38 -20.32 -1.57
C PRO C 130 -25.32 -21.10 -0.77
N ALA C 131 -24.47 -21.83 -1.48
CA ALA C 131 -23.42 -22.63 -0.82
C ALA C 131 -22.70 -21.83 0.26
N ASN C 132 -22.71 -22.35 1.48
CA ASN C 132 -22.02 -21.75 2.63
C ASN C 132 -22.60 -20.44 3.17
N ALA C 133 -23.87 -20.18 2.87
CA ALA C 133 -24.53 -18.97 3.33
C ALA C 133 -24.84 -19.03 4.83
N THR C 134 -25.20 -20.21 5.33
CA THR C 134 -25.58 -20.35 6.74
C THR C 134 -25.40 -21.81 7.23
N THR C 135 -26.11 -22.17 8.30
CA THR C 135 -26.04 -23.49 8.92
C THR C 135 -26.34 -24.64 7.95
N ASN C 136 -25.46 -25.64 7.93
CA ASN C 136 -25.60 -26.82 7.08
C ASN C 136 -25.92 -26.46 5.63
N SER C 137 -25.13 -25.54 5.07
CA SER C 137 -25.33 -25.08 3.70
C SER C 137 -24.16 -25.42 2.76
N SER C 138 -23.24 -26.28 3.20
CA SER C 138 -22.09 -26.65 2.37
C SER C 138 -22.52 -27.31 1.06
N HIS C 139 -23.67 -28.00 1.08
CA HIS C 139 -24.24 -28.68 -0.10
C HIS C 139 -25.16 -27.77 -0.92
N GLY C 140 -25.22 -26.49 -0.55
CA GLY C 140 -26.06 -25.50 -1.21
C GLY C 140 -25.80 -25.26 -2.69
N VAL C 141 -26.67 -24.45 -3.30
CA VAL C 141 -26.59 -24.15 -4.72
C VAL C 141 -25.42 -23.24 -5.03
N THR C 142 -24.67 -23.54 -6.09
CA THR C 142 -23.53 -22.71 -6.46
C THR C 142 -23.82 -21.75 -7.60
N SER C 143 -24.88 -22.02 -8.36
CA SER C 143 -25.27 -21.13 -9.45
C SER C 143 -26.73 -21.38 -9.82
N VAL C 144 -27.43 -20.33 -10.18
CA VAL C 144 -28.83 -20.44 -10.60
C VAL C 144 -28.88 -21.20 -11.93
N ASP C 145 -27.84 -21.10 -12.75
CA ASP C 145 -27.82 -21.85 -14.02
C ASP C 145 -27.85 -23.35 -13.78
N ALA C 146 -27.12 -23.82 -12.76
CA ALA C 146 -27.05 -25.26 -12.47
C ALA C 146 -28.41 -25.89 -12.12
N ILE C 147 -29.29 -25.13 -11.48
CA ILE C 147 -30.61 -25.62 -11.09
C ILE C 147 -31.76 -25.04 -11.93
N MET C 148 -31.43 -24.43 -13.07
CA MET C 148 -32.45 -23.82 -13.89
C MET C 148 -33.56 -24.81 -14.30
N PRO C 149 -33.19 -26.04 -14.69
CA PRO C 149 -34.27 -26.99 -15.06
C PRO C 149 -35.26 -27.24 -13.92
N VAL C 150 -34.76 -27.31 -12.68
CA VAL C 150 -35.61 -27.50 -11.51
C VAL C 150 -36.51 -26.29 -11.33
N LEU C 151 -35.91 -25.10 -11.42
CA LEU C 151 -36.67 -23.84 -11.25
C LEU C 151 -37.78 -23.71 -12.31
N GLU C 152 -37.47 -24.12 -13.54
CA GLU C 152 -38.43 -24.09 -14.64
C GLU C 152 -39.59 -25.07 -14.39
N ARG C 153 -39.29 -26.22 -13.79
CA ARG C 153 -40.35 -27.18 -13.46
C ARG C 153 -41.15 -26.65 -12.27
N MET C 154 -40.48 -25.97 -11.34
CA MET C 154 -41.20 -25.37 -10.20
C MET C 154 -42.17 -24.32 -10.70
N GLU C 155 -41.75 -23.55 -11.70
CA GLU C 155 -42.58 -22.50 -12.28
C GLU C 155 -43.83 -23.07 -12.93
N LYS C 156 -43.67 -24.16 -13.71
CA LYS C 156 -44.80 -24.79 -14.37
C LYS C 156 -45.75 -25.48 -13.38
N LEU C 157 -45.20 -26.03 -12.30
CA LEU C 157 -46.02 -26.73 -11.32
C LEU C 157 -46.61 -25.83 -10.23
N GLY C 158 -46.08 -24.61 -10.11
CA GLY C 158 -46.59 -23.70 -9.08
C GLY C 158 -46.01 -23.99 -7.71
N ILE C 159 -44.77 -24.51 -7.68
CA ILE C 159 -44.09 -24.80 -6.41
C ILE C 159 -43.32 -23.52 -6.08
N PRO C 160 -43.55 -22.95 -4.88
CA PRO C 160 -42.84 -21.75 -4.53
C PRO C 160 -41.37 -21.95 -4.22
N LEU C 161 -40.56 -20.95 -4.56
CA LEU C 161 -39.13 -20.95 -4.28
C LEU C 161 -38.88 -20.08 -3.05
N LEU C 162 -38.30 -20.66 -2.01
CA LEU C 162 -37.97 -19.93 -0.79
C LEU C 162 -36.46 -19.65 -0.93
N VAL C 163 -36.06 -18.42 -0.73
CA VAL C 163 -34.66 -18.05 -0.95
C VAL C 163 -33.99 -17.41 0.23
N HIS C 164 -32.80 -17.92 0.56
CA HIS C 164 -31.95 -17.33 1.58
C HIS C 164 -31.08 -16.43 0.70
N GLY C 165 -31.50 -15.17 0.60
CA GLY C 165 -30.89 -14.19 -0.29
C GLY C 165 -29.64 -13.46 0.14
N GLU C 166 -28.52 -14.17 0.13
CA GLU C 166 -27.21 -13.58 0.45
C GLU C 166 -26.15 -14.11 -0.48
N VAL C 167 -25.27 -13.24 -0.95
CA VAL C 167 -24.14 -13.70 -1.74
C VAL C 167 -23.15 -14.19 -0.68
N THR C 168 -22.18 -15.00 -1.09
CA THR C 168 -21.20 -15.54 -0.15
C THR C 168 -19.75 -15.29 -0.48
N HIS C 169 -19.47 -14.50 -1.51
CA HIS C 169 -18.08 -14.23 -1.87
C HIS C 169 -17.33 -13.60 -0.69
N ALA C 170 -16.15 -14.13 -0.39
CA ALA C 170 -15.31 -13.67 0.71
C ALA C 170 -15.04 -12.15 0.69
N ASP C 171 -14.94 -11.57 -0.49
CA ASP C 171 -14.66 -10.14 -0.62
C ASP C 171 -15.85 -9.23 -0.31
N VAL C 172 -17.07 -9.75 -0.30
CA VAL C 172 -18.24 -8.93 -0.03
C VAL C 172 -18.46 -8.82 1.49
N ASP C 173 -18.49 -7.59 1.97
CA ASP C 173 -18.72 -7.33 3.39
C ASP C 173 -20.04 -7.97 3.82
N ILE C 174 -20.02 -8.62 4.98
CA ILE C 174 -21.23 -9.33 5.47
C ILE C 174 -22.52 -8.48 5.49
N PHE C 175 -22.41 -7.17 5.78
CA PHE C 175 -23.57 -6.29 5.84
C PHE C 175 -24.11 -5.90 4.50
N ASP C 176 -23.36 -6.18 3.44
CA ASP C 176 -23.79 -5.89 2.06
C ASP C 176 -24.30 -7.09 1.29
N ARG C 177 -24.19 -8.29 1.87
CA ARG C 177 -24.54 -9.53 1.19
C ARG C 177 -25.98 -9.64 0.68
N GLU C 178 -26.93 -9.15 1.47
CA GLU C 178 -28.33 -9.20 1.06
C GLU C 178 -28.59 -8.26 -0.10
N ALA C 179 -28.14 -7.01 0.02
CA ALA C 179 -28.35 -6.04 -1.05
C ALA C 179 -27.72 -6.49 -2.36
N ARG C 180 -26.53 -7.07 -2.28
CA ARG C 180 -25.81 -7.54 -3.47
C ARG C 180 -26.55 -8.68 -4.15
N PHE C 181 -27.16 -9.54 -3.34
CA PHE C 181 -27.92 -10.67 -3.86
C PHE C 181 -29.10 -10.20 -4.74
N ILE C 182 -29.82 -9.19 -4.27
CA ILE C 182 -30.95 -8.62 -5.02
C ILE C 182 -30.54 -8.27 -6.45
N ASP C 183 -29.44 -7.50 -6.57
CA ASP C 183 -28.97 -7.04 -7.87
C ASP C 183 -28.33 -8.11 -8.74
N THR C 184 -27.49 -8.96 -8.14
CA THR C 184 -26.74 -9.96 -8.90
C THR C 184 -27.44 -11.30 -9.11
N VAL C 185 -28.36 -11.66 -8.22
CA VAL C 185 -29.03 -12.94 -8.36
C VAL C 185 -30.56 -12.90 -8.45
N MET C 186 -31.20 -12.24 -7.50
CA MET C 186 -32.65 -12.24 -7.44
C MET C 186 -33.34 -11.62 -8.65
N GLU C 187 -32.94 -10.41 -9.01
CA GLU C 187 -33.55 -9.70 -10.12
C GLU C 187 -33.39 -10.45 -11.46
N PRO C 188 -32.15 -10.92 -11.79
CA PRO C 188 -31.99 -11.69 -13.04
C PRO C 188 -32.81 -12.96 -13.04
N LEU C 189 -32.85 -13.65 -11.91
CA LEU C 189 -33.64 -14.88 -11.76
C LEU C 189 -35.14 -14.61 -12.03
N ARG C 190 -35.69 -13.60 -11.37
CA ARG C 190 -37.11 -13.25 -11.52
C ARG C 190 -37.46 -12.76 -12.91
N GLN C 191 -36.52 -12.11 -13.58
CA GLN C 191 -36.73 -11.66 -14.96
C GLN C 191 -36.76 -12.85 -15.91
N ARG C 192 -36.09 -13.94 -15.53
CA ARG C 192 -36.02 -15.16 -16.33
C ARG C 192 -37.27 -16.04 -16.15
N LEU C 193 -37.71 -16.16 -14.90
CA LEU C 193 -38.84 -16.98 -14.50
C LEU C 193 -39.92 -16.04 -13.97
N THR C 194 -40.65 -15.42 -14.90
CA THR C 194 -41.67 -14.42 -14.55
C THR C 194 -42.93 -14.93 -13.83
N ALA C 195 -43.19 -16.23 -13.86
CA ALA C 195 -44.37 -16.76 -13.16
C ALA C 195 -44.02 -17.66 -11.97
N LEU C 196 -42.76 -17.61 -11.54
CA LEU C 196 -42.31 -18.42 -10.42
C LEU C 196 -42.62 -17.67 -9.12
N LYS C 197 -43.26 -18.33 -8.17
CA LYS C 197 -43.56 -17.71 -6.87
C LYS C 197 -42.28 -17.76 -6.05
N VAL C 198 -41.84 -16.60 -5.54
CA VAL C 198 -40.61 -16.52 -4.79
C VAL C 198 -40.87 -15.84 -3.46
N VAL C 199 -40.38 -16.42 -2.37
CA VAL C 199 -40.46 -15.79 -1.05
C VAL C 199 -39.02 -15.43 -0.70
N PHE C 200 -38.79 -14.13 -0.48
CA PHE C 200 -37.49 -13.60 -0.09
C PHE C 200 -37.53 -13.81 1.42
N GLU C 201 -36.87 -14.85 1.89
CA GLU C 201 -36.90 -15.15 3.30
C GLU C 201 -36.19 -14.16 4.20
N HIS C 202 -36.69 -14.07 5.43
CA HIS C 202 -36.13 -13.22 6.44
C HIS C 202 -35.36 -12.02 5.89
N ILE C 203 -36.10 -11.05 5.37
CA ILE C 203 -35.48 -9.84 4.85
C ILE C 203 -34.99 -8.98 6.04
N THR C 204 -33.87 -8.29 5.82
CA THR C 204 -33.25 -7.55 6.88
C THR C 204 -32.83 -6.15 6.48
N THR C 205 -33.11 -5.79 5.22
CA THR C 205 -32.69 -4.51 4.70
C THR C 205 -33.79 -3.67 4.09
N LYS C 206 -33.54 -2.36 4.04
CA LYS C 206 -34.43 -1.40 3.42
C LYS C 206 -34.41 -1.72 1.92
N ASP C 207 -33.26 -2.22 1.47
CA ASP C 207 -33.07 -2.62 0.08
C ASP C 207 -34.09 -3.71 -0.29
N ALA C 208 -34.15 -4.74 0.55
CA ALA C 208 -35.08 -5.85 0.32
C ALA C 208 -36.53 -5.43 0.58
N ALA C 209 -36.75 -4.63 1.63
CA ALA C 209 -38.08 -4.18 1.97
C ALA C 209 -38.71 -3.41 0.79
N GLN C 210 -37.95 -2.49 0.19
CA GLN C 210 -38.43 -1.72 -0.95
C GLN C 210 -38.57 -2.59 -2.20
N TYR C 211 -37.63 -3.52 -2.39
CA TYR C 211 -37.69 -4.42 -3.55
C TYR C 211 -38.96 -5.25 -3.52
N VAL C 212 -39.29 -5.80 -2.36
CA VAL C 212 -40.49 -6.61 -2.23
C VAL C 212 -41.76 -5.72 -2.33
N ARG C 213 -41.73 -4.58 -1.64
N ARG C 213 -41.77 -4.58 -1.62
CA ARG C 213 -42.86 -3.64 -1.64
CA ARG C 213 -42.92 -3.67 -1.68
C ARG C 213 -43.21 -3.21 -3.07
C ARG C 213 -43.23 -3.24 -3.10
N ASP C 214 -42.17 -2.95 -3.87
CA ASP C 214 -42.35 -2.53 -5.26
C ASP C 214 -42.45 -3.67 -6.26
N GLY C 215 -42.30 -4.91 -5.80
CA GLY C 215 -42.38 -6.07 -6.69
C GLY C 215 -43.80 -6.46 -7.09
N ASN C 216 -43.92 -7.40 -8.03
CA ASN C 216 -45.23 -7.87 -8.49
C ASN C 216 -45.81 -8.91 -7.51
N ASP C 217 -47.01 -9.42 -7.81
CA ASP C 217 -47.68 -10.37 -6.94
C ASP C 217 -47.01 -11.75 -6.80
N TYR C 218 -45.96 -11.99 -7.56
CA TYR C 218 -45.24 -13.27 -7.48
C TYR C 218 -44.12 -13.24 -6.49
N LEU C 219 -43.96 -12.12 -5.79
CA LEU C 219 -42.89 -11.95 -4.84
C LEU C 219 -43.42 -11.62 -3.45
N ALA C 220 -42.88 -12.30 -2.45
CA ALA C 220 -43.28 -12.06 -1.05
C ALA C 220 -42.05 -12.21 -0.20
N ALA C 221 -42.21 -12.00 1.11
CA ALA C 221 -41.10 -12.12 2.04
C ALA C 221 -41.60 -12.48 3.41
N THR C 222 -40.69 -13.04 4.21
CA THR C 222 -40.94 -13.30 5.59
C THR C 222 -40.05 -12.37 6.40
N ILE C 223 -40.47 -12.08 7.61
CA ILE C 223 -39.72 -11.21 8.49
C ILE C 223 -39.74 -11.80 9.90
N THR C 224 -38.55 -11.96 10.48
CA THR C 224 -38.37 -12.55 11.80
C THR C 224 -38.69 -11.52 12.88
N PRO C 225 -38.87 -11.98 14.13
CA PRO C 225 -39.06 -10.99 15.20
C PRO C 225 -37.78 -10.21 15.53
N GLN C 226 -36.62 -10.87 15.49
CA GLN C 226 -35.38 -10.18 15.82
C GLN C 226 -35.03 -9.01 14.88
N HIS C 227 -35.28 -9.17 13.58
CA HIS C 227 -34.99 -8.09 12.63
C HIS C 227 -35.94 -6.89 12.80
N LEU C 228 -37.06 -7.08 13.49
CA LEU C 228 -37.99 -6.00 13.78
C LEU C 228 -37.66 -5.35 15.10
N MET C 229 -37.24 -6.15 16.07
CA MET C 229 -36.99 -5.63 17.41
C MET C 229 -35.62 -5.06 17.64
N PHE C 230 -34.65 -5.54 16.88
CA PHE C 230 -33.25 -5.14 17.06
C PHE C 230 -32.50 -4.71 15.83
N ASN C 231 -31.34 -4.07 16.06
CA ASN C 231 -30.42 -3.70 14.99
C ASN C 231 -29.03 -4.20 15.48
N ARG C 232 -28.00 -4.03 14.68
CA ARG C 232 -26.66 -4.55 15.05
C ARG C 232 -26.06 -3.99 16.35
N ASN C 233 -26.45 -2.78 16.74
CA ASN C 233 -25.97 -2.22 18.02
C ASN C 233 -26.37 -3.08 19.21
N ASP C 234 -27.57 -3.64 19.15
CA ASP C 234 -28.07 -4.49 20.23
C ASP C 234 -27.23 -5.76 20.40
N MET C 235 -26.58 -6.21 19.32
CA MET C 235 -25.73 -7.38 19.37
C MET C 235 -24.28 -7.08 19.76
N LEU C 236 -23.82 -5.85 19.48
CA LEU C 236 -22.40 -5.46 19.64
C LEU C 236 -22.04 -4.35 20.66
N VAL C 237 -23.01 -3.53 21.05
CA VAL C 237 -22.72 -2.46 21.99
C VAL C 237 -22.79 -2.93 23.44
N GLY C 238 -21.71 -2.65 24.15
CA GLY C 238 -21.58 -2.96 25.58
C GLY C 238 -21.36 -4.43 25.85
N GLY C 239 -20.98 -5.17 24.83
CA GLY C 239 -20.74 -6.62 24.93
C GLY C 239 -21.16 -7.27 23.64
N ILE C 240 -20.65 -8.47 23.39
CA ILE C 240 -21.02 -9.23 22.18
C ILE C 240 -22.03 -10.31 22.59
N ARG C 241 -23.17 -10.32 21.90
CA ARG C 241 -24.28 -11.23 22.24
C ARG C 241 -24.55 -12.30 21.18
N PRO C 242 -23.92 -13.47 21.33
CA PRO C 242 -24.10 -14.55 20.33
C PRO C 242 -25.55 -15.01 20.17
N HIS C 243 -26.40 -14.78 21.16
CA HIS C 243 -27.79 -15.23 21.05
C HIS C 243 -28.59 -14.34 20.13
N LEU C 244 -28.04 -13.19 19.78
CA LEU C 244 -28.66 -12.29 18.81
C LEU C 244 -28.00 -12.49 17.43
N TYR C 245 -26.96 -13.31 17.37
CA TYR C 245 -26.26 -13.60 16.11
C TYR C 245 -27.02 -14.58 15.26
N CYS C 246 -27.44 -14.11 14.07
CA CYS C 246 -28.17 -14.93 13.13
C CYS C 246 -27.83 -14.49 11.72
N LEU C 247 -28.21 -15.28 10.73
CA LEU C 247 -27.97 -14.89 9.36
C LEU C 247 -29.32 -14.78 8.65
N PRO C 248 -29.52 -13.72 7.85
CA PRO C 248 -28.65 -12.59 7.54
C PRO C 248 -28.46 -11.80 8.81
N ILE C 249 -27.29 -11.20 8.97
CA ILE C 249 -26.96 -10.50 10.18
C ILE C 249 -27.83 -9.28 10.43
N LEU C 250 -28.01 -8.94 11.70
CA LEU C 250 -28.72 -7.74 12.06
C LEU C 250 -28.01 -6.57 11.40
N LYS C 251 -28.79 -5.64 10.87
CA LYS C 251 -28.25 -4.50 10.14
C LYS C 251 -28.35 -3.19 10.92
N ARG C 252 -28.01 -2.09 10.25
CA ARG C 252 -28.05 -0.77 10.84
C ARG C 252 -29.51 -0.41 11.18
N ASN C 253 -29.71 0.46 12.17
CA ASN C 253 -31.06 0.87 12.58
C ASN C 253 -31.96 1.39 11.44
N ILE C 254 -31.37 2.00 10.42
CA ILE C 254 -32.19 2.49 9.28
C ILE C 254 -32.91 1.33 8.56
N HIS C 255 -32.28 0.16 8.58
CA HIS C 255 -32.84 -1.03 7.95
C HIS C 255 -33.98 -1.57 8.82
N GLN C 256 -33.71 -1.64 10.11
CA GLN C 256 -34.71 -2.05 11.08
C GLN C 256 -35.96 -1.19 10.95
N GLN C 257 -35.80 0.12 10.78
N GLN C 257 -35.75 0.12 10.79
CA GLN C 257 -36.95 1.01 10.67
CA GLN C 257 -36.81 1.13 10.63
C GLN C 257 -37.72 0.80 9.39
C GLN C 257 -37.68 0.85 9.40
N ALA C 258 -37.03 0.50 8.30
CA ALA C 258 -37.69 0.23 7.04
C ALA C 258 -38.57 -1.03 7.18
N LEU C 259 -38.07 -2.02 7.92
CA LEU C 259 -38.80 -3.28 8.14
C LEU C 259 -40.03 -3.04 9.02
N ARG C 260 -39.87 -2.27 10.12
CA ARG C 260 -41.00 -1.97 10.98
C ARG C 260 -42.06 -1.19 10.20
N GLU C 261 -41.63 -0.23 9.39
CA GLU C 261 -42.56 0.56 8.57
C GLU C 261 -43.30 -0.30 7.56
N LEU C 262 -42.61 -1.28 6.97
CA LEU C 262 -43.21 -2.15 5.98
C LEU C 262 -44.38 -2.91 6.58
N VAL C 263 -44.17 -3.57 7.71
CA VAL C 263 -45.24 -4.35 8.37
C VAL C 263 -46.32 -3.45 8.96
N ALA C 264 -45.93 -2.26 9.42
CA ALA C 264 -46.86 -1.30 10.00
C ALA C 264 -47.85 -0.78 8.97
N SER C 265 -47.46 -0.78 7.69
CA SER C 265 -48.31 -0.30 6.61
C SER C 265 -49.40 -1.31 6.24
N GLY C 266 -49.30 -2.53 6.77
CA GLY C 266 -50.27 -3.58 6.48
C GLY C 266 -49.99 -4.21 5.12
N PHE C 267 -48.77 -4.00 4.62
CA PHE C 267 -48.32 -4.56 3.34
C PHE C 267 -48.69 -6.04 3.29
N THR C 268 -49.38 -6.44 2.22
CA THR C 268 -49.91 -7.80 2.12
C THR C 268 -48.99 -8.95 1.69
N ARG C 269 -47.82 -8.64 1.15
CA ARG C 269 -46.89 -9.67 0.69
C ARG C 269 -45.71 -9.91 1.64
N ALA C 270 -45.89 -9.56 2.92
CA ALA C 270 -44.91 -9.86 3.96
C ALA C 270 -45.67 -10.61 5.06
N PHE C 271 -45.07 -11.66 5.60
CA PHE C 271 -45.72 -12.49 6.60
C PHE C 271 -44.76 -13.14 7.59
N LEU C 272 -45.34 -13.70 8.64
CA LEU C 272 -44.59 -14.30 9.73
C LEU C 272 -43.75 -15.50 9.35
N GLY C 273 -42.47 -15.40 9.72
CA GLY C 273 -41.49 -16.43 9.50
C GLY C 273 -40.45 -16.15 10.56
N THR C 274 -40.46 -16.97 11.59
CA THR C 274 -39.59 -16.73 12.74
C THR C 274 -38.12 -16.99 12.48
N ASP C 275 -37.85 -17.88 11.54
CA ASP C 275 -36.50 -18.38 11.31
C ASP C 275 -35.96 -18.92 12.64
N SER C 276 -36.84 -19.44 13.51
CA SER C 276 -36.39 -20.03 14.77
C SER C 276 -35.35 -21.06 14.40
N ALA C 277 -34.12 -20.87 14.89
CA ALA C 277 -32.99 -21.69 14.52
C ALA C 277 -32.17 -22.04 15.75
N PRO C 278 -32.64 -23.03 16.52
CA PRO C 278 -31.98 -23.39 17.77
C PRO C 278 -30.63 -24.08 17.67
N HIS C 279 -29.78 -23.73 18.62
CA HIS C 279 -28.45 -24.32 18.76
C HIS C 279 -28.24 -24.46 20.23
N SER C 280 -27.57 -25.52 20.66
CA SER C 280 -27.34 -25.69 22.08
C SER C 280 -26.48 -24.56 22.59
N ARG C 281 -26.57 -24.25 23.87
CA ARG C 281 -25.79 -23.20 24.46
C ARG C 281 -24.30 -23.40 24.16
N HIS C 282 -23.83 -24.66 24.19
CA HIS C 282 -22.40 -24.94 23.95
C HIS C 282 -21.95 -24.63 22.55
N ARG C 283 -22.90 -24.54 21.61
CA ARG C 283 -22.61 -24.21 20.21
C ARG C 283 -22.76 -22.70 19.95
N LYS C 284 -23.30 -21.95 20.94
CA LYS C 284 -23.49 -20.51 20.84
C LYS C 284 -22.46 -19.71 21.62
N GLU C 285 -22.20 -20.16 22.86
CA GLU C 285 -21.27 -19.50 23.76
C GLU C 285 -19.95 -20.28 23.71
N THR C 286 -19.18 -19.98 22.66
CA THR C 286 -17.93 -20.69 22.39
C THR C 286 -17.08 -19.81 21.46
N SER C 287 -15.86 -20.24 21.15
CA SER C 287 -15.00 -19.40 20.28
C SER C 287 -15.57 -19.09 18.89
N CYS C 288 -16.33 -20.02 18.29
CA CYS C 288 -16.96 -19.78 16.99
C CYS C 288 -18.43 -20.21 17.13
N GLY C 289 -19.25 -19.24 17.51
CA GLY C 289 -20.66 -19.48 17.75
C GLY C 289 -21.51 -19.61 16.52
N CYS C 290 -22.42 -20.58 16.51
CA CYS C 290 -23.33 -20.77 15.37
C CYS C 290 -24.38 -19.66 15.25
N ALA C 291 -24.82 -19.47 14.03
CA ALA C 291 -25.84 -18.48 13.68
C ALA C 291 -27.23 -19.03 13.89
N GLY C 292 -28.05 -18.30 14.65
CA GLY C 292 -29.45 -18.70 14.84
C GLY C 292 -30.05 -18.30 16.17
N CYS C 293 -31.27 -17.75 16.13
CA CYS C 293 -31.97 -17.35 17.35
C CYS C 293 -33.11 -18.36 17.60
N PHE C 294 -33.19 -18.89 18.81
CA PHE C 294 -34.24 -19.83 19.16
C PHE C 294 -35.40 -18.98 19.63
N ASN C 295 -36.19 -18.49 18.68
CA ASN C 295 -37.26 -17.58 19.03
C ASN C 295 -38.67 -18.15 19.07
N ALA C 296 -38.84 -19.44 18.76
CA ALA C 296 -40.19 -20.02 18.77
C ALA C 296 -40.95 -19.78 20.08
N PRO C 297 -40.28 -19.90 21.23
CA PRO C 297 -40.98 -19.68 22.49
C PRO C 297 -41.49 -18.27 22.74
N SER C 298 -40.87 -17.27 22.12
CA SER C 298 -41.22 -15.89 22.39
C SER C 298 -41.59 -15.06 21.20
N ALA C 299 -41.58 -15.65 20.00
CA ALA C 299 -41.83 -14.89 18.79
C ALA C 299 -43.17 -14.20 18.62
N LEU C 300 -44.28 -14.91 18.81
CA LEU C 300 -45.60 -14.32 18.57
C LEU C 300 -45.84 -13.09 19.45
N GLY C 301 -45.50 -13.21 20.73
CA GLY C 301 -45.63 -12.10 21.65
C GLY C 301 -44.71 -10.95 21.27
N SER C 302 -43.53 -11.28 20.72
CA SER C 302 -42.57 -10.26 20.28
C SER C 302 -43.13 -9.47 19.08
N TYR C 303 -43.72 -10.16 18.13
CA TYR C 303 -44.32 -9.50 16.99
C TYR C 303 -45.46 -8.61 17.48
N ALA C 304 -46.28 -9.13 18.40
CA ALA C 304 -47.39 -8.36 18.97
C ALA C 304 -46.85 -7.04 19.53
N ALA C 305 -45.69 -7.11 20.21
CA ALA C 305 -45.08 -5.92 20.81
C ALA C 305 -44.69 -4.88 19.76
N VAL C 306 -44.11 -5.35 18.64
CA VAL C 306 -43.68 -4.45 17.57
C VAL C 306 -44.91 -3.78 16.90
N PHE C 307 -45.93 -4.56 16.58
CA PHE C 307 -47.13 -4.03 15.96
C PHE C 307 -47.80 -2.98 16.87
N GLU C 308 -47.77 -3.23 18.17
CA GLU C 308 -48.33 -2.31 19.16
C GLU C 308 -47.55 -0.99 19.12
N GLU C 309 -46.23 -1.08 19.20
CA GLU C 309 -45.35 0.11 19.16
C GLU C 309 -45.55 0.93 17.90
N MET C 310 -45.88 0.27 16.79
CA MET C 310 -46.09 0.93 15.53
C MET C 310 -47.55 1.35 15.33
N ASN C 311 -48.38 1.25 16.38
CA ASN C 311 -49.82 1.59 16.29
C ASN C 311 -50.45 0.86 15.11
N ALA C 312 -50.03 -0.38 14.93
CA ALA C 312 -50.44 -1.19 13.80
C ALA C 312 -51.07 -2.52 14.19
N LEU C 313 -51.67 -2.61 15.38
CA LEU C 313 -52.30 -3.89 15.78
C LEU C 313 -53.43 -4.34 14.85
N ALA C 314 -54.01 -3.41 14.09
CA ALA C 314 -55.06 -3.75 13.14
C ALA C 314 -54.53 -4.63 12.00
N HIS C 315 -53.21 -4.59 11.77
CA HIS C 315 -52.62 -5.39 10.68
C HIS C 315 -51.93 -6.65 11.18
N PHE C 316 -51.92 -6.84 12.48
CA PHE C 316 -51.24 -7.97 13.13
C PHE C 316 -51.79 -9.35 12.71
N GLU C 317 -53.11 -9.52 12.73
CA GLU C 317 -53.68 -10.81 12.37
C GLU C 317 -53.28 -11.19 10.96
N ALA C 318 -53.39 -10.25 10.03
CA ALA C 318 -53.08 -10.52 8.62
C ALA C 318 -51.63 -10.99 8.46
N PHE C 319 -50.70 -10.31 9.12
CA PHE C 319 -49.30 -10.67 9.09
C PHE C 319 -49.09 -12.12 9.58
N CYS C 320 -49.73 -12.46 10.70
CA CYS C 320 -49.57 -13.77 11.31
C CYS C 320 -50.38 -14.93 10.77
N SER C 321 -51.54 -14.66 10.16
CA SER C 321 -52.49 -15.71 9.83
C SER C 321 -53.22 -15.67 8.49
N LEU C 322 -53.01 -14.64 7.67
CA LEU C 322 -53.73 -14.51 6.39
C LEU C 322 -52.82 -14.32 5.20
N ASN C 323 -51.83 -13.42 5.32
CA ASN C 323 -50.91 -13.10 4.19
C ASN C 323 -50.16 -14.31 3.63
N GLY C 324 -49.59 -15.14 4.51
CA GLY C 324 -48.89 -16.33 4.06
C GLY C 324 -49.81 -17.32 3.38
N PRO C 325 -50.92 -17.68 4.04
CA PRO C 325 -51.84 -18.60 3.39
C PRO C 325 -52.28 -18.10 2.02
N GLN C 326 -52.51 -16.79 1.90
CA GLN C 326 -52.96 -16.23 0.62
C GLN C 326 -51.90 -16.37 -0.46
N PHE C 327 -50.63 -16.14 -0.11
CA PHE C 327 -49.56 -16.24 -1.09
C PHE C 327 -49.34 -17.69 -1.50
N TYR C 328 -49.36 -18.60 -0.53
CA TYR C 328 -49.18 -20.04 -0.79
C TYR C 328 -50.41 -20.74 -1.36
N GLY C 329 -51.56 -20.08 -1.37
CA GLY C 329 -52.79 -20.67 -1.92
C GLY C 329 -53.38 -21.73 -0.99
N LEU C 330 -53.19 -21.54 0.31
CA LEU C 330 -53.69 -22.48 1.29
C LEU C 330 -54.76 -21.78 2.10
N PRO C 331 -55.69 -22.56 2.67
CA PRO C 331 -56.76 -21.97 3.46
C PRO C 331 -56.29 -21.38 4.79
N MET C 332 -57.04 -20.41 5.27
CA MET C 332 -56.69 -19.82 6.54
C MET C 332 -57.08 -20.82 7.61
N ASN C 333 -56.36 -20.81 8.72
CA ASN C 333 -56.64 -21.71 9.84
C ASN C 333 -58.01 -21.40 10.41
N THR C 334 -58.64 -22.38 11.03
CA THR C 334 -59.98 -22.17 11.58
C THR C 334 -60.00 -21.92 13.07
N GLY C 335 -58.93 -22.31 13.77
CA GLY C 335 -58.84 -22.13 15.23
C GLY C 335 -58.36 -20.76 15.69
N TRP C 336 -58.22 -20.60 17.00
CA TRP C 336 -57.85 -19.31 17.58
C TRP C 336 -56.74 -19.36 18.62
N VAL C 337 -56.03 -18.25 18.79
N VAL C 337 -56.05 -18.24 18.78
CA VAL C 337 -55.01 -18.11 19.81
CA VAL C 337 -54.98 -18.08 19.77
C VAL C 337 -55.24 -16.73 20.41
C VAL C 337 -55.17 -16.70 20.40
N GLU C 338 -55.06 -16.63 21.72
CA GLU C 338 -55.24 -15.36 22.42
C GLU C 338 -53.94 -14.88 23.00
N LEU C 339 -53.67 -13.59 22.84
CA LEU C 339 -52.48 -12.97 23.42
C LEU C 339 -53.00 -12.01 24.48
N VAL C 340 -52.34 -11.97 25.64
N VAL C 340 -52.33 -11.96 25.62
CA VAL C 340 -52.74 -11.07 26.70
CA VAL C 340 -52.75 -11.09 26.70
C VAL C 340 -51.56 -10.22 27.06
C VAL C 340 -51.56 -10.22 27.06
N ARG C 341 -51.83 -8.96 27.40
CA ARG C 341 -50.78 -8.03 27.74
C ARG C 341 -50.46 -8.18 29.24
N ASP C 342 -50.12 -9.41 29.62
CA ASP C 342 -49.72 -9.77 30.98
C ASP C 342 -48.27 -10.15 30.83
N GLU C 343 -47.41 -9.46 31.57
N GLU C 343 -47.42 -9.48 31.59
CA GLU C 343 -45.97 -9.71 31.49
CA GLU C 343 -45.98 -9.71 31.56
C GLU C 343 -45.58 -11.07 32.07
C GLU C 343 -45.56 -11.08 32.09
N GLN C 344 -44.78 -11.79 31.29
CA GLN C 344 -44.25 -13.09 31.67
C GLN C 344 -42.76 -13.06 31.38
N GLN C 345 -41.99 -13.85 32.12
CA GLN C 345 -40.56 -13.91 31.92
C GLN C 345 -40.24 -15.07 31.01
N ILE C 346 -39.35 -14.85 30.06
CA ILE C 346 -38.90 -15.93 29.19
C ILE C 346 -37.87 -16.68 30.03
N PRO C 347 -37.94 -18.02 30.06
CA PRO C 347 -36.96 -18.75 30.89
C PRO C 347 -35.52 -18.46 30.50
N GLY C 348 -34.61 -18.51 31.49
CA GLY C 348 -33.19 -18.27 31.21
C GLY C 348 -32.56 -19.45 30.49
N ASN C 349 -33.12 -20.63 30.71
CA ASN C 349 -32.60 -21.85 30.15
C ASN C 349 -33.70 -22.86 29.89
N ILE C 350 -33.51 -23.70 28.86
CA ILE C 350 -34.42 -24.80 28.54
C ILE C 350 -33.58 -26.07 28.53
N ALA C 351 -33.99 -27.08 29.28
CA ALA C 351 -33.21 -28.32 29.36
C ALA C 351 -33.21 -29.17 28.09
N LEU C 352 -32.05 -29.76 27.80
CA LEU C 352 -31.84 -30.69 26.69
C LEU C 352 -31.24 -31.94 27.31
N ALA C 353 -30.98 -32.98 26.50
CA ALA C 353 -30.42 -34.24 27.04
C ALA C 353 -28.98 -34.14 27.55
N ASP C 354 -28.14 -33.34 26.90
CA ASP C 354 -26.72 -33.21 27.31
C ASP C 354 -26.16 -31.81 27.16
N ASP C 355 -27.03 -30.82 27.16
CA ASP C 355 -26.60 -29.45 27.00
C ASP C 355 -27.81 -28.64 27.46
N SER C 356 -27.89 -27.40 27.03
CA SER C 356 -29.03 -26.59 27.39
C SER C 356 -29.34 -25.73 26.18
N LEU C 357 -30.51 -25.13 26.19
CA LEU C 357 -30.94 -24.27 25.11
C LEU C 357 -31.28 -22.93 25.71
N VAL C 358 -30.80 -21.86 25.08
CA VAL C 358 -31.07 -20.51 25.53
C VAL C 358 -32.10 -19.88 24.58
N PRO C 359 -33.28 -19.56 25.11
CA PRO C 359 -34.23 -18.97 24.17
C PRO C 359 -33.98 -17.51 23.89
N PHE C 360 -34.56 -17.04 22.80
CA PHE C 360 -34.52 -15.64 22.41
C PHE C 360 -35.18 -14.87 23.56
N LEU C 361 -34.52 -13.79 24.00
CA LEU C 361 -35.01 -12.96 25.11
C LEU C 361 -34.98 -13.70 26.46
N ALA C 362 -34.04 -14.63 26.60
CA ALA C 362 -33.87 -15.42 27.82
C ALA C 362 -33.80 -14.56 29.08
N GLY C 363 -34.66 -14.89 30.04
CA GLY C 363 -34.69 -14.19 31.32
C GLY C 363 -35.29 -12.81 31.30
N GLU C 364 -35.82 -12.38 30.16
CA GLU C 364 -36.40 -11.06 30.05
C GLU C 364 -37.90 -11.06 30.20
N THR C 365 -38.42 -9.95 30.68
CA THR C 365 -39.85 -9.78 30.86
C THR C 365 -40.38 -9.30 29.52
N VAL C 366 -41.47 -9.93 29.06
CA VAL C 366 -42.08 -9.57 27.77
C VAL C 366 -43.51 -9.07 27.96
N ARG C 367 -43.88 -8.06 27.18
CA ARG C 367 -45.22 -7.43 27.30
C ARG C 367 -46.42 -8.31 26.96
N TRP C 368 -46.29 -9.08 25.89
CA TRP C 368 -47.38 -9.93 25.48
C TRP C 368 -47.01 -11.40 25.53
N SER C 369 -47.99 -12.22 25.90
N SER C 369 -47.97 -12.23 25.92
CA SER C 369 -47.82 -13.66 26.00
CA SER C 369 -47.78 -13.68 25.98
C SER C 369 -49.05 -14.38 25.46
C SER C 369 -49.04 -14.39 25.50
N VAL C 370 -48.85 -15.59 24.94
CA VAL C 370 -49.94 -16.41 24.42
C VAL C 370 -50.67 -17.09 25.58
N LYS C 371 -51.99 -16.97 25.60
CA LYS C 371 -52.80 -17.55 26.67
C LYS C 371 -53.06 -19.04 26.46
N LYS C 372 -52.82 -19.86 27.49
CA LYS C 372 -53.08 -21.31 27.42
C LYS C 372 -54.58 -21.51 27.57
N GLN D 30 14.38 -16.86 7.16
CA GLN D 30 15.32 -15.76 7.50
C GLN D 30 15.04 -15.19 8.91
N VAL D 31 15.84 -14.17 9.27
CA VAL D 31 15.77 -13.55 10.58
C VAL D 31 15.53 -12.04 10.46
N LEU D 32 14.73 -11.51 11.38
CA LEU D 32 14.46 -10.08 11.45
C LEU D 32 14.94 -9.61 12.81
N LYS D 33 16.07 -8.91 12.84
CA LYS D 33 16.62 -8.39 14.07
C LYS D 33 16.20 -6.94 14.23
N ILE D 34 15.63 -6.60 15.38
CA ILE D 34 15.19 -5.23 15.62
C ILE D 34 15.63 -4.78 16.98
N ARG D 35 15.75 -3.47 17.15
CA ARG D 35 16.03 -2.93 18.48
C ARG D 35 14.87 -3.35 19.35
N ARG D 36 15.15 -3.64 20.62
CA ARG D 36 14.09 -4.08 21.52
C ARG D 36 12.87 -3.15 21.42
N PRO D 37 11.70 -3.72 21.14
CA PRO D 37 10.52 -2.87 20.94
C PRO D 37 9.88 -2.41 22.24
N ASP D 38 8.81 -1.65 22.10
CA ASP D 38 8.00 -1.17 23.24
C ASP D 38 6.55 -1.35 22.83
N ASP D 39 5.68 -1.45 23.82
CA ASP D 39 4.25 -1.59 23.60
C ASP D 39 3.62 -0.33 24.14
N TRP D 40 3.20 0.55 23.24
CA TRP D 40 2.66 1.85 23.65
C TRP D 40 1.18 1.86 24.06
N HIS D 41 0.60 0.68 24.32
CA HIS D 41 -0.79 0.59 24.77
C HIS D 41 -1.08 -0.83 25.24
N VAL D 42 -1.04 -1.06 26.55
CA VAL D 42 -1.29 -2.41 27.08
C VAL D 42 -2.13 -2.35 28.35
N HIS D 43 -2.87 -3.42 28.62
CA HIS D 43 -3.67 -3.60 29.82
C HIS D 43 -3.07 -4.78 30.57
N LEU D 44 -2.56 -4.55 31.76
CA LEU D 44 -1.93 -5.61 32.53
C LEU D 44 -2.82 -6.13 33.65
N ARG D 45 -4.02 -5.56 33.80
CA ARG D 45 -4.99 -5.95 34.81
C ARG D 45 -4.37 -5.86 36.21
N ASP D 46 -4.79 -6.73 37.13
CA ASP D 46 -4.26 -6.68 38.47
C ASP D 46 -4.39 -8.06 39.13
N GLY D 47 -3.92 -8.20 40.35
CA GLY D 47 -4.00 -9.47 41.09
C GLY D 47 -3.41 -10.66 40.34
N ASP D 48 -4.12 -11.80 40.40
CA ASP D 48 -3.67 -13.03 39.73
C ASP D 48 -3.54 -12.90 38.23
N MET D 49 -4.46 -12.18 37.60
N MET D 49 -4.48 -12.18 37.60
CA MET D 49 -4.37 -12.04 36.15
CA MET D 49 -4.44 -11.98 36.15
C MET D 49 -3.09 -11.29 35.78
C MET D 49 -3.13 -11.27 35.77
N LEU D 50 -2.78 -10.24 36.53
CA LEU D 50 -1.54 -9.48 36.29
C LEU D 50 -0.31 -10.40 36.43
N LYS D 51 -0.32 -11.28 37.41
CA LYS D 51 0.83 -12.16 37.61
C LYS D 51 1.02 -13.06 36.37
N THR D 52 -0.10 -13.42 35.75
CA THR D 52 -0.08 -14.28 34.57
C THR D 52 0.26 -13.61 33.26
N VAL D 53 -0.29 -12.41 33.03
CA VAL D 53 -0.08 -11.75 31.76
C VAL D 53 1.18 -10.89 31.66
N VAL D 54 1.64 -10.32 32.77
CA VAL D 54 2.84 -9.45 32.71
C VAL D 54 4.04 -10.10 31.95
N PRO D 55 4.37 -11.38 32.22
CA PRO D 55 5.52 -12.00 31.53
C PRO D 55 5.43 -12.00 30.00
N TYR D 56 4.23 -12.00 29.44
CA TYR D 56 4.10 -11.96 27.98
C TYR D 56 4.50 -10.60 27.43
N THR D 57 4.38 -9.55 28.23
CA THR D 57 4.83 -8.20 27.82
C THR D 57 6.30 -7.96 28.22
N SER D 58 6.65 -8.28 29.45
CA SER D 58 8.02 -8.02 29.93
C SER D 58 9.13 -8.78 29.20
N GLU D 59 8.84 -9.97 28.68
CA GLU D 59 9.88 -10.74 28.01
C GLU D 59 10.37 -10.10 26.72
N ILE D 60 9.44 -9.49 25.98
CA ILE D 60 9.71 -8.91 24.69
C ILE D 60 9.93 -7.41 24.64
N TYR D 61 9.14 -6.65 25.38
CA TYR D 61 9.15 -5.17 25.31
C TYR D 61 9.97 -4.52 26.40
N GLY D 62 10.71 -3.48 26.05
CA GLY D 62 11.53 -2.78 27.03
C GLY D 62 10.66 -1.95 27.94
N ARG D 63 9.61 -1.34 27.37
CA ARG D 63 8.71 -0.51 28.12
C ARG D 63 7.32 -0.71 27.54
N ALA D 64 6.33 -0.36 28.34
CA ALA D 64 4.95 -0.35 27.89
C ALA D 64 4.15 0.71 28.61
N ILE D 65 3.20 1.29 27.88
CA ILE D 65 2.26 2.25 28.44
C ILE D 65 1.16 1.40 29.08
N VAL D 66 1.06 1.47 30.38
CA VAL D 66 0.15 0.66 31.14
C VAL D 66 -1.10 1.45 31.37
N MET D 67 -2.21 0.97 30.80
CA MET D 67 -3.49 1.68 30.90
C MET D 67 -4.00 1.69 32.34
N PRO D 68 -4.81 2.69 32.66
CA PRO D 68 -5.19 2.88 34.06
C PRO D 68 -6.59 2.42 34.48
N ASN D 69 -7.21 1.59 33.65
CA ASN D 69 -8.61 1.23 33.92
C ASN D 69 -8.84 0.04 34.82
N LEU D 70 -8.33 0.13 36.05
CA LEU D 70 -8.54 -0.92 37.03
C LEU D 70 -9.92 -0.63 37.61
N ALA D 71 -10.44 -1.61 38.37
CA ALA D 71 -11.74 -1.50 39.08
C ALA D 71 -11.82 -0.13 39.72
N SER D 72 -10.76 0.23 40.46
CA SER D 72 -10.61 1.58 41.02
C SER D 72 -9.52 2.18 40.14
N PRO D 73 -9.91 3.08 39.23
CA PRO D 73 -8.93 3.59 38.27
C PRO D 73 -7.76 4.34 38.87
N ILE D 74 -6.65 4.30 38.16
CA ILE D 74 -5.43 4.96 38.59
C ILE D 74 -5.60 6.45 38.35
N THR D 75 -5.92 7.17 39.41
CA THR D 75 -6.15 8.60 39.35
C THR D 75 -5.36 9.39 40.36
N THR D 76 -4.43 8.74 41.05
CA THR D 76 -3.59 9.37 42.03
C THR D 76 -2.16 8.84 41.91
N VAL D 77 -1.21 9.69 42.26
CA VAL D 77 0.20 9.32 42.25
C VAL D 77 0.43 8.08 43.11
N ASP D 78 -0.12 8.06 44.32
CA ASP D 78 0.06 6.91 45.23
C ASP D 78 -0.46 5.59 44.67
N ALA D 79 -1.61 5.64 43.99
CA ALA D 79 -2.18 4.44 43.40
C ALA D 79 -1.33 3.97 42.20
N ALA D 80 -0.75 4.92 41.46
CA ALA D 80 0.10 4.61 40.29
C ALA D 80 1.43 4.02 40.80
N ILE D 81 1.94 4.55 41.89
CA ILE D 81 3.20 4.04 42.50
C ILE D 81 2.98 2.60 42.99
N ALA D 82 1.85 2.35 43.65
CA ALA D 82 1.55 1.02 44.18
C ALA D 82 1.33 0.01 43.03
N TYR D 83 0.62 0.42 41.99
CA TYR D 83 0.35 -0.44 40.86
C TYR D 83 1.63 -0.75 40.08
N ARG D 84 2.49 0.26 39.94
CA ARG D 84 3.78 0.06 39.28
C ARG D 84 4.57 -1.03 40.02
N GLN D 85 4.54 -0.98 41.35
CA GLN D 85 5.28 -1.98 42.12
C GLN D 85 4.66 -3.40 42.01
N ARG D 86 3.33 -3.51 41.90
CA ARG D 86 2.70 -4.85 41.75
C ARG D 86 3.10 -5.43 40.36
N ILE D 87 3.27 -4.55 39.40
CA ILE D 87 3.70 -4.95 38.05
C ILE D 87 5.16 -5.44 38.13
N LEU D 88 6.02 -4.63 38.74
CA LEU D 88 7.46 -4.97 38.89
C LEU D 88 7.63 -6.28 39.66
N ASP D 89 6.78 -6.50 40.67
CA ASP D 89 6.83 -7.73 41.47
C ASP D 89 6.61 -8.97 40.64
N ALA D 90 5.80 -8.83 39.59
CA ALA D 90 5.42 -9.93 38.67
C ALA D 90 6.31 -10.14 37.46
N VAL D 91 7.28 -9.26 37.24
CA VAL D 91 8.20 -9.42 36.11
C VAL D 91 9.23 -10.51 36.40
N PRO D 92 9.32 -11.55 35.53
CA PRO D 92 10.29 -12.61 35.80
C PRO D 92 11.70 -12.07 35.84
N ALA D 93 12.55 -12.73 36.60
CA ALA D 93 13.92 -12.30 36.73
C ALA D 93 14.64 -12.15 35.40
N GLY D 94 15.26 -10.99 35.17
CA GLY D 94 16.08 -10.77 33.98
C GLY D 94 15.41 -10.11 32.80
N HIS D 95 14.12 -9.87 32.90
CA HIS D 95 13.39 -9.25 31.79
C HIS D 95 13.74 -7.79 31.48
N ASP D 96 14.11 -6.98 32.46
CA ASP D 96 14.45 -5.57 32.16
C ASP D 96 13.29 -4.88 31.42
N PHE D 97 12.20 -4.75 32.12
CA PHE D 97 11.01 -4.15 31.60
C PHE D 97 10.65 -3.01 32.52
N THR D 98 10.28 -1.87 31.94
CA THR D 98 9.88 -0.72 32.73
C THR D 98 8.42 -0.35 32.39
N PRO D 99 7.51 -0.48 33.35
CA PRO D 99 6.16 -0.06 33.02
C PRO D 99 6.07 1.48 33.07
N LEU D 100 5.40 2.07 32.09
CA LEU D 100 5.22 3.50 32.04
C LEU D 100 3.76 3.71 32.42
N MET D 101 3.54 4.41 33.52
CA MET D 101 2.21 4.56 34.05
C MET D 101 1.41 5.72 33.48
N THR D 102 0.09 5.54 33.46
CA THR D 102 -0.82 6.55 32.95
C THR D 102 -1.85 6.91 34.01
N CYS D 103 -2.43 8.08 33.85
CA CYS D 103 -3.47 8.59 34.73
C CYS D 103 -4.79 8.53 33.96
N TYR D 104 -5.82 7.99 34.58
CA TYR D 104 -7.15 7.92 33.97
C TYR D 104 -7.76 9.31 34.15
N LEU D 105 -8.13 9.97 33.06
CA LEU D 105 -8.71 11.30 33.23
C LEU D 105 -10.17 11.19 33.69
N THR D 106 -10.53 11.93 34.73
CA THR D 106 -11.88 11.96 35.24
C THR D 106 -12.28 13.40 35.53
N ASP D 107 -13.60 13.67 35.59
CA ASP D 107 -14.05 15.02 35.88
C ASP D 107 -13.50 15.51 37.23
N SER D 108 -13.35 14.59 38.19
CA SER D 108 -12.92 14.98 39.53
C SER D 108 -11.41 15.03 39.78
N LEU D 109 -10.62 14.60 38.80
CA LEU D 109 -9.16 14.62 38.95
C LEU D 109 -8.62 16.04 39.15
N ASP D 110 -7.69 16.22 40.08
CA ASP D 110 -7.09 17.55 40.31
C ASP D 110 -5.87 17.67 39.38
N ALA D 111 -5.82 18.74 38.59
CA ALA D 111 -4.70 18.96 37.68
C ALA D 111 -3.35 18.84 38.42
N ASP D 112 -3.31 19.31 39.66
CA ASP D 112 -2.09 19.26 40.48
C ASP D 112 -1.61 17.84 40.79
N GLU D 113 -2.55 16.89 40.82
CA GLU D 113 -2.22 15.50 41.10
C GLU D 113 -1.48 14.91 39.88
N LEU D 114 -1.98 15.20 38.69
CA LEU D 114 -1.34 14.73 37.47
C LEU D 114 0.01 15.44 37.32
N GLU D 115 0.05 16.75 37.60
CA GLU D 115 1.29 17.49 37.49
C GLU D 115 2.36 16.87 38.39
N ARG D 116 2.03 16.62 39.65
N ARG D 116 2.04 16.63 39.66
CA ARG D 116 2.94 16.02 40.61
CA ARG D 116 3.03 16.05 40.59
C ARG D 116 3.47 14.68 40.11
C ARG D 116 3.48 14.67 40.12
N GLY D 117 2.54 13.85 39.66
CA GLY D 117 2.87 12.52 39.18
C GLY D 117 3.81 12.59 37.99
N PHE D 118 3.54 13.54 37.10
CA PHE D 118 4.37 13.73 35.93
C PHE D 118 5.77 14.24 36.30
N HIS D 119 5.87 15.24 37.17
N HIS D 119 5.83 15.23 37.20
CA HIS D 119 7.19 15.77 37.56
CA HIS D 119 7.08 15.85 37.66
C HIS D 119 8.02 14.73 38.30
C HIS D 119 7.97 14.84 38.41
N GLU D 120 7.34 13.86 39.05
CA GLU D 120 8.03 12.82 39.81
C GLU D 120 8.38 11.57 39.00
N GLY D 121 8.04 11.58 37.72
CA GLY D 121 8.33 10.46 36.82
C GLY D 121 7.41 9.27 36.99
N VAL D 122 6.30 9.44 37.72
CA VAL D 122 5.31 8.37 37.96
C VAL D 122 4.38 8.25 36.76
N PHE D 123 3.80 9.38 36.33
CA PHE D 123 2.94 9.38 35.14
C PHE D 123 3.72 9.77 33.89
N THR D 124 3.63 8.93 32.86
CA THR D 124 4.23 9.22 31.60
C THR D 124 3.19 9.93 30.69
N ALA D 125 1.92 9.62 30.90
CA ALA D 125 0.83 10.20 30.08
C ALA D 125 -0.50 10.07 30.82
N ALA D 126 -1.55 10.65 30.26
CA ALA D 126 -2.89 10.54 30.81
C ALA D 126 -3.83 10.07 29.69
N KCX D 127 -4.80 9.22 30.04
CA KCX D 127 -5.71 8.59 29.09
CB KCX D 127 -5.73 7.08 29.37
CG KCX D 127 -6.66 6.26 28.52
CD KCX D 127 -6.28 6.25 27.07
CE KCX D 127 -7.13 5.26 26.25
NZ KCX D 127 -6.94 3.86 26.76
C KCX D 127 -7.12 9.12 29.21
O KCX D 127 -7.68 9.19 30.30
CX KCX D 127 -7.51 2.78 26.25
OQ1 KCX D 127 -8.26 2.91 25.22
OQ2 KCX D 127 -7.30 1.63 26.80
N LEU D 128 -7.66 9.51 28.07
CA LEU D 128 -9.02 10.01 27.97
C LEU D 128 -9.93 8.93 27.37
N TYR D 129 -10.87 8.44 28.18
CA TYR D 129 -11.85 7.46 27.71
C TYR D 129 -13.08 8.22 27.22
N PRO D 130 -13.94 7.57 26.41
CA PRO D 130 -15.09 8.30 25.91
C PRO D 130 -15.93 8.95 26.99
N ALA D 131 -16.45 10.13 26.69
CA ALA D 131 -17.25 10.89 27.60
C ALA D 131 -18.68 10.38 27.62
N ASN D 132 -19.32 10.53 28.78
CA ASN D 132 -20.70 10.15 28.96
C ASN D 132 -21.23 11.02 30.09
N ALA D 133 -22.34 11.72 29.84
CA ALA D 133 -22.92 12.64 30.83
C ALA D 133 -23.39 11.98 32.13
N THR D 134 -23.56 10.65 32.12
CA THR D 134 -24.00 9.94 33.31
C THR D 134 -22.88 9.17 33.97
N THR D 135 -21.63 9.40 33.56
CA THR D 135 -20.54 8.68 34.23
C THR D 135 -20.26 9.29 35.59
N ASN D 136 -19.91 8.43 36.54
CA ASN D 136 -19.55 8.87 37.86
C ASN D 136 -18.29 9.74 37.72
N SER D 137 -18.23 10.85 38.46
CA SER D 137 -17.09 11.79 38.34
C SER D 137 -15.73 11.23 38.74
N SER D 138 -15.70 10.14 39.49
N SER D 138 -15.70 10.14 39.49
CA SER D 138 -14.44 9.53 39.92
CA SER D 138 -14.44 9.54 39.92
C SER D 138 -14.05 8.39 38.99
C SER D 138 -14.05 8.39 38.99
N HIS D 139 -14.89 8.13 37.99
CA HIS D 139 -14.66 7.04 37.02
C HIS D 139 -14.58 7.41 35.57
N GLY D 140 -14.80 8.68 35.25
CA GLY D 140 -14.74 9.08 33.87
C GLY D 140 -15.00 10.55 33.69
N VAL D 141 -15.07 10.94 32.43
CA VAL D 141 -15.27 12.31 32.04
C VAL D 141 -16.66 12.46 31.44
N THR D 142 -17.30 13.59 31.70
CA THR D 142 -18.63 13.87 31.17
C THR D 142 -18.54 14.61 29.86
N SER D 143 -17.50 15.42 29.70
CA SER D 143 -17.27 16.15 28.46
C SER D 143 -15.84 16.67 28.46
N VAL D 144 -15.28 16.92 27.27
CA VAL D 144 -13.94 17.52 27.20
C VAL D 144 -13.95 18.90 27.90
N ASP D 145 -15.05 19.64 27.79
CA ASP D 145 -15.16 20.94 28.48
C ASP D 145 -14.91 20.81 29.97
N ALA D 146 -15.44 19.75 30.57
CA ALA D 146 -15.31 19.51 32.01
C ALA D 146 -13.86 19.30 32.43
N ILE D 147 -13.03 18.82 31.53
CA ILE D 147 -11.63 18.58 31.91
C ILE D 147 -10.60 19.52 31.25
N MET D 148 -11.06 20.62 30.64
N MET D 148 -11.08 20.62 30.69
CA MET D 148 -10.11 21.52 29.98
CA MET D 148 -10.21 21.56 30.00
C MET D 148 -8.98 22.01 30.87
C MET D 148 -9.02 22.03 30.86
N PRO D 149 -9.25 22.34 32.15
CA PRO D 149 -8.12 22.77 32.98
C PRO D 149 -6.98 21.73 33.05
N VAL D 150 -7.32 20.45 33.16
CA VAL D 150 -6.29 19.40 33.19
C VAL D 150 -5.65 19.28 31.80
N LEU D 151 -6.44 19.43 30.75
CA LEU D 151 -5.89 19.32 29.38
C LEU D 151 -4.92 20.49 29.11
N GLU D 152 -5.27 21.66 29.63
CA GLU D 152 -4.44 22.87 29.50
C GLU D 152 -3.14 22.70 30.28
N ARG D 153 -3.23 22.04 31.44
CA ARG D 153 -2.03 21.75 32.25
C ARG D 153 -1.13 20.78 31.51
N MET D 154 -1.71 19.72 30.94
CA MET D 154 -0.97 18.75 30.12
C MET D 154 -0.23 19.43 28.97
N GLU D 155 -0.92 20.32 28.27
CA GLU D 155 -0.32 21.08 27.17
C GLU D 155 0.89 21.89 27.69
N LYS D 156 0.70 22.59 28.79
CA LYS D 156 1.75 23.40 29.37
C LYS D 156 2.99 22.59 29.74
N LEU D 157 2.76 21.42 30.30
CA LEU D 157 3.86 20.60 30.83
C LEU D 157 4.48 19.64 29.83
N GLY D 158 3.80 19.42 28.73
CA GLY D 158 4.27 18.48 27.72
C GLY D 158 3.84 17.04 28.02
N ILE D 159 2.72 16.87 28.71
CA ILE D 159 2.18 15.52 29.01
C ILE D 159 1.33 15.05 27.85
N PRO D 160 1.70 13.90 27.27
CA PRO D 160 0.90 13.40 26.16
C PRO D 160 -0.50 12.94 26.56
N LEU D 161 -1.49 13.25 25.72
CA LEU D 161 -2.87 12.83 25.88
C LEU D 161 -3.11 11.62 24.98
N LEU D 162 -3.49 10.52 25.61
CA LEU D 162 -3.80 9.26 24.91
C LEU D 162 -5.32 9.23 24.80
N VAL D 163 -5.81 9.05 23.60
CA VAL D 163 -7.24 9.12 23.41
C VAL D 163 -7.90 7.87 22.86
N HIS D 164 -8.92 7.39 23.57
CA HIS D 164 -9.76 6.31 23.03
C HIS D 164 -10.84 7.15 22.28
N GLY D 165 -10.69 7.23 20.98
CA GLY D 165 -11.53 8.14 20.21
C GLY D 165 -12.82 7.62 19.64
N GLU D 166 -13.82 7.49 20.50
CA GLU D 166 -15.16 7.10 20.10
C GLU D 166 -16.20 7.87 20.87
N VAL D 167 -17.31 8.21 20.20
CA VAL D 167 -18.45 8.81 20.86
C VAL D 167 -19.24 7.56 21.26
N THR D 168 -19.90 7.55 22.42
CA THR D 168 -20.63 6.34 22.82
C THR D 168 -22.13 6.56 23.04
N HIS D 169 -22.65 7.61 22.42
CA HIS D 169 -24.08 7.93 22.49
C HIS D 169 -24.88 6.79 21.92
N ALA D 170 -25.97 6.46 22.58
CA ALA D 170 -26.81 5.34 22.16
C ALA D 170 -27.28 5.38 20.70
N ASP D 171 -27.52 6.58 20.15
CA ASP D 171 -28.02 6.68 18.77
C ASP D 171 -26.94 6.69 17.68
N VAL D 172 -25.70 6.43 18.06
CA VAL D 172 -24.65 6.38 17.08
C VAL D 172 -24.32 4.91 16.83
N ASP D 173 -24.43 4.50 15.58
CA ASP D 173 -24.09 3.12 15.18
C ASP D 173 -22.66 2.81 15.60
N ILE D 174 -22.44 1.60 16.11
CA ILE D 174 -21.13 1.21 16.61
C ILE D 174 -20.01 1.37 15.58
N PHE D 175 -20.29 1.09 14.31
CA PHE D 175 -19.26 1.22 13.29
C PHE D 175 -18.91 2.66 12.93
N ASP D 176 -19.76 3.60 13.37
CA ASP D 176 -19.59 5.03 13.10
C ASP D 176 -18.98 5.83 14.25
N ARG D 177 -18.79 5.19 15.40
CA ARG D 177 -18.32 5.91 16.60
C ARG D 177 -16.97 6.59 16.50
N GLU D 178 -16.06 6.00 15.75
CA GLU D 178 -14.70 6.55 15.58
C GLU D 178 -14.75 7.75 14.70
N ALA D 179 -15.39 7.62 13.55
CA ALA D 179 -15.51 8.75 12.64
C ALA D 179 -16.24 9.92 13.34
N ARG D 180 -17.30 9.62 14.07
CA ARG D 180 -18.04 10.68 14.74
C ARG D 180 -17.14 11.42 15.73
N PHE D 181 -16.30 10.69 16.46
CA PHE D 181 -15.40 11.31 17.41
C PHE D 181 -14.43 12.30 16.77
N ILE D 182 -13.89 11.96 15.60
CA ILE D 182 -12.97 12.85 14.92
C ILE D 182 -13.62 14.21 14.68
N ASP D 183 -14.83 14.22 14.12
N ASP D 183 -14.84 14.20 14.13
CA ASP D 183 -15.50 15.47 13.82
CA ASP D 183 -15.55 15.43 13.82
C ASP D 183 -16.05 16.23 15.04
C ASP D 183 -16.00 16.22 15.05
N THR D 184 -16.64 15.53 16.00
CA THR D 184 -17.22 16.19 17.16
C THR D 184 -16.34 16.49 18.37
N VAL D 185 -15.26 15.73 18.53
CA VAL D 185 -14.39 15.89 19.69
C VAL D 185 -12.91 16.13 19.36
N MET D 186 -12.30 15.27 18.54
CA MET D 186 -10.85 15.38 18.28
C MET D 186 -10.42 16.64 17.57
N GLU D 187 -11.06 16.96 16.45
CA GLU D 187 -10.68 18.15 15.70
C GLU D 187 -10.85 19.44 16.54
N PRO D 188 -12.02 19.64 17.18
CA PRO D 188 -12.13 20.87 17.99
C PRO D 188 -11.15 20.93 19.16
N LEU D 189 -10.86 19.78 19.76
CA LEU D 189 -9.90 19.74 20.87
C LEU D 189 -8.52 20.15 20.37
N ARG D 190 -8.09 19.55 19.27
CA ARG D 190 -6.77 19.84 18.72
C ARG D 190 -6.62 21.27 18.17
N GLN D 191 -7.73 21.85 17.68
N GLN D 191 -7.72 21.86 17.68
CA GLN D 191 -7.72 23.23 17.19
CA GLN D 191 -7.65 23.22 17.17
C GLN D 191 -7.52 24.22 18.33
C GLN D 191 -7.58 24.25 18.31
N ARG D 192 -7.96 23.84 19.53
CA ARG D 192 -7.83 24.71 20.69
C ARG D 192 -6.44 24.52 21.34
N LEU D 193 -6.14 23.29 21.69
CA LEU D 193 -4.86 22.92 22.36
C LEU D 193 -3.89 22.51 21.27
N THR D 194 -3.37 23.54 20.58
CA THR D 194 -2.50 23.31 19.45
C THR D 194 -1.09 22.84 19.79
N ALA D 195 -0.72 22.84 21.06
CA ALA D 195 0.63 22.39 21.43
C ALA D 195 0.58 21.13 22.26
N LEU D 196 -0.59 20.51 22.33
CA LEU D 196 -0.81 19.27 23.08
C LEU D 196 -0.47 18.04 22.21
N LYS D 197 0.39 17.16 22.72
CA LYS D 197 0.75 15.94 22.02
C LYS D 197 -0.41 14.99 22.22
N VAL D 198 -0.87 14.39 21.14
CA VAL D 198 -2.00 13.51 21.21
C VAL D 198 -1.73 12.24 20.49
N VAL D 199 -2.05 11.13 21.14
CA VAL D 199 -1.94 9.84 20.49
C VAL D 199 -3.37 9.35 20.30
N PHE D 200 -3.75 9.13 19.04
CA PHE D 200 -5.06 8.62 18.70
C PHE D 200 -4.86 7.10 18.87
N GLU D 201 -5.34 6.56 19.99
CA GLU D 201 -5.08 5.15 20.30
C GLU D 201 -5.85 4.19 19.40
N HIS D 202 -5.24 3.02 19.22
CA HIS D 202 -5.86 1.93 18.43
C HIS D 202 -6.80 2.41 17.30
N ILE D 203 -6.23 3.08 16.30
CA ILE D 203 -7.09 3.55 15.18
C ILE D 203 -7.60 2.35 14.38
N THR D 204 -8.81 2.50 13.81
CA THR D 204 -9.46 1.39 13.11
C THR D 204 -10.14 1.72 11.79
N THR D 205 -10.05 2.98 11.38
CA THR D 205 -10.73 3.44 10.20
C THR D 205 -9.85 4.18 9.22
N LYS D 206 -10.29 4.22 7.97
CA LYS D 206 -9.60 5.00 6.96
C LYS D 206 -9.74 6.47 7.40
N ASP D 207 -10.86 6.79 8.05
CA ASP D 207 -11.07 8.16 8.55
C ASP D 207 -9.93 8.60 9.48
N ALA D 208 -9.61 7.75 10.43
CA ALA D 208 -8.55 8.03 11.40
C ALA D 208 -7.17 7.97 10.74
N ALA D 209 -6.96 7.00 9.87
CA ALA D 209 -5.67 6.85 9.18
C ALA D 209 -5.32 8.12 8.41
N GLN D 210 -6.30 8.64 7.65
CA GLN D 210 -6.11 9.87 6.90
C GLN D 210 -5.92 11.07 7.81
N TYR D 211 -6.74 11.15 8.84
CA TYR D 211 -6.66 12.25 9.79
C TYR D 211 -5.25 12.36 10.39
N VAL D 212 -4.76 11.23 10.87
CA VAL D 212 -3.43 11.16 11.45
C VAL D 212 -2.35 11.41 10.39
N ARG D 213 -2.47 10.79 9.22
CA ARG D 213 -1.47 10.95 8.18
C ARG D 213 -1.34 12.42 7.77
N ASP D 214 -2.48 13.09 7.62
CA ASP D 214 -2.54 14.50 7.21
C ASP D 214 -2.36 15.48 8.38
N GLY D 215 -2.09 14.96 9.58
CA GLY D 215 -1.92 15.77 10.77
C GLY D 215 -0.55 16.38 10.93
N ASN D 216 -0.37 17.13 12.01
CA ASN D 216 0.89 17.80 12.28
C ASN D 216 1.74 16.91 13.17
N ASP D 217 2.89 17.42 13.58
CA ASP D 217 3.83 16.64 14.40
C ASP D 217 3.38 16.37 15.84
N TYR D 218 2.27 16.99 16.26
CA TYR D 218 1.73 16.79 17.59
C TYR D 218 0.70 15.66 17.64
N LEU D 219 0.48 14.97 16.52
CA LEU D 219 -0.52 13.91 16.43
C LEU D 219 0.09 12.61 16.01
N ALA D 220 -0.18 11.57 16.78
CA ALA D 220 0.34 10.24 16.46
C ALA D 220 -0.77 9.24 16.69
N ALA D 221 -0.49 7.99 16.36
CA ALA D 221 -1.47 6.91 16.58
C ALA D 221 -0.80 5.57 16.87
N THR D 222 -1.56 4.69 17.52
CA THR D 222 -1.14 3.32 17.74
C THR D 222 -2.12 2.46 16.95
N ILE D 223 -1.63 1.28 16.57
CA ILE D 223 -2.42 0.35 15.78
C ILE D 223 -2.16 -1.04 16.32
N THR D 224 -3.24 -1.78 16.53
CA THR D 224 -3.17 -3.12 17.08
C THR D 224 -2.89 -4.17 16.00
N PRO D 225 -2.51 -5.38 16.40
CA PRO D 225 -2.30 -6.39 15.35
C PRO D 225 -3.62 -6.85 14.74
N GLN D 226 -4.69 -6.87 15.54
CA GLN D 226 -6.00 -7.38 15.05
C GLN D 226 -6.61 -6.46 14.03
N HIS D 227 -6.39 -5.15 14.21
CA HIS D 227 -6.96 -4.19 13.26
C HIS D 227 -6.20 -4.22 11.91
N LEU D 228 -4.96 -4.71 11.92
CA LEU D 228 -4.21 -4.87 10.67
C LEU D 228 -4.50 -6.21 10.02
N MET D 229 -4.63 -7.24 10.84
CA MET D 229 -4.85 -8.60 10.35
C MET D 229 -6.23 -8.97 9.93
N PHE D 230 -7.21 -8.40 10.61
CA PHE D 230 -8.59 -8.72 10.33
C PHE D 230 -9.51 -7.55 10.05
N ASN D 231 -10.73 -7.90 9.61
CA ASN D 231 -11.81 -6.94 9.41
C ASN D 231 -13.07 -7.57 10.01
N ARG D 232 -14.18 -6.86 9.96
CA ARG D 232 -15.42 -7.37 10.61
C ARG D 232 -15.92 -8.70 10.05
N ASN D 233 -15.62 -9.02 8.78
CA ASN D 233 -16.03 -10.31 8.25
C ASN D 233 -15.39 -11.46 9.01
N ASP D 234 -14.15 -11.26 9.44
CA ASP D 234 -13.43 -12.29 10.17
C ASP D 234 -14.06 -12.60 11.53
N MET D 235 -14.78 -11.63 12.08
CA MET D 235 -15.45 -11.81 13.34
C MET D 235 -16.89 -12.33 13.19
N LEU D 236 -17.52 -12.09 12.03
CA LEU D 236 -18.94 -12.40 11.85
C LEU D 236 -19.35 -13.37 10.74
N VAL D 237 -18.47 -13.66 9.78
CA VAL D 237 -18.82 -14.58 8.68
C VAL D 237 -18.58 -16.04 9.08
N GLY D 238 -19.56 -16.91 8.81
CA GLY D 238 -19.46 -18.33 9.11
C GLY D 238 -19.31 -18.68 10.59
N GLY D 239 -19.77 -17.78 11.44
CA GLY D 239 -19.73 -17.94 12.89
C GLY D 239 -19.41 -16.62 13.55
N ILE D 240 -19.72 -16.50 14.86
CA ILE D 240 -19.42 -15.29 15.61
C ILE D 240 -18.22 -15.59 16.54
N ARG D 241 -17.19 -14.74 16.47
CA ARG D 241 -15.93 -14.98 17.20
C ARG D 241 -15.63 -13.94 18.25
N PRO D 242 -16.04 -14.22 19.49
CA PRO D 242 -15.86 -13.23 20.53
C PRO D 242 -14.42 -12.92 20.87
N HIS D 243 -13.47 -13.80 20.51
CA HIS D 243 -12.05 -13.48 20.81
C HIS D 243 -11.51 -12.40 19.86
N LEU D 244 -12.28 -12.09 18.81
CA LEU D 244 -11.92 -11.01 17.90
C LEU D 244 -12.73 -9.76 18.23
N TYR D 245 -13.61 -9.85 19.23
CA TYR D 245 -14.42 -8.71 19.64
C TYR D 245 -13.63 -7.85 20.61
N CYS D 246 -13.45 -6.61 20.19
CA CYS D 246 -12.71 -5.63 20.94
C CYS D 246 -13.21 -4.27 20.48
N LEU D 247 -12.85 -3.23 21.23
CA LEU D 247 -13.20 -1.87 20.89
C LEU D 247 -11.93 -1.10 20.55
N PRO D 248 -11.98 -0.22 19.55
CA PRO D 248 -13.11 0.08 18.70
C PRO D 248 -13.32 -1.18 17.84
N ILE D 249 -14.54 -1.43 17.43
CA ILE D 249 -14.87 -2.66 16.73
C ILE D 249 -14.17 -2.78 15.40
N LEU D 250 -13.90 -4.02 15.00
CA LEU D 250 -13.31 -4.28 13.68
C LEU D 250 -14.26 -3.69 12.64
N LYS D 251 -13.68 -3.03 11.64
CA LYS D 251 -14.43 -2.35 10.60
C LYS D 251 -14.40 -3.09 9.27
N ARG D 252 -15.03 -2.49 8.27
CA ARG D 252 -15.08 -3.00 6.92
C ARG D 252 -13.65 -3.19 6.34
N ASN D 253 -13.52 -4.09 5.37
CA ASN D 253 -12.24 -4.37 4.77
C ASN D 253 -11.47 -3.14 4.26
N ILE D 254 -12.19 -2.17 3.72
CA ILE D 254 -11.56 -0.97 3.22
C ILE D 254 -10.79 -0.18 4.29
N HIS D 255 -11.30 -0.20 5.53
CA HIS D 255 -10.65 0.45 6.64
C HIS D 255 -9.38 -0.32 7.00
N GLN D 256 -9.49 -1.64 7.07
CA GLN D 256 -8.32 -2.50 7.37
C GLN D 256 -7.23 -2.24 6.32
N GLN D 257 -7.64 -2.12 5.06
N GLN D 257 -7.66 -2.11 5.06
CA GLN D 257 -6.70 -1.87 3.98
CA GLN D 257 -6.75 -1.85 3.96
C GLN D 257 -6.00 -0.50 4.15
C GLN D 257 -6.02 -0.51 4.14
N ALA D 258 -6.75 0.50 4.61
CA ALA D 258 -6.17 1.84 4.84
C ALA D 258 -5.11 1.77 5.95
N LEU D 259 -5.39 0.98 6.99
CA LEU D 259 -4.44 0.80 8.11
C LEU D 259 -3.16 0.10 7.66
N ARG D 260 -3.31 -0.95 6.86
CA ARG D 260 -2.16 -1.66 6.35
C ARG D 260 -1.30 -0.78 5.45
N GLU D 261 -1.96 0.04 4.62
CA GLU D 261 -1.24 0.95 3.72
C GLU D 261 -0.51 2.05 4.48
N LEU D 262 -1.10 2.52 5.59
CA LEU D 262 -0.49 3.53 6.43
C LEU D 262 0.84 3.00 7.04
N VAL D 263 0.82 1.82 7.64
CA VAL D 263 2.07 1.30 8.22
C VAL D 263 3.08 0.90 7.13
N ALA D 264 2.58 0.41 5.99
CA ALA D 264 3.45 -0.01 4.88
C ALA D 264 4.17 1.16 4.23
N SER D 265 3.62 2.37 4.41
CA SER D 265 4.21 3.57 3.83
C SER D 265 5.41 4.07 4.63
N GLY D 266 5.63 3.53 5.82
CA GLY D 266 6.71 3.98 6.68
C GLY D 266 6.36 5.23 7.48
N PHE D 267 5.07 5.58 7.50
CA PHE D 267 4.58 6.74 8.23
C PHE D 267 5.21 6.73 9.63
N THR D 268 5.86 7.83 9.97
CA THR D 268 6.65 7.94 11.19
C THR D 268 5.85 8.22 12.47
N ARG D 269 4.59 8.60 12.32
CA ARG D 269 3.76 8.93 13.50
C ARG D 269 2.72 7.84 13.88
N ALA D 270 2.91 6.61 13.40
CA ALA D 270 2.09 5.45 13.80
C ALA D 270 3.07 4.45 14.43
N PHE D 271 2.68 3.86 15.55
CA PHE D 271 3.57 2.91 16.21
C PHE D 271 2.82 1.80 16.92
N LEU D 272 3.59 0.85 17.42
CA LEU D 272 3.07 -0.35 18.03
C LEU D 272 2.35 -0.08 19.34
N GLY D 273 1.11 -0.52 19.41
CA GLY D 273 0.29 -0.43 20.64
C GLY D 273 -0.61 -1.65 20.53
N THR D 274 -0.37 -2.67 21.32
CA THR D 274 -1.19 -3.89 21.11
C THR D 274 -2.64 -3.81 21.54
N ASP D 275 -2.89 -3.00 22.56
CA ASP D 275 -4.15 -2.93 23.24
C ASP D 275 -4.47 -4.35 23.75
N SER D 276 -3.46 -5.08 24.22
CA SER D 276 -3.69 -6.39 24.78
C SER D 276 -4.64 -6.16 25.96
N ALA D 277 -5.80 -6.83 25.93
CA ALA D 277 -6.85 -6.56 26.91
C ALA D 277 -7.45 -7.89 27.35
N PRO D 278 -6.77 -8.59 28.24
CA PRO D 278 -7.26 -9.92 28.59
C PRO D 278 -8.49 -10.00 29.47
N HIS D 279 -9.28 -11.04 29.17
CA HIS D 279 -10.47 -11.40 29.90
C HIS D 279 -10.48 -12.91 29.99
N SER D 280 -10.98 -13.42 31.10
CA SER D 280 -11.06 -14.88 31.29
C SER D 280 -11.97 -15.52 30.23
N ARG D 281 -11.77 -16.80 29.99
CA ARG D 281 -12.60 -17.50 29.00
C ARG D 281 -14.07 -17.36 29.38
N HIS D 282 -14.38 -17.48 30.68
CA HIS D 282 -15.77 -17.37 31.14
C HIS D 282 -16.43 -16.03 30.83
N ARG D 283 -15.63 -14.97 30.75
CA ARG D 283 -16.13 -13.64 30.44
C ARG D 283 -16.16 -13.35 28.95
N LYS D 284 -15.57 -14.22 28.14
CA LYS D 284 -15.58 -14.03 26.68
C LYS D 284 -16.60 -14.91 25.96
N GLU D 285 -16.64 -16.18 26.36
CA GLU D 285 -17.53 -17.17 25.77
C GLU D 285 -18.69 -17.31 26.72
N THR D 286 -19.70 -16.46 26.50
CA THR D 286 -20.83 -16.38 27.38
C THR D 286 -21.91 -15.56 26.63
N SER D 287 -23.05 -15.31 27.29
CA SER D 287 -24.17 -14.56 26.65
C SER D 287 -23.84 -13.13 26.31
N CYS D 288 -23.00 -12.51 27.13
CA CYS D 288 -22.57 -11.14 26.88
C CYS D 288 -21.07 -11.07 27.10
N GLY D 289 -20.33 -11.30 26.02
CA GLY D 289 -18.89 -11.32 26.09
C GLY D 289 -18.22 -9.97 26.16
N CYS D 290 -17.18 -9.89 26.96
CA CYS D 290 -16.40 -8.67 27.12
C CYS D 290 -15.56 -8.39 25.91
N ALA D 291 -15.30 -7.10 25.68
CA ALA D 291 -14.48 -6.63 24.61
C ALA D 291 -13.00 -6.66 25.00
N GLY D 292 -12.16 -7.16 24.10
CA GLY D 292 -10.71 -7.21 24.32
C GLY D 292 -10.04 -8.49 23.85
N CYS D 293 -8.93 -8.32 23.10
CA CYS D 293 -8.17 -9.43 22.60
C CYS D 293 -6.91 -9.55 23.45
N PHE D 294 -6.61 -10.74 23.96
CA PHE D 294 -5.37 -10.96 24.71
C PHE D 294 -4.30 -11.31 23.67
N ASN D 295 -3.67 -10.29 23.10
CA ASN D 295 -2.71 -10.48 22.01
C ASN D 295 -1.24 -10.34 22.40
N ALA D 296 -0.94 -10.02 23.64
CA ALA D 296 0.46 -9.89 24.04
C ALA D 296 1.31 -11.13 23.62
N PRO D 297 0.78 -12.36 23.80
CA PRO D 297 1.62 -13.51 23.45
C PRO D 297 1.97 -13.68 21.98
N SER D 298 1.16 -13.13 21.08
CA SER D 298 1.33 -13.31 19.64
C SER D 298 1.42 -12.04 18.79
N ALA D 299 1.37 -10.89 19.42
CA ALA D 299 1.36 -9.62 18.70
C ALA D 299 2.56 -9.28 17.82
N LEU D 300 3.77 -9.41 18.34
CA LEU D 300 4.97 -9.01 17.59
C LEU D 300 5.11 -9.82 16.31
N GLY D 301 4.94 -11.13 16.40
CA GLY D 301 5.01 -11.99 15.23
C GLY D 301 3.90 -11.68 14.23
N SER D 302 2.76 -11.27 14.75
CA SER D 302 1.60 -10.90 13.92
C SER D 302 1.90 -9.64 13.13
N TYR D 303 2.48 -8.64 13.78
CA TYR D 303 2.87 -7.43 13.06
C TYR D 303 3.89 -7.74 11.97
N ALA D 304 4.89 -8.56 12.29
CA ALA D 304 5.93 -8.96 11.33
C ALA D 304 5.30 -9.56 10.07
N ALA D 305 4.26 -10.38 10.24
CA ALA D 305 3.58 -11.03 9.12
C ALA D 305 2.86 -10.02 8.24
N VAL D 306 2.22 -9.05 8.90
CA VAL D 306 1.51 -7.98 8.19
C VAL D 306 2.51 -7.16 7.38
N PHE D 307 3.61 -6.74 8.00
CA PHE D 307 4.62 -5.98 7.26
C PHE D 307 5.19 -6.78 6.11
N GLU D 308 5.37 -8.08 6.31
CA GLU D 308 5.88 -8.96 5.24
C GLU D 308 4.90 -9.03 4.06
N GLU D 309 3.62 -9.17 4.38
CA GLU D 309 2.55 -9.23 3.38
C GLU D 309 2.46 -7.95 2.54
N MET D 310 2.78 -6.83 3.18
CA MET D 310 2.77 -5.52 2.55
C MET D 310 4.12 -5.17 1.90
N ASN D 311 5.06 -6.12 1.86
CA ASN D 311 6.39 -5.88 1.26
C ASN D 311 7.00 -4.65 1.91
N ALA D 312 6.77 -4.54 3.21
CA ALA D 312 7.20 -3.39 3.99
C ALA D 312 8.07 -3.75 5.20
N LEU D 313 8.81 -4.86 5.13
CA LEU D 313 9.67 -5.22 6.29
C LEU D 313 10.73 -4.16 6.63
N ALA D 314 11.18 -3.37 5.66
CA ALA D 314 12.16 -2.31 5.97
C ALA D 314 11.61 -1.27 6.99
N HIS D 315 10.29 -1.18 7.11
CA HIS D 315 9.68 -0.23 8.04
C HIS D 315 9.25 -0.86 9.36
N PHE D 316 9.38 -2.18 9.46
CA PHE D 316 8.95 -2.90 10.67
C PHE D 316 9.62 -2.39 11.96
N GLU D 317 10.94 -2.20 11.92
CA GLU D 317 11.67 -1.73 13.10
C GLU D 317 11.20 -0.38 13.61
N ALA D 318 11.03 0.57 12.70
CA ALA D 318 10.60 1.90 13.09
C ALA D 318 9.27 1.84 13.82
N PHE D 319 8.33 1.09 13.25
CA PHE D 319 7.01 0.93 13.86
C PHE D 319 7.07 0.39 15.29
N CYS D 320 7.86 -0.67 15.46
CA CYS D 320 7.99 -1.34 16.76
C CYS D 320 8.90 -0.73 17.78
N SER D 321 9.96 -0.04 17.34
CA SER D 321 11.02 0.36 18.24
C SER D 321 11.56 1.79 18.17
N LEU D 322 11.12 2.61 17.22
CA LEU D 322 11.70 3.96 17.06
C LEU D 322 10.70 5.10 17.05
N ASN D 323 9.59 4.91 16.33
CA ASN D 323 8.55 5.96 16.19
C ASN D 323 7.93 6.39 17.52
N GLY D 324 7.63 5.40 18.37
CA GLY D 324 7.04 5.69 19.68
C GLY D 324 7.98 6.47 20.56
N PRO D 325 9.23 5.96 20.73
CA PRO D 325 10.18 6.68 21.53
C PRO D 325 10.37 8.13 21.02
N GLN D 326 10.42 8.29 19.71
CA GLN D 326 10.59 9.63 19.13
C GLN D 326 9.43 10.56 19.48
N PHE D 327 8.21 10.07 19.35
CA PHE D 327 7.04 10.88 19.63
C PHE D 327 6.99 11.24 21.13
N TYR D 328 7.31 10.28 21.99
CA TYR D 328 7.28 10.50 23.45
C TYR D 328 8.50 11.20 23.97
N GLY D 329 9.52 11.35 23.13
CA GLY D 329 10.74 12.03 23.55
C GLY D 329 11.60 11.15 24.44
N LEU D 330 11.50 9.84 24.27
CA LEU D 330 12.27 8.89 25.06
C LEU D 330 13.33 8.24 24.21
N PRO D 331 14.39 7.72 24.85
CA PRO D 331 15.44 7.07 24.09
C PRO D 331 14.98 5.73 23.53
N MET D 332 15.62 5.27 22.45
CA MET D 332 15.29 3.96 21.94
C MET D 332 15.96 2.97 22.88
N ASN D 333 15.47 1.73 22.92
CA ASN D 333 16.06 0.69 23.79
C ASN D 333 17.46 0.29 23.31
N THR D 334 18.28 -0.23 24.21
CA THR D 334 19.67 -0.62 23.88
C THR D 334 19.91 -2.04 23.34
N GLY D 335 19.02 -2.96 23.67
CA GLY D 335 19.14 -4.35 23.24
C GLY D 335 18.38 -4.67 21.97
N TRP D 336 18.34 -5.97 21.65
CA TRP D 336 17.72 -6.46 20.44
C TRP D 336 16.81 -7.65 20.64
N VAL D 337 15.89 -7.81 19.69
CA VAL D 337 14.98 -8.94 19.62
C VAL D 337 15.12 -9.51 18.20
N GLU D 338 15.14 -10.83 18.09
CA GLU D 338 15.24 -11.46 16.78
C GLU D 338 14.03 -12.33 16.53
N LEU D 339 13.37 -12.08 15.40
CA LEU D 339 12.24 -12.86 14.97
C LEU D 339 12.72 -13.79 13.86
N VAL D 340 12.23 -15.02 13.87
CA VAL D 340 12.63 -15.99 12.87
C VAL D 340 11.41 -16.64 12.24
N ARG D 341 11.54 -17.00 10.96
CA ARG D 341 10.48 -17.67 10.19
C ARG D 341 10.14 -19.06 10.72
N ASP D 342 10.39 -19.33 12.00
CA ASP D 342 10.08 -20.63 12.58
C ASP D 342 8.60 -20.63 12.89
N GLU D 343 7.84 -21.45 12.15
CA GLU D 343 6.40 -21.52 12.34
C GLU D 343 6.00 -22.32 13.58
N GLN D 344 5.61 -21.60 14.62
CA GLN D 344 5.21 -22.19 15.89
C GLN D 344 3.70 -22.03 16.12
N GLN D 345 3.16 -22.76 17.08
CA GLN D 345 1.74 -22.68 17.39
C GLN D 345 1.48 -21.89 18.64
N ILE D 346 0.39 -21.12 18.60
CA ILE D 346 -0.03 -20.33 19.76
C ILE D 346 -0.82 -21.28 20.66
N PRO D 347 -0.57 -21.23 21.97
CA PRO D 347 -1.31 -22.13 22.86
C PRO D 347 -2.82 -21.92 22.79
N GLY D 348 -3.58 -22.97 23.11
CA GLY D 348 -5.03 -22.90 23.11
C GLY D 348 -5.51 -22.07 24.27
N ASN D 349 -4.77 -22.14 25.37
CA ASN D 349 -5.08 -21.35 26.54
C ASN D 349 -3.87 -21.12 27.41
N ILE D 350 -4.04 -20.20 28.34
CA ILE D 350 -3.03 -19.81 29.26
C ILE D 350 -3.73 -19.85 30.60
N ALA D 351 -3.18 -20.69 31.47
CA ALA D 351 -3.75 -20.93 32.77
C ALA D 351 -3.71 -19.76 33.74
N LEU D 352 -4.81 -19.58 34.44
CA LEU D 352 -4.95 -18.60 35.53
C LEU D 352 -5.25 -19.47 36.72
N ALA D 353 -5.49 -18.86 37.88
CA ALA D 353 -5.81 -19.62 39.07
C ALA D 353 -7.14 -20.39 38.95
N ASP D 354 -8.24 -19.67 38.69
CA ASP D 354 -9.58 -20.30 38.60
C ASP D 354 -10.15 -20.51 37.21
N ASP D 355 -9.66 -19.79 36.22
CA ASP D 355 -10.17 -19.99 34.88
C ASP D 355 -8.97 -19.97 33.94
N SER D 356 -9.15 -19.45 32.74
CA SER D 356 -8.07 -19.39 31.77
C SER D 356 -8.26 -18.25 30.81
N LEU D 357 -7.17 -17.94 30.10
CA LEU D 357 -7.13 -16.92 29.10
C LEU D 357 -6.91 -17.58 27.75
N VAL D 358 -7.66 -17.10 26.76
CA VAL D 358 -7.52 -17.60 25.40
C VAL D 358 -6.73 -16.55 24.62
N PRO D 359 -5.50 -16.87 24.23
CA PRO D 359 -4.75 -15.86 23.48
C PRO D 359 -5.25 -15.60 22.07
N PHE D 360 -4.84 -14.45 21.56
CA PHE D 360 -5.09 -14.03 20.20
C PHE D 360 -4.42 -15.08 19.31
N LEU D 361 -5.17 -15.56 18.32
CA LEU D 361 -4.73 -16.60 17.37
C LEU D 361 -4.49 -17.97 18.04
N ALA D 362 -5.14 -18.19 19.19
CA ALA D 362 -5.04 -19.48 19.93
C ALA D 362 -5.14 -20.66 18.98
N GLY D 363 -4.21 -21.61 19.13
CA GLY D 363 -4.20 -22.83 18.31
C GLY D 363 -3.73 -22.67 16.88
N GLU D 364 -3.41 -21.45 16.45
CA GLU D 364 -2.96 -21.29 15.06
C GLU D 364 -1.45 -21.35 14.93
N THR D 365 -1.00 -21.71 13.73
CA THR D 365 0.41 -21.77 13.38
C THR D 365 0.74 -20.37 12.86
N VAL D 366 1.79 -19.76 13.40
CA VAL D 366 2.20 -18.42 12.99
C VAL D 366 3.53 -18.49 12.24
N ARG D 367 3.71 -17.60 11.28
N ARG D 367 3.70 -17.58 11.30
CA ARG D 367 4.94 -17.58 10.46
CA ARG D 367 4.88 -17.52 10.45
C ARG D 367 6.19 -17.12 11.19
C ARG D 367 6.17 -17.07 11.15
N TRP D 368 6.04 -16.08 12.02
CA TRP D 368 7.18 -15.50 12.75
C TRP D 368 7.12 -15.66 14.26
N SER D 369 8.26 -16.00 14.86
CA SER D 369 8.36 -16.16 16.31
C SER D 369 9.67 -15.57 16.81
N VAL D 370 9.67 -15.17 18.07
CA VAL D 370 10.83 -14.59 18.71
C VAL D 370 11.86 -15.67 19.03
N LYS D 371 13.13 -15.36 18.80
CA LYS D 371 14.23 -16.29 19.05
C LYS D 371 15.04 -15.87 20.27
ZN ZN E . 30.70 -4.03 -6.07
ZN ZN F . 29.48 -1.49 -4.23
CL CL G . 24.86 20.45 -7.12
C1 BME H . 16.71 -2.69 -11.84
C2 BME H . 15.33 -3.30 -11.70
O1 BME H . 17.29 -2.46 -10.55
S2 BME H . 14.09 -2.03 -11.30
C1 BME I . 18.99 -7.84 -10.42
C2 BME I . 19.85 -6.61 -10.67
O1 BME I . 19.14 -8.75 -11.52
S2 BME I . 18.82 -5.25 -11.30
C1 PGE J . 49.23 -5.60 7.19
O1 PGE J . 48.42 -6.17 8.22
C2 PGE J . 49.73 -4.21 7.55
O2 PGE J . 49.45 -3.29 6.48
C3 PGE J . 48.28 -2.50 6.69
C4 PGE J . 48.62 -1.26 7.47
O4 PGE J . 49.29 -0.55 11.01
C6 PGE J . 47.97 -0.10 10.72
C5 PGE J . 47.81 0.12 9.24
O3 PGE J . 47.71 -1.12 8.57
C ACY K . 26.36 -5.43 -8.66
O ACY K . 25.61 -5.52 -9.65
OXT ACY K . 26.65 -6.40 -7.91
CH3 ACY K . 27.00 -4.11 -8.34
ZN ZN L . 9.56 19.43 -27.10
ZN ZN M . 12.49 20.66 -25.75
C1 BME N . 20.11 8.38 -28.48
C2 BME N . 21.06 7.86 -29.57
O1 BME N . 20.16 9.81 -28.47
S2 BME N . 22.77 7.80 -28.96
C1 BME O . 15.76 10.02 -32.43
C2 BME O . 16.35 10.64 -31.16
O1 BME O . 14.41 10.49 -32.57
S2 BME O . 17.37 9.42 -30.29
O1 PG4 P . -2.66 39.45 -29.26
C1 PG4 P . -3.24 39.66 -27.95
C2 PG4 P . -2.43 38.91 -26.92
O2 PG4 P . -2.97 39.14 -25.61
C3 PG4 P . -2.24 38.46 -24.59
C4 PG4 P . -0.81 38.98 -24.56
O3 PG4 P . -0.20 38.77 -23.30
C5 PG4 P . 1.03 39.49 -23.21
C6 PG4 P . 0.82 40.77 -22.43
O4 PG4 P . 1.85 41.69 -22.75
C7 PG4 P . 1.56 43.03 -22.32
C8 PG4 P . 1.29 43.91 -23.54
O5 PG4 P . -0.11 44.13 -23.68
C ACY Q . 12.58 14.79 -29.39
O ACY Q . 12.46 13.61 -28.96
OXT ACY Q . 11.62 15.53 -29.75
CH3 ACY Q . 13.96 15.34 -29.44
C ACY R . 13.90 18.51 -27.73
O ACY R . 14.01 17.56 -26.91
OXT ACY R . 13.47 19.64 -27.44
CH3 ACY R . 14.29 18.26 -29.16
ZN ZN S . -33.78 -20.36 8.11
ZN ZN T . -32.02 -18.46 5.91
CL CL U . -21.90 1.81 5.75
C1 BME V . -19.75 -21.72 13.82
C2 BME V . -18.53 -22.65 13.81
O1 BME V . -20.19 -21.49 12.47
S2 BME V . -17.06 -21.74 13.25
C1 BME W . -23.26 -26.26 12.85
C2 BME W . -23.71 -24.80 12.90
O1 BME W . -23.26 -26.81 14.16
S2 BME W . -22.47 -23.81 13.78
C1 PGE X . -50.46 -14.02 -9.45
O1 PGE X . -51.27 -15.15 -9.77
C2 PGE X . -49.54 -14.33 -8.26
O2 PGE X . -50.13 -15.30 -7.38
C3 PGE X . -49.99 -14.97 -6.01
C4 PGE X . -50.33 -16.15 -5.12
O4 PGE X . -52.59 -20.29 -5.71
C6 PGE X . -52.78 -18.87 -5.56
C5 PGE X . -51.45 -18.20 -5.35
O3 PGE X . -51.53 -16.79 -5.53
C ACY Y . -29.89 -22.41 10.98
O ACY Y . -30.36 -23.33 10.29
OXT ACY Y . -29.16 -22.59 11.99
CH3 ACY Y . -30.22 -20.99 10.59
ZN ZN Z . -6.91 -0.03 25.72
ZN ZN AA . -9.45 1.70 24.21
C1 BME BA . -19.96 -7.70 28.62
C2 BME BA . -21.04 -7.79 29.72
O1 BME BA . -19.58 -6.34 28.39
S2 BME BA . -22.71 -7.54 29.04
C1 BME CA . -15.08 -6.02 31.76
C2 BME CA . -16.26 -5.66 30.88
O1 BME CA . -14.11 -4.96 31.69
S2 BME CA . -17.02 -7.17 30.22
O1 PG4 DA . 6.83 19.47 18.55
C1 PG4 DA . 6.11 18.33 18.06
C2 PG4 DA . 6.09 17.22 19.10
O2 PG4 DA . 7.06 16.24 18.73
C3 PG4 DA . 7.56 15.47 19.82
C4 PG4 DA . 8.97 14.98 19.53
O3 PG4 DA . 9.56 14.56 20.76
C5 PG4 DA . 10.21 15.60 21.50
C6 PG4 DA . 9.99 15.37 23.00
O4 PG4 DA . 9.49 16.55 23.61
C7 PG4 DA . 9.28 16.43 25.03
C8 PG4 DA . 8.34 17.54 25.48
O5 PG4 DA . 7.68 17.17 26.70
C ACY EA . -10.96 -3.56 29.19
O ACY EA . -11.22 -4.57 28.47
OXT ACY EA . -9.91 -2.88 29.08
CH3 ACY EA . -11.97 -3.18 30.24
C ACY FA . -11.20 0.23 26.38
O ACY FA . -10.77 1.30 25.91
OXT ACY FA . -11.72 -0.67 25.69
CH3 ACY FA . -11.11 0.01 27.86
#